data_2RB0
# 
_entry.id   2RB0 
# 
_audit_conform.dict_name       mmcif_pdbx.dic 
_audit_conform.dict_version    5.377 
_audit_conform.dict_location   http://mmcif.pdb.org/dictionaries/ascii/mmcif_pdbx.dic 
# 
loop_
_database_2.database_id 
_database_2.database_code 
_database_2.pdbx_database_accession 
_database_2.pdbx_DOI 
PDB   2RB0         pdb_00002rb0 10.2210/pdb2rb0/pdb 
RCSB  RCSB044642   ?            ?                   
WWPDB D_1000044642 ?            ?                   
# 
loop_
_pdbx_database_related.db_name 
_pdbx_database_related.db_id 
_pdbx_database_related.details 
_pdbx_database_related.content_type 
PDB 181L . unspecified 
PDB 1LGU . unspecified 
PDB 2RAY . unspecified 
PDB 2RAZ . unspecified 
PDB 2RB1 . unspecified 
PDB 2RB2 . unspecified 
PDB 2RBN . unspecified 
PDB 2RBO . unspecified 
PDB 2RBP . unspecified 
PDB 2RBQ . unspecified 
PDB 2RBR . unspecified 
PDB 2RAS . unspecified 
# 
_pdbx_database_status.entry_id                        2RB0 
_pdbx_database_status.status_code                     REL 
_pdbx_database_status.status_code_sf                  REL 
_pdbx_database_status.deposit_site                    RCSB 
_pdbx_database_status.process_site                    RCSB 
_pdbx_database_status.recvd_initial_deposition_date   2007-09-17 
_pdbx_database_status.SG_entry                        N 
_pdbx_database_status.status_code_mr                  ? 
_pdbx_database_status.pdb_format_compatible           Y 
_pdbx_database_status.status_code_cs                  ? 
_pdbx_database_status.methods_development_category    ? 
_pdbx_database_status.status_code_nmr_data            ? 
# 
loop_
_audit_author.name 
_audit_author.pdbx_ordinal 
'Graves, A.P.'   1 
'Boyce, S.E.'    2 
'Shoichet, B.K.' 3 
# 
_citation.id                        primary 
_citation.title                     'Rescoring docking hit lists for model cavity sites: predictions and experimental testing.' 
_citation.journal_abbrev            J.Mol.Biol. 
_citation.journal_volume            377 
_citation.page_first                914 
_citation.page_last                 934 
_citation.year                      2008 
_citation.journal_id_ASTM           JMOBAK 
_citation.country                   UK 
_citation.journal_id_ISSN           0022-2836 
_citation.journal_id_CSD            0070 
_citation.book_publisher            ? 
_citation.pdbx_database_id_PubMed   18280498 
_citation.pdbx_database_id_DOI      10.1016/j.jmb.2008.01.049 
# 
loop_
_citation_author.citation_id 
_citation_author.name 
_citation_author.ordinal 
_citation_author.identifier_ORCID 
primary 'Graves, A.P.'     1 ? 
primary 'Shivakumar, D.M.' 2 ? 
primary 'Boyce, S.E.'      3 ? 
primary 'Jacobson, M.P.'   4 ? 
primary 'Case, D.A.'       5 ? 
primary 'Shoichet, B.K.'   6 ? 
# 
_cell.entry_id           2RB0 
_cell.length_a           60.287 
_cell.length_b           60.287 
_cell.length_c           96.861 
_cell.angle_alpha        90.00 
_cell.angle_beta         90.00 
_cell.angle_gamma        120.00 
_cell.Z_PDB              6 
_cell.pdbx_unique_axis   ? 
_cell.length_a_esd       ? 
_cell.length_b_esd       ? 
_cell.length_c_esd       ? 
_cell.angle_alpha_esd    ? 
_cell.angle_beta_esd     ? 
_cell.angle_gamma_esd    ? 
# 
_symmetry.entry_id                         2RB0 
_symmetry.space_group_name_H-M             'P 32 2 1' 
_symmetry.pdbx_full_space_group_name_H-M   ? 
_symmetry.cell_setting                     ? 
_symmetry.Int_Tables_number                154 
_symmetry.space_group_name_Hall            ? 
# 
loop_
_entity.id 
_entity.type 
_entity.src_method 
_entity.pdbx_description 
_entity.formula_weight 
_entity.pdbx_number_of_molecules 
_entity.pdbx_ec 
_entity.pdbx_mutation 
_entity.pdbx_fragment 
_entity.details 
1 polymer     man Lysozyme                              18359.023 1   3.2.1.17 L99A ? ? 
2 non-polymer syn 'PHOSPHATE ION'                       94.971    2   ?        ?    ? ? 
3 non-polymer syn '2-(bromomethyl)-1,3-difluorobenzene' 207.015   1   ?        ?    ? ? 
4 water       nat water                                 18.015    191 ?        ?    ? ? 
# 
_entity_name_com.entity_id   1 
_entity_name_com.name        'Lysis protein; Muramidase; Endolysin' 
# 
_entity_name_sys.entity_id   1 
_entity_name_sys.name        E.C.3.2.1.17 
# 
_entity_poly.entity_id                      1 
_entity_poly.type                           'polypeptide(L)' 
_entity_poly.nstd_linkage                   no 
_entity_poly.nstd_monomer                   no 
_entity_poly.pdbx_seq_one_letter_code       
;MNIFEMLRIDEGLRLKIYKDTEGYYTIGIGHLLTKSPSLNAAKSELDKAIGRNTNGVITKDEAEKLFNQDVDAAVRGILR
NAKLKPVYDSLDAVRRAAAINMVFQMGETGVAGFTNSLRMLQQKRWDEAAVNLAKSRWYNQTPNRAKRVITTFRTGTWDA
YK
;
_entity_poly.pdbx_seq_one_letter_code_can   
;MNIFEMLRIDEGLRLKIYKDTEGYYTIGIGHLLTKSPSLNAAKSELDKAIGRNTNGVITKDEAEKLFNQDVDAAVRGILR
NAKLKPVYDSLDAVRRAAAINMVFQMGETGVAGFTNSLRMLQQKRWDEAAVNLAKSRWYNQTPNRAKRVITTFRTGTWDA
YK
;
_entity_poly.pdbx_strand_id                 X 
_entity_poly.pdbx_target_identifier         ? 
# 
loop_
_entity_poly_seq.entity_id 
_entity_poly_seq.num 
_entity_poly_seq.mon_id 
_entity_poly_seq.hetero 
1 1   MET n 
1 2   ASN n 
1 3   ILE n 
1 4   PHE n 
1 5   GLU n 
1 6   MET n 
1 7   LEU n 
1 8   ARG n 
1 9   ILE n 
1 10  ASP n 
1 11  GLU n 
1 12  GLY n 
1 13  LEU n 
1 14  ARG n 
1 15  LEU n 
1 16  LYS n 
1 17  ILE n 
1 18  TYR n 
1 19  LYS n 
1 20  ASP n 
1 21  THR n 
1 22  GLU n 
1 23  GLY n 
1 24  TYR n 
1 25  TYR n 
1 26  THR n 
1 27  ILE n 
1 28  GLY n 
1 29  ILE n 
1 30  GLY n 
1 31  HIS n 
1 32  LEU n 
1 33  LEU n 
1 34  THR n 
1 35  LYS n 
1 36  SER n 
1 37  PRO n 
1 38  SER n 
1 39  LEU n 
1 40  ASN n 
1 41  ALA n 
1 42  ALA n 
1 43  LYS n 
1 44  SER n 
1 45  GLU n 
1 46  LEU n 
1 47  ASP n 
1 48  LYS n 
1 49  ALA n 
1 50  ILE n 
1 51  GLY n 
1 52  ARG n 
1 53  ASN n 
1 54  THR n 
1 55  ASN n 
1 56  GLY n 
1 57  VAL n 
1 58  ILE n 
1 59  THR n 
1 60  LYS n 
1 61  ASP n 
1 62  GLU n 
1 63  ALA n 
1 64  GLU n 
1 65  LYS n 
1 66  LEU n 
1 67  PHE n 
1 68  ASN n 
1 69  GLN n 
1 70  ASP n 
1 71  VAL n 
1 72  ASP n 
1 73  ALA n 
1 74  ALA n 
1 75  VAL n 
1 76  ARG n 
1 77  GLY n 
1 78  ILE n 
1 79  LEU n 
1 80  ARG n 
1 81  ASN n 
1 82  ALA n 
1 83  LYS n 
1 84  LEU n 
1 85  LYS n 
1 86  PRO n 
1 87  VAL n 
1 88  TYR n 
1 89  ASP n 
1 90  SER n 
1 91  LEU n 
1 92  ASP n 
1 93  ALA n 
1 94  VAL n 
1 95  ARG n 
1 96  ARG n 
1 97  ALA n 
1 98  ALA n 
1 99  ALA n 
1 100 ILE n 
1 101 ASN n 
1 102 MET n 
1 103 VAL n 
1 104 PHE n 
1 105 GLN n 
1 106 MET n 
1 107 GLY n 
1 108 GLU n 
1 109 THR n 
1 110 GLY n 
1 111 VAL n 
1 112 ALA n 
1 113 GLY n 
1 114 PHE n 
1 115 THR n 
1 116 ASN n 
1 117 SER n 
1 118 LEU n 
1 119 ARG n 
1 120 MET n 
1 121 LEU n 
1 122 GLN n 
1 123 GLN n 
1 124 LYS n 
1 125 ARG n 
1 126 TRP n 
1 127 ASP n 
1 128 GLU n 
1 129 ALA n 
1 130 ALA n 
1 131 VAL n 
1 132 ASN n 
1 133 LEU n 
1 134 ALA n 
1 135 LYS n 
1 136 SER n 
1 137 ARG n 
1 138 TRP n 
1 139 TYR n 
1 140 ASN n 
1 141 GLN n 
1 142 THR n 
1 143 PRO n 
1 144 ASN n 
1 145 ARG n 
1 146 ALA n 
1 147 LYS n 
1 148 ARG n 
1 149 VAL n 
1 150 ILE n 
1 151 THR n 
1 152 THR n 
1 153 PHE n 
1 154 ARG n 
1 155 THR n 
1 156 GLY n 
1 157 THR n 
1 158 TRP n 
1 159 ASP n 
1 160 ALA n 
1 161 TYR n 
1 162 LYS n 
# 
_entity_src_gen.entity_id                          1 
_entity_src_gen.pdbx_src_id                        1 
_entity_src_gen.pdbx_alt_source_flag               sample 
_entity_src_gen.pdbx_seq_type                      ? 
_entity_src_gen.pdbx_beg_seq_num                   ? 
_entity_src_gen.pdbx_end_seq_num                   ? 
_entity_src_gen.gene_src_common_name               ? 
_entity_src_gen.gene_src_genus                     'T4-like viruses' 
_entity_src_gen.pdbx_gene_src_gene                 E 
_entity_src_gen.gene_src_species                   'Enterobacteria phage T4 sensu lato' 
_entity_src_gen.gene_src_strain                    ? 
_entity_src_gen.gene_src_tissue                    ? 
_entity_src_gen.gene_src_tissue_fraction           ? 
_entity_src_gen.gene_src_details                   ? 
_entity_src_gen.pdbx_gene_src_fragment             ? 
_entity_src_gen.pdbx_gene_src_scientific_name      'Enterobacteria phage T4' 
_entity_src_gen.pdbx_gene_src_ncbi_taxonomy_id     10665 
_entity_src_gen.pdbx_gene_src_variant              ? 
_entity_src_gen.pdbx_gene_src_cell_line            ? 
_entity_src_gen.pdbx_gene_src_atcc                 ? 
_entity_src_gen.pdbx_gene_src_organ                ? 
_entity_src_gen.pdbx_gene_src_organelle            ? 
_entity_src_gen.pdbx_gene_src_cell                 ? 
_entity_src_gen.pdbx_gene_src_cellular_location    ? 
_entity_src_gen.host_org_common_name               ? 
_entity_src_gen.pdbx_host_org_scientific_name      'Escherichia coli' 
_entity_src_gen.pdbx_host_org_ncbi_taxonomy_id     562 
_entity_src_gen.host_org_genus                     Escherichia 
_entity_src_gen.pdbx_host_org_gene                 ? 
_entity_src_gen.pdbx_host_org_organ                ? 
_entity_src_gen.host_org_species                   ? 
_entity_src_gen.pdbx_host_org_tissue               ? 
_entity_src_gen.pdbx_host_org_tissue_fraction      ? 
_entity_src_gen.pdbx_host_org_strain               ? 
_entity_src_gen.pdbx_host_org_variant              ? 
_entity_src_gen.pdbx_host_org_cell_line            ? 
_entity_src_gen.pdbx_host_org_atcc                 ? 
_entity_src_gen.pdbx_host_org_culture_collection   ? 
_entity_src_gen.pdbx_host_org_cell                 ? 
_entity_src_gen.pdbx_host_org_organelle            ? 
_entity_src_gen.pdbx_host_org_cellular_location    ? 
_entity_src_gen.pdbx_host_org_vector_type          plasmid 
_entity_src_gen.pdbx_host_org_vector               ? 
_entity_src_gen.host_org_details                   ? 
_entity_src_gen.expression_system_id               ? 
_entity_src_gen.plasmid_name                       M13 
_entity_src_gen.plasmid_details                    ? 
_entity_src_gen.pdbx_description                   ? 
# 
_struct_ref.id                         1 
_struct_ref.entity_id                  1 
_struct_ref.db_name                    UNP 
_struct_ref.db_code                    LYS_BPT4 
_struct_ref.pdbx_db_accession          P00720 
_struct_ref.pdbx_align_begin           1 
_struct_ref.pdbx_seq_one_letter_code   
;MNIFEMLRIDEGLRLKIYKDTEGYYTIGIGHLLTKSPSLNAAKSELDKAIGRNCNGVITKDEAEKLFNQDVDAAVRGILR
NAKLKPVYDSLDAVRRCALINMVFQMGETGVAGFTNSLRMLQQKRWDEAAVNLAKSRWYNQTPNRAKRVITTFRTGTWDA
YK
;
_struct_ref.pdbx_db_isoform            ? 
# 
_struct_ref_seq.align_id                      1 
_struct_ref_seq.ref_id                        1 
_struct_ref_seq.pdbx_PDB_id_code              2RB0 
_struct_ref_seq.pdbx_strand_id                X 
_struct_ref_seq.seq_align_beg                 1 
_struct_ref_seq.pdbx_seq_align_beg_ins_code   ? 
_struct_ref_seq.seq_align_end                 162 
_struct_ref_seq.pdbx_seq_align_end_ins_code   ? 
_struct_ref_seq.pdbx_db_accession             P00720 
_struct_ref_seq.db_align_beg                  1 
_struct_ref_seq.pdbx_db_align_beg_ins_code    ? 
_struct_ref_seq.db_align_end                  162 
_struct_ref_seq.pdbx_db_align_end_ins_code    ? 
_struct_ref_seq.pdbx_auth_seq_align_beg       1 
_struct_ref_seq.pdbx_auth_seq_align_end       162 
# 
loop_
_struct_ref_seq_dif.align_id 
_struct_ref_seq_dif.pdbx_pdb_id_code 
_struct_ref_seq_dif.mon_id 
_struct_ref_seq_dif.pdbx_pdb_strand_id 
_struct_ref_seq_dif.seq_num 
_struct_ref_seq_dif.pdbx_pdb_ins_code 
_struct_ref_seq_dif.pdbx_seq_db_name 
_struct_ref_seq_dif.pdbx_seq_db_accession_code 
_struct_ref_seq_dif.db_mon_id 
_struct_ref_seq_dif.pdbx_seq_db_seq_num 
_struct_ref_seq_dif.details 
_struct_ref_seq_dif.pdbx_auth_seq_num 
_struct_ref_seq_dif.pdbx_ordinal 
1 2RB0 THR X 54 ? UNP P00720 CYS 54 'engineered mutation' 54 1 
1 2RB0 ALA X 97 ? UNP P00720 CYS 97 'engineered mutation' 97 2 
1 2RB0 ALA X 99 ? UNP P00720 LEU 99 'engineered mutation' 99 3 
# 
loop_
_chem_comp.id 
_chem_comp.type 
_chem_comp.mon_nstd_flag 
_chem_comp.name 
_chem_comp.pdbx_synonyms 
_chem_comp.formula 
_chem_comp.formula_weight 
260 non-polymer         . '2-(bromomethyl)-1,3-difluorobenzene' ? 'C7 H5 Br F2'    207.015 
ALA 'L-peptide linking' y ALANINE                               ? 'C3 H7 N O2'     89.093  
ARG 'L-peptide linking' y ARGININE                              ? 'C6 H15 N4 O2 1' 175.209 
ASN 'L-peptide linking' y ASPARAGINE                            ? 'C4 H8 N2 O3'    132.118 
ASP 'L-peptide linking' y 'ASPARTIC ACID'                       ? 'C4 H7 N O4'     133.103 
CYS 'L-peptide linking' y CYSTEINE                              ? 'C3 H7 N O2 S'   121.158 
GLN 'L-peptide linking' y GLUTAMINE                             ? 'C5 H10 N2 O3'   146.144 
GLU 'L-peptide linking' y 'GLUTAMIC ACID'                       ? 'C5 H9 N O4'     147.129 
GLY 'peptide linking'   y GLYCINE                               ? 'C2 H5 N O2'     75.067  
HIS 'L-peptide linking' y HISTIDINE                             ? 'C6 H10 N3 O2 1' 156.162 
HOH non-polymer         . WATER                                 ? 'H2 O'           18.015  
ILE 'L-peptide linking' y ISOLEUCINE                            ? 'C6 H13 N O2'    131.173 
LEU 'L-peptide linking' y LEUCINE                               ? 'C6 H13 N O2'    131.173 
LYS 'L-peptide linking' y LYSINE                                ? 'C6 H15 N2 O2 1' 147.195 
MET 'L-peptide linking' y METHIONINE                            ? 'C5 H11 N O2 S'  149.211 
PHE 'L-peptide linking' y PHENYLALANINE                         ? 'C9 H11 N O2'    165.189 
PO4 non-polymer         . 'PHOSPHATE ION'                       ? 'O4 P -3'        94.971  
PRO 'L-peptide linking' y PROLINE                               ? 'C5 H9 N O2'     115.130 
SER 'L-peptide linking' y SERINE                                ? 'C3 H7 N O3'     105.093 
THR 'L-peptide linking' y THREONINE                             ? 'C4 H9 N O3'     119.119 
TRP 'L-peptide linking' y TRYPTOPHAN                            ? 'C11 H12 N2 O2'  204.225 
TYR 'L-peptide linking' y TYROSINE                              ? 'C9 H11 N O3'    181.189 
VAL 'L-peptide linking' y VALINE                                ? 'C5 H11 N O2'    117.146 
# 
_exptl.crystals_number   1 
_exptl.entry_id          2RB0 
_exptl.method            'X-RAY DIFFRACTION' 
# 
_exptl_crystal.id                    1 
_exptl_crystal.density_meas          ? 
_exptl_crystal.density_Matthews      2.77 
_exptl_crystal.density_percent_sol   55.55 
_exptl_crystal.description           ? 
_exptl_crystal.F_000                 ? 
_exptl_crystal.preparation           ? 
# 
_exptl_crystal_grow.crystal_id      1 
_exptl_crystal_grow.method          'VAPOR DIFFUSION, HANGING DROP' 
_exptl_crystal_grow.pH              7.1 
_exptl_crystal_grow.temp            277 
_exptl_crystal_grow.pdbx_details    
;2.2M sodium-potassium phosphate, 0.05M beta-mercaptoethanol, 0.05M 2-hydroxyethyldisulfide, pH 7.1, vapor diffusion, hanging drop, temperature 277K
;
_exptl_crystal_grow.temp_details    ? 
_exptl_crystal_grow.pdbx_pH_range   . 
# 
_diffrn.id                     1 
_diffrn.ambient_temp           110 
_diffrn.ambient_temp_details   ? 
_diffrn.crystal_id             1 
# 
_diffrn_detector.diffrn_id              1 
_diffrn_detector.detector               'IMAGE PLATE' 
_diffrn_detector.type                   'RIGAKU RAXIS IV' 
_diffrn_detector.pdbx_collection_date   2006-11-16 
_diffrn_detector.details                ? 
# 
_diffrn_radiation.diffrn_id                        1 
_diffrn_radiation.pdbx_diffrn_protocol             'SINGLE WAVELENGTH' 
_diffrn_radiation.monochromator                    ? 
_diffrn_radiation.wavelength_id                    1 
_diffrn_radiation.pdbx_monochromatic_or_laue_m_l   M 
_diffrn_radiation.pdbx_scattering_type             x-ray 
# 
_diffrn_radiation_wavelength.id           1 
_diffrn_radiation_wavelength.wavelength   1.5418 
_diffrn_radiation_wavelength.wt           1.0 
# 
_diffrn_source.diffrn_id                   1 
_diffrn_source.source                      'ROTATING ANODE' 
_diffrn_source.type                        'RIGAKU RU200' 
_diffrn_source.pdbx_wavelength_list        1.5418 
_diffrn_source.pdbx_wavelength             ? 
_diffrn_source.pdbx_synchrotron_site       ? 
_diffrn_source.pdbx_synchrotron_beamline   ? 
# 
_reflns.entry_id                     2RB0 
_reflns.d_resolution_high            1.840 
_reflns.d_resolution_low             52.200 
_reflns.number_obs                   14638 
_reflns.pdbx_Rmerge_I_obs            0.077 
_reflns.pdbx_netI_over_sigmaI        16.300 
_reflns.pdbx_chi_squared             1.002 
_reflns.pdbx_redundancy              3.400 
_reflns.percent_possible_obs         80.000 
_reflns.observed_criterion_sigma_F   0 
_reflns.observed_criterion_sigma_I   0 
_reflns.number_all                   14638 
_reflns.pdbx_Rsym_value              ? 
_reflns.B_iso_Wilson_estimate        ? 
_reflns.R_free_details               ? 
_reflns.limit_h_max                  ? 
_reflns.limit_h_min                  ? 
_reflns.limit_k_max                  ? 
_reflns.limit_k_min                  ? 
_reflns.limit_l_max                  ? 
_reflns.limit_l_min                  ? 
_reflns.observed_criterion_F_max     ? 
_reflns.observed_criterion_F_min     ? 
_reflns.pdbx_scaling_rejects         ? 
_reflns.pdbx_diffrn_id               1 
_reflns.pdbx_ordinal                 1 
# 
_reflns_shell.d_res_high             1.84 
_reflns_shell.d_res_low              1.91 
_reflns_shell.number_measured_obs    ? 
_reflns_shell.number_measured_all    ? 
_reflns_shell.number_unique_obs      ? 
_reflns_shell.Rmerge_I_obs           0.389 
_reflns_shell.meanI_over_sigI_obs    ? 
_reflns_shell.pdbx_Rsym_value        ? 
_reflns_shell.pdbx_chi_squared       1.040 
_reflns_shell.pdbx_redundancy        3.20 
_reflns_shell.percent_possible_obs   ? 
_reflns_shell.number_unique_all      1218 
_reflns_shell.percent_possible_all   67.40 
_reflns_shell.pdbx_diffrn_id         ? 
_reflns_shell.pdbx_ordinal           1 
# 
_refine.entry_id                                 2RB0 
_refine.ls_d_res_high                            1.840 
_refine.ls_d_res_low                             52.200 
_refine.pdbx_ls_sigma_F                          0.00 
_refine.ls_percent_reflns_obs                    80.030 
_refine.ls_number_reflns_obs                     14615 
_refine.pdbx_ls_cross_valid_method               THROUGHOUT 
_refine.pdbx_R_Free_selection_details            RANDOM 
_refine.details                                  'HYDROGENS HAVE BEEN ADDED IN THE RIDING POSITIONS' 
_refine.ls_R_factor_obs                          0.198 
_refine.ls_R_factor_R_work                       0.196 
_refine.ls_R_factor_R_free                       0.233 
_refine.ls_percent_reflns_R_free                 5.100 
_refine.ls_number_reflns_R_free                  740 
_refine.B_iso_mean                               20.992 
_refine.aniso_B[1][1]                            0.000 
_refine.aniso_B[2][2]                            0.000 
_refine.aniso_B[3][3]                            0.000 
_refine.aniso_B[1][2]                            0.000 
_refine.aniso_B[1][3]                            0.000 
_refine.aniso_B[2][3]                            0.000 
_refine.correlation_coeff_Fo_to_Fc               0.949 
_refine.correlation_coeff_Fo_to_Fc_free          0.928 
_refine.pdbx_overall_ESU_R                       0.173 
_refine.pdbx_overall_ESU_R_Free                  0.155 
_refine.overall_SU_ML                            0.082 
_refine.overall_SU_B                             2.643 
_refine.solvent_model_details                    MASK 
_refine.pdbx_solvent_vdw_probe_radii             1.400 
_refine.pdbx_solvent_ion_probe_radii             0.800 
_refine.pdbx_solvent_shrinkage_radii             0.800 
_refine.pdbx_method_to_determine_struct          . 
_refine.pdbx_stereochemistry_target_values       'MAXIMUM LIKELIHOOD' 
_refine.pdbx_ls_sigma_I                          ? 
_refine.ls_number_reflns_all                     14615 
_refine.ls_R_factor_all                          0.198 
_refine.ls_redundancy_reflns_obs                 ? 
_refine.pdbx_data_cutoff_high_absF               ? 
_refine.pdbx_data_cutoff_low_absF                ? 
_refine.ls_number_parameters                     ? 
_refine.ls_number_restraints                     ? 
_refine.ls_R_factor_R_free_error                 ? 
_refine.ls_R_factor_R_free_error_details         ? 
_refine.pdbx_starting_model                      184L 
_refine.pdbx_stereochem_target_val_spec_case     ? 
_refine.solvent_model_param_bsol                 ? 
_refine.solvent_model_param_ksol                 ? 
_refine.occupancy_max                            ? 
_refine.occupancy_min                            ? 
_refine.pdbx_isotropic_thermal_model             ? 
_refine.B_iso_min                                ? 
_refine.B_iso_max                                ? 
_refine.overall_SU_R_Cruickshank_DPI             ? 
_refine.overall_SU_R_free                        ? 
_refine.pdbx_data_cutoff_high_rms_absF           ? 
_refine.ls_wR_factor_R_free                      ? 
_refine.ls_wR_factor_R_work                      ? 
_refine.overall_FOM_free_R_set                   ? 
_refine.overall_FOM_work_R_set                   ? 
_refine.pdbx_refine_id                           'X-RAY DIFFRACTION' 
_refine.pdbx_diffrn_id                           1 
_refine.pdbx_TLS_residual_ADP_flag               ? 
_refine.pdbx_overall_phase_error                 ? 
_refine.pdbx_overall_SU_R_free_Cruickshank_DPI   ? 
_refine.pdbx_overall_SU_R_Blow_DPI               ? 
_refine.pdbx_overall_SU_R_free_Blow_DPI          ? 
# 
_refine_hist.pdbx_refine_id                   'X-RAY DIFFRACTION' 
_refine_hist.cycle_id                         LAST 
_refine_hist.pdbx_number_atoms_protein        1287 
_refine_hist.pdbx_number_atoms_nucleic_acid   0 
_refine_hist.pdbx_number_atoms_ligand         20 
_refine_hist.number_atoms_solvent             194 
_refine_hist.number_atoms_total               1501 
_refine_hist.d_res_high                       1.840 
_refine_hist.d_res_low                        52.200 
# 
loop_
_refine_ls_restr.type 
_refine_ls_restr.number 
_refine_ls_restr.dev_ideal 
_refine_ls_restr.dev_ideal_target 
_refine_ls_restr.weight 
_refine_ls_restr.pdbx_refine_id 
_refine_ls_restr.pdbx_restraint_function 
r_bond_refined_d         1326 0.008  0.022  ? 'X-RAY DIFFRACTION' ? 
r_angle_refined_deg      1790 0.986  1.963  ? 'X-RAY DIFFRACTION' ? 
r_dihedral_angle_1_deg   163  4.652  5.000  ? 'X-RAY DIFFRACTION' ? 
r_dihedral_angle_2_deg   62   33.445 23.387 ? 'X-RAY DIFFRACTION' ? 
r_dihedral_angle_3_deg   239  11.981 15.000 ? 'X-RAY DIFFRACTION' ? 
r_dihedral_angle_4_deg   13   13.064 15.000 ? 'X-RAY DIFFRACTION' ? 
r_chiral_restr           197  0.061  0.200  ? 'X-RAY DIFFRACTION' ? 
r_gen_planes_refined     989  0.003  0.020  ? 'X-RAY DIFFRACTION' ? 
r_nbd_refined            648  0.179  0.200  ? 'X-RAY DIFFRACTION' ? 
r_nbtor_refined          913  0.294  0.200  ? 'X-RAY DIFFRACTION' ? 
r_xyhbond_nbd_refined    148  0.123  0.200  ? 'X-RAY DIFFRACTION' ? 
r_symmetry_vdw_refined   29   0.157  0.200  ? 'X-RAY DIFFRACTION' ? 
r_symmetry_hbond_refined 21   0.130  0.200  ? 'X-RAY DIFFRACTION' ? 
r_mcbond_it              835  0.706  1.500  ? 'X-RAY DIFFRACTION' ? 
r_mcangle_it             1289 0.673  2.000  ? 'X-RAY DIFFRACTION' ? 
r_scbond_it              574  1.531  3.000  ? 'X-RAY DIFFRACTION' ? 
r_scangle_it             500  2.090  4.500  ? 'X-RAY DIFFRACTION' ? 
# 
_refine_ls_shell.d_res_high                       1.840 
_refine_ls_shell.d_res_low                        1.887 
_refine_ls_shell.pdbx_total_number_of_bins_used   20 
_refine_ls_shell.percent_reflns_obs               60.590 
_refine_ls_shell.number_reflns_R_work             772 
_refine_ls_shell.R_factor_all                     ? 
_refine_ls_shell.R_factor_R_work                  0.323 
_refine_ls_shell.R_factor_R_free                  0.343 
_refine_ls_shell.percent_reflns_R_free            ? 
_refine_ls_shell.number_reflns_R_free             32 
_refine_ls_shell.R_factor_R_free_error            ? 
_refine_ls_shell.number_reflns_all                804 
_refine_ls_shell.number_reflns_obs                ? 
_refine_ls_shell.redundancy_reflns_obs            ? 
_refine_ls_shell.pdbx_refine_id                   'X-RAY DIFFRACTION' 
# 
_struct.entry_id                  2RB0 
_struct.title                     '2,6-difluorobenzylbromide complex with T4 lysozyme L99A' 
_struct.pdbx_model_details        ? 
_struct.pdbx_CASP_flag            N 
_struct.pdbx_model_type_details   ? 
# 
_struct_keywords.entry_id        2RB0 
_struct_keywords.pdbx_keywords   HYDROLASE 
_struct_keywords.text            'protein cavities, HYDROLASE' 
# 
loop_
_struct_asym.id 
_struct_asym.pdbx_blank_PDB_chainid_flag 
_struct_asym.pdbx_modified 
_struct_asym.entity_id 
_struct_asym.details 
A N N 1 ? 
B N N 2 ? 
C N N 2 ? 
D N N 3 ? 
E N N 4 ? 
# 
_struct_biol.id        1 
_struct_biol.details   ? 
# 
loop_
_struct_conf.conf_type_id 
_struct_conf.id 
_struct_conf.pdbx_PDB_helix_id 
_struct_conf.beg_label_comp_id 
_struct_conf.beg_label_asym_id 
_struct_conf.beg_label_seq_id 
_struct_conf.pdbx_beg_PDB_ins_code 
_struct_conf.end_label_comp_id 
_struct_conf.end_label_asym_id 
_struct_conf.end_label_seq_id 
_struct_conf.pdbx_end_PDB_ins_code 
_struct_conf.beg_auth_comp_id 
_struct_conf.beg_auth_asym_id 
_struct_conf.beg_auth_seq_id 
_struct_conf.end_auth_comp_id 
_struct_conf.end_auth_asym_id 
_struct_conf.end_auth_seq_id 
_struct_conf.pdbx_PDB_helix_class 
_struct_conf.details 
_struct_conf.pdbx_PDB_helix_length 
HELX_P HELX_P1  1  ASN A 2   ? GLY A 12  ? ASN X 2   GLY X 12  1 ? 11 
HELX_P HELX_P2  2  SER A 38  ? GLY A 51  ? SER X 38  GLY X 51  1 ? 14 
HELX_P HELX_P3  3  THR A 59  ? ARG A 80  ? THR X 59  ARG X 80  1 ? 22 
HELX_P HELX_P4  4  LYS A 83  ? LEU A 91  ? LYS X 83  LEU X 91  1 ? 9  
HELX_P HELX_P5  5  ASP A 92  ? GLY A 107 ? ASP X 92  GLY X 107 1 ? 16 
HELX_P HELX_P6  6  GLU A 108 ? ALA A 112 ? GLU X 108 ALA X 112 5 ? 5  
HELX_P HELX_P7  7  PHE A 114 ? GLN A 123 ? PHE X 114 GLN X 123 1 ? 10 
HELX_P HELX_P8  8  ARG A 125 ? ALA A 134 ? ARG X 125 ALA X 134 1 ? 10 
HELX_P HELX_P9  9  SER A 136 ? THR A 142 ? SER X 136 THR X 142 1 ? 7  
HELX_P HELX_P10 10 THR A 142 ? GLY A 156 ? THR X 142 GLY X 156 1 ? 15 
HELX_P HELX_P11 11 TRP A 158 ? LYS A 162 ? TRP X 158 LYS X 162 5 ? 5  
# 
_struct_conf_type.id          HELX_P 
_struct_conf_type.criteria    ? 
_struct_conf_type.reference   ? 
# 
_struct_sheet.id               A 
_struct_sheet.type             ? 
_struct_sheet.number_strands   3 
_struct_sheet.details          ? 
# 
loop_
_struct_sheet_order.sheet_id 
_struct_sheet_order.range_id_1 
_struct_sheet_order.range_id_2 
_struct_sheet_order.offset 
_struct_sheet_order.sense 
A 1 2 ? anti-parallel 
A 2 3 ? anti-parallel 
# 
loop_
_struct_sheet_range.sheet_id 
_struct_sheet_range.id 
_struct_sheet_range.beg_label_comp_id 
_struct_sheet_range.beg_label_asym_id 
_struct_sheet_range.beg_label_seq_id 
_struct_sheet_range.pdbx_beg_PDB_ins_code 
_struct_sheet_range.end_label_comp_id 
_struct_sheet_range.end_label_asym_id 
_struct_sheet_range.end_label_seq_id 
_struct_sheet_range.pdbx_end_PDB_ins_code 
_struct_sheet_range.beg_auth_comp_id 
_struct_sheet_range.beg_auth_asym_id 
_struct_sheet_range.beg_auth_seq_id 
_struct_sheet_range.end_auth_comp_id 
_struct_sheet_range.end_auth_asym_id 
_struct_sheet_range.end_auth_seq_id 
A 1 ARG A 14 ? LYS A 19 ? ARG X 14 LYS X 19 
A 2 TYR A 25 ? GLY A 28 ? TYR X 25 GLY X 28 
A 3 HIS A 31 ? LEU A 32 ? HIS X 31 LEU X 32 
# 
loop_
_pdbx_struct_sheet_hbond.sheet_id 
_pdbx_struct_sheet_hbond.range_id_1 
_pdbx_struct_sheet_hbond.range_id_2 
_pdbx_struct_sheet_hbond.range_1_label_atom_id 
_pdbx_struct_sheet_hbond.range_1_label_comp_id 
_pdbx_struct_sheet_hbond.range_1_label_asym_id 
_pdbx_struct_sheet_hbond.range_1_label_seq_id 
_pdbx_struct_sheet_hbond.range_1_PDB_ins_code 
_pdbx_struct_sheet_hbond.range_1_auth_atom_id 
_pdbx_struct_sheet_hbond.range_1_auth_comp_id 
_pdbx_struct_sheet_hbond.range_1_auth_asym_id 
_pdbx_struct_sheet_hbond.range_1_auth_seq_id 
_pdbx_struct_sheet_hbond.range_2_label_atom_id 
_pdbx_struct_sheet_hbond.range_2_label_comp_id 
_pdbx_struct_sheet_hbond.range_2_label_asym_id 
_pdbx_struct_sheet_hbond.range_2_label_seq_id 
_pdbx_struct_sheet_hbond.range_2_PDB_ins_code 
_pdbx_struct_sheet_hbond.range_2_auth_atom_id 
_pdbx_struct_sheet_hbond.range_2_auth_comp_id 
_pdbx_struct_sheet_hbond.range_2_auth_asym_id 
_pdbx_struct_sheet_hbond.range_2_auth_seq_id 
A 1 2 N TYR A 18 ? N TYR X 18 O THR A 26 ? O THR X 26 
A 2 3 N ILE A 27 ? N ILE X 27 O HIS A 31 ? O HIS X 31 
# 
loop_
_struct_site.id 
_struct_site.pdbx_evidence_code 
_struct_site.pdbx_auth_asym_id 
_struct_site.pdbx_auth_comp_id 
_struct_site.pdbx_auth_seq_id 
_struct_site.pdbx_auth_ins_code 
_struct_site.pdbx_num_residues 
_struct_site.details 
AC1 Software X PO4 2001 ? 9 'BINDING SITE FOR RESIDUE PO4 X 2001' 
AC2 Software X PO4 2002 ? 5 'BINDING SITE FOR RESIDUE PO4 X 2002' 
AC3 Software X 260 1001 ? 4 'BINDING SITE FOR RESIDUE 260 X 1001' 
# 
loop_
_struct_site_gen.id 
_struct_site_gen.site_id 
_struct_site_gen.pdbx_num_res 
_struct_site_gen.label_comp_id 
_struct_site_gen.label_asym_id 
_struct_site_gen.label_seq_id 
_struct_site_gen.pdbx_auth_ins_code 
_struct_site_gen.auth_comp_id 
_struct_site_gen.auth_asym_id 
_struct_site_gen.auth_seq_id 
_struct_site_gen.label_atom_id 
_struct_site_gen.label_alt_id 
_struct_site_gen.symmetry 
_struct_site_gen.details 
1  AC1 9 ARG A 14  ? ARG X 14   . ? 4_565 ? 
2  AC1 9 LYS A 19  ? LYS X 19   . ? 4_565 ? 
3  AC1 9 ARG A 125 ? ARG X 125  . ? 1_555 ? 
4  AC1 9 TRP A 126 ? TRP X 126  . ? 1_555 ? 
5  AC1 9 ASP A 127 ? ASP X 127  . ? 1_555 ? 
6  AC1 9 GLU A 128 ? GLU X 128  . ? 1_555 ? 
7  AC1 9 HOH E .   ? HOH X 2077 . ? 1_555 ? 
8  AC1 9 HOH E .   ? HOH X 2150 . ? 1_555 ? 
9  AC1 9 HOH E .   ? HOH X 2187 . ? 1_555 ? 
10 AC2 5 ARG A 76  ? ARG X 76   . ? 1_555 ? 
11 AC2 5 ARG A 80  ? ARG X 80   . ? 1_555 ? 
12 AC2 5 LYS A 85  ? LYS X 85   . ? 6_554 ? 
13 AC2 5 HOH E .   ? HOH X 2099 . ? 1_555 ? 
14 AC2 5 HOH E .   ? HOH X 2137 . ? 1_555 ? 
15 AC3 4 ALA A 99  ? ALA X 99   . ? 1_555 ? 
16 AC3 4 LEU A 118 ? LEU X 118  . ? 1_555 ? 
17 AC3 4 LEU A 121 ? LEU X 121  . ? 1_555 ? 
18 AC3 4 PHE A 153 ? PHE X 153  . ? 1_555 ? 
# 
_atom_sites.entry_id                    2RB0 
_atom_sites.fract_transf_matrix[1][1]   0.01664924 
_atom_sites.fract_transf_matrix[1][2]   0.00933163 
_atom_sites.fract_transf_matrix[1][3]   0.00160349 
_atom_sites.fract_transf_matrix[2][1]   0.00171492 
_atom_sites.fract_transf_matrix[2][2]   0.01445870 
_atom_sites.fract_transf_matrix[2][3]   0.01244358 
_atom_sites.fract_transf_matrix[3][1]   0.00302009 
_atom_sites.fract_transf_matrix[3][2]   -0.00664324 
_atom_sites.fract_transf_matrix[3][3]   0.00730283 
_atom_sites.fract_transf_vector[1]      -0.223153 
_atom_sites.fract_transf_vector[2]      0.318661 
_atom_sites.fract_transf_vector[3]      -0.100851 
# 
loop_
_atom_type.symbol 
BR 
C  
F  
N  
O  
P  
S  
# 
loop_
_atom_site.group_PDB 
_atom_site.id 
_atom_site.type_symbol 
_atom_site.label_atom_id 
_atom_site.label_alt_id 
_atom_site.label_comp_id 
_atom_site.label_asym_id 
_atom_site.label_entity_id 
_atom_site.label_seq_id 
_atom_site.pdbx_PDB_ins_code 
_atom_site.Cartn_x 
_atom_site.Cartn_y 
_atom_site.Cartn_z 
_atom_site.occupancy 
_atom_site.B_iso_or_equiv 
_atom_site.pdbx_formal_charge 
_atom_site.auth_seq_id 
_atom_site.auth_comp_id 
_atom_site.auth_asym_id 
_atom_site.auth_atom_id 
_atom_site.pdbx_PDB_model_num 
ATOM   1    N  N    . MET A 1 1   ? 16.471  1.197   -4.932  1.00 22.34 ? 1    MET X N    1 
ATOM   2    C  CA   . MET A 1 1   ? 15.139  1.070   -4.263  1.00 22.36 ? 1    MET X CA   1 
ATOM   3    C  C    . MET A 1 1   ? 14.610  2.390   -3.705  1.00 21.58 ? 1    MET X C    1 
ATOM   4    O  O    . MET A 1 1   ? 15.373  3.257   -3.265  1.00 21.88 ? 1    MET X O    1 
ATOM   5    C  CB   . MET A 1 1   ? 15.205  0.050   -3.127  1.00 22.99 ? 1    MET X CB   1 
ATOM   6    C  CG   . MET A 1 1   ? 14.500  -1.288  -3.339  1.00 24.86 ? 1    MET X CG   1 
ATOM   7    S  SD   . MET A 1 1   ? 12.933  -1.295  -4.253  1.00 28.35 ? 1    MET X SD   1 
ATOM   8    C  CE   . MET A 1 1   ? 13.544  -2.147  -5.696  1.00 27.90 ? 1    MET X CE   1 
ATOM   9    N  N    . ASN A 1 2   ? 13.287  2.507   -3.728  1.00 20.28 ? 2    ASN X N    1 
ATOM   10   C  CA   . ASN A 1 2   ? 12.526  3.594   -3.117  1.00 19.07 ? 2    ASN X CA   1 
ATOM   11   C  C    . ASN A 1 2   ? 11.068  3.144   -3.079  1.00 18.33 ? 2    ASN X C    1 
ATOM   12   O  O    . ASN A 1 2   ? 10.740  2.075   -3.611  1.00 17.81 ? 2    ASN X O    1 
ATOM   13   C  CB   . ASN A 1 2   ? 12.678  4.908   -3.903  1.00 19.12 ? 2    ASN X CB   1 
ATOM   14   C  CG   . ASN A 1 2   ? 12.283  4.774   -5.368  1.00 18.77 ? 2    ASN X CG   1 
ATOM   15   O  OD1  . ASN A 1 2   ? 11.183  4.325   -5.695  1.00 17.00 ? 2    ASN X OD1  1 
ATOM   16   N  ND2  . ASN A 1 2   ? 13.185  5.181   -6.258  1.00 17.21 ? 2    ASN X ND2  1 
ATOM   17   N  N    . ILE A 1 3   ? 10.198  3.953   -2.478  1.00 17.60 ? 3    ILE X N    1 
ATOM   18   C  CA   . ILE A 1 3   ? 8.787   3.581   -2.302  1.00 17.08 ? 3    ILE X CA   1 
ATOM   19   C  C    . ILE A 1 3   ? 8.073   3.224   -3.617  1.00 16.97 ? 3    ILE X C    1 
ATOM   20   O  O    . ILE A 1 3   ? 7.233   2.322   -3.648  1.00 17.11 ? 3    ILE X O    1 
ATOM   21   C  CB   . ILE A 1 3   ? 7.996   4.649   -1.461  1.00 17.02 ? 3    ILE X CB   1 
ATOM   22   C  CG1  . ILE A 1 3   ? 6.553   4.201   -1.157  1.00 16.46 ? 3    ILE X CG1  1 
ATOM   23   C  CG2  . ILE A 1 3   ? 8.040   6.042   -2.123  1.00 16.83 ? 3    ILE X CG2  1 
ATOM   24   C  CD1  . ILE A 1 3   ? 6.420   2.864   -0.421  1.00 16.32 ? 3    ILE X CD1  1 
ATOM   25   N  N    . PHE A 1 4   ? 8.415   3.923   -4.697  1.00 16.90 ? 4    PHE X N    1 
ATOM   26   C  CA   . PHE A 1 4   ? 7.815   3.643   -6.000  1.00 16.95 ? 4    PHE X CA   1 
ATOM   27   C  C    . PHE A 1 4   ? 8.208   2.266   -6.535  1.00 17.00 ? 4    PHE X C    1 
ATOM   28   O  O    . PHE A 1 4   ? 7.345   1.480   -6.905  1.00 17.12 ? 4    PHE X O    1 
ATOM   29   C  CB   . PHE A 1 4   ? 8.147   4.748   -7.008  1.00 16.87 ? 4    PHE X CB   1 
ATOM   30   C  CG   . PHE A 1 4   ? 7.426   6.041   -6.743  1.00 17.54 ? 4    PHE X CG   1 
ATOM   31   C  CD1  . PHE A 1 4   ? 6.153   6.265   -7.267  1.00 19.89 ? 4    PHE X CD1  1 
ATOM   32   C  CD2  . PHE A 1 4   ? 8.014   7.034   -5.964  1.00 18.51 ? 4    PHE X CD2  1 
ATOM   33   C  CE1  . PHE A 1 4   ? 5.479   7.468   -7.020  1.00 20.81 ? 4    PHE X CE1  1 
ATOM   34   C  CE2  . PHE A 1 4   ? 7.347   8.242   -5.713  1.00 19.98 ? 4    PHE X CE2  1 
ATOM   35   C  CZ   . PHE A 1 4   ? 6.080   8.454   -6.238  1.00 20.14 ? 4    PHE X CZ   1 
ATOM   36   N  N    . GLU A 1 5   ? 9.509   1.981   -6.563  1.00 17.33 ? 5    GLU X N    1 
ATOM   37   C  CA   . GLU A 1 5   ? 10.008  0.685   -7.025  1.00 17.70 ? 5    GLU X CA   1 
ATOM   38   C  C    . GLU A 1 5   ? 9.501   -0.449  -6.135  1.00 17.47 ? 5    GLU X C    1 
ATOM   39   O  O    . GLU A 1 5   ? 9.176   -1.537  -6.621  1.00 17.20 ? 5    GLU X O    1 
ATOM   40   C  CB   . GLU A 1 5   ? 11.534  0.683   -7.056  1.00 18.01 ? 5    GLU X CB   1 
ATOM   41   C  CG   . GLU A 1 5   ? 12.141  1.667   -8.057  1.00 19.43 ? 5    GLU X CG   1 
ATOM   42   C  CD   . GLU A 1 5   ? 13.650  1.565   -8.137  1.00 21.62 ? 5    GLU X CD   1 
ATOM   43   O  OE1  . GLU A 1 5   ? 14.220  0.581   -7.619  1.00 22.39 ? 5    GLU X OE1  1 
ATOM   44   O  OE2  . GLU A 1 5   ? 14.267  2.467   -8.734  1.00 22.78 ? 5    GLU X OE2  1 
ATOM   45   N  N    . MET A 1 6   ? 9.442   -0.175  -4.831  1.00 17.49 ? 6    MET X N    1 
ATOM   46   C  CA   . MET A 1 6   ? 8.970   -1.126  -3.831  1.00 17.71 ? 6    MET X CA   1 
ATOM   47   C  C    . MET A 1 6   ? 7.521   -1.544  -4.087  1.00 17.67 ? 6    MET X C    1 
ATOM   48   O  O    . MET A 1 6   ? 7.222   -2.732  -4.186  1.00 17.55 ? 6    MET X O    1 
ATOM   49   C  CB   . MET A 1 6   ? 9.109   -0.516  -2.432  1.00 17.63 ? 6    MET X CB   1 
ATOM   50   C  CG   . MET A 1 6   ? 8.784   -1.464  -1.287  1.00 18.23 ? 6    MET X CG   1 
ATOM   51   S  SD   . MET A 1 6   ? 8.454   -0.536  0.214   1.00 18.07 ? 6    MET X SD   1 
ATOM   52   C  CE   . MET A 1 6   ? 8.721   -1.781  1.478   1.00 17.70 ? 6    MET X CE   1 
ATOM   53   N  N    . LEU A 1 7   ? 6.631   -0.562  -4.207  1.00 17.84 ? 7    LEU X N    1 
ATOM   54   C  CA   . LEU A 1 7   ? 5.222   -0.834  -4.450  1.00 17.89 ? 7    LEU X CA   1 
ATOM   55   C  C    . LEU A 1 7   ? 4.948   -1.402  -5.843  1.00 18.09 ? 7    LEU X C    1 
ATOM   56   O  O    . LEU A 1 7   ? 4.018   -2.184  -6.010  1.00 18.34 ? 7    LEU X O    1 
ATOM   57   C  CB   . LEU A 1 7   ? 4.363   0.407   -4.175  1.00 17.42 ? 7    LEU X CB   1 
ATOM   58   C  CG   . LEU A 1 7   ? 3.978   0.614   -2.707  1.00 17.56 ? 7    LEU X CG   1 
ATOM   59   C  CD1  . LEU A 1 7   ? 3.427   2.014   -2.495  1.00 18.74 ? 7    LEU X CD1  1 
ATOM   60   C  CD2  . LEU A 1 7   ? 2.963   -0.442  -2.251  1.00 16.61 ? 7    LEU X CD2  1 
ATOM   61   N  N    . ARG A 1 8   ? 5.768   -1.029  -6.825  1.00 18.31 ? 8    ARG X N    1 
ATOM   62   C  CA   . ARG A 1 8   ? 5.665   -1.598  -8.172  1.00 18.64 ? 8    ARG X CA   1 
ATOM   63   C  C    . ARG A 1 8   ? 5.933   -3.115  -8.155  1.00 18.41 ? 8    ARG X C    1 
ATOM   64   O  O    . ARG A 1 8   ? 5.253   -3.874  -8.834  1.00 18.67 ? 8    ARG X O    1 
ATOM   65   C  CB   . ARG A 1 8   ? 6.604   -0.862  -9.132  1.00 18.90 ? 8    ARG X CB   1 
ATOM   66   C  CG   . ARG A 1 8   ? 6.758   -1.475  -10.516 1.00 20.19 ? 8    ARG X CG   1 
ATOM   67   C  CD   . ARG A 1 8   ? 5.446   -1.503  -11.303 1.00 21.41 ? 8    ARG X CD   1 
ATOM   68   N  NE   . ARG A 1 8   ? 5.638   -2.120  -12.615 1.00 23.25 ? 8    ARG X NE   1 
ATOM   69   C  CZ   . ARG A 1 8   ? 5.642   -3.429  -12.841 1.00 24.08 ? 8    ARG X CZ   1 
ATOM   70   N  NH1  . ARG A 1 8   ? 5.460   -4.290  -11.846 1.00 24.02 ? 8    ARG X NH1  1 
ATOM   71   N  NH2  . ARG A 1 8   ? 5.828   -3.880  -14.076 1.00 25.62 ? 8    ARG X NH2  1 
ATOM   72   N  N    . ILE A 1 9   ? 6.914   -3.542  -7.362  1.00 17.96 ? 9    ILE X N    1 
ATOM   73   C  CA   . ILE A 1 9   ? 7.184   -4.963  -7.138  1.00 17.94 ? 9    ILE X CA   1 
ATOM   74   C  C    . ILE A 1 9   ? 5.998   -5.663  -6.448  1.00 17.28 ? 9    ILE X C    1 
ATOM   75   O  O    . ILE A 1 9   ? 5.516   -6.693  -6.924  1.00 17.23 ? 9    ILE X O    1 
ATOM   76   C  CB   . ILE A 1 9   ? 8.517   -5.155  -6.355  1.00 18.15 ? 9    ILE X CB   1 
ATOM   77   C  CG1  . ILE A 1 9   ? 9.707   -4.870  -7.281  1.00 17.95 ? 9    ILE X CG1  1 
ATOM   78   C  CG2  . ILE A 1 9   ? 8.617   -6.558  -5.736  1.00 18.44 ? 9    ILE X CG2  1 
ATOM   79   C  CD1  . ILE A 1 9   ? 11.045  -4.707  -6.562  1.00 18.01 ? 9    ILE X CD1  1 
ATOM   80   N  N    . ASP A 1 10  ? 5.511   -5.076  -5.356  1.00 17.35 ? 10   ASP X N    1 
ATOM   81   C  CA   . ASP A 1 10  ? 4.435   -5.672  -4.557  1.00 17.16 ? 10   ASP X CA   1 
ATOM   82   C  C    . ASP A 1 10  ? 3.068   -5.684  -5.251  1.00 17.32 ? 10   ASP X C    1 
ATOM   83   O  O    . ASP A 1 10  ? 2.293   -6.626  -5.073  1.00 17.20 ? 10   ASP X O    1 
ATOM   84   C  CB   . ASP A 1 10  ? 4.337   -4.977  -3.193  1.00 16.75 ? 10   ASP X CB   1 
ATOM   85   C  CG   . ASP A 1 10  ? 5.463   -5.376  -2.251  1.00 17.23 ? 10   ASP X CG   1 
ATOM   86   O  OD1  . ASP A 1 10  ? 6.050   -6.465  -2.442  1.00 16.44 ? 10   ASP X OD1  1 
ATOM   87   O  OD2  . ASP A 1 10  ? 5.751   -4.608  -1.313  1.00 15.87 ? 10   ASP X OD2  1 
ATOM   88   N  N    . GLU A 1 11  ? 2.796   -4.660  -6.059  1.00 17.29 ? 11   GLU X N    1 
ATOM   89   C  CA   . GLU A 1 11  ? 1.481   -4.497  -6.686  1.00 17.77 ? 11   GLU X CA   1 
ATOM   90   C  C    . GLU A 1 11  ? 1.407   -5.000  -8.126  1.00 17.87 ? 11   GLU X C    1 
ATOM   91   O  O    . GLU A 1 11  ? 0.331   -5.361  -8.605  1.00 18.06 ? 11   GLU X O    1 
ATOM   92   C  CB   . GLU A 1 11  ? 1.023   -3.030  -6.624  1.00 17.96 ? 11   GLU X CB   1 
ATOM   93   C  CG   . GLU A 1 11  ? 0.792   -2.485  -5.216  1.00 18.68 ? 11   GLU X CG   1 
ATOM   94   C  CD   . GLU A 1 11  ? -0.379  -3.140  -4.481  1.00 20.33 ? 11   GLU X CD   1 
ATOM   95   O  OE1  . GLU A 1 11  ? -1.153  -3.905  -5.100  1.00 20.55 ? 11   GLU X OE1  1 
ATOM   96   O  OE2  . GLU A 1 11  ? -0.530  -2.875  -3.272  1.00 20.98 ? 11   GLU X OE2  1 
ATOM   97   N  N    . GLY A 1 12  ? 2.548   -5.016  -8.812  1.00 17.95 ? 12   GLY X N    1 
ATOM   98   C  CA   . GLY A 1 12  ? 2.588   -5.375  -10.227 1.00 18.02 ? 12   GLY X CA   1 
ATOM   99   C  C    . GLY A 1 12  ? 2.014   -4.267  -11.090 1.00 18.30 ? 12   GLY X C    1 
ATOM   100  O  O    . GLY A 1 12  ? 1.704   -3.177  -10.597 1.00 17.64 ? 12   GLY X O    1 
ATOM   101  N  N    . LEU A 1 13  ? 1.874   -4.545  -12.383 1.00 18.89 ? 13   LEU X N    1 
ATOM   102  C  CA   . LEU A 1 13  ? 1.262   -3.600  -13.305 1.00 19.27 ? 13   LEU X CA   1 
ATOM   103  C  C    . LEU A 1 13  ? 0.330   -4.321  -14.275 1.00 19.08 ? 13   LEU X C    1 
ATOM   104  O  O    . LEU A 1 13  ? 0.759   -5.180  -15.046 1.00 19.24 ? 13   LEU X O    1 
ATOM   105  C  CB   . LEU A 1 13  ? 2.328   -2.774  -14.050 1.00 19.49 ? 13   LEU X CB   1 
ATOM   106  C  CG   . LEU A 1 13  ? 1.924   -1.950  -15.288 1.00 21.31 ? 13   LEU X CG   1 
ATOM   107  C  CD1  . LEU A 1 13  ? 0.977   -0.824  -14.928 1.00 22.65 ? 13   LEU X CD1  1 
ATOM   108  C  CD2  . LEU A 1 13  ? 3.158   -1.392  -16.013 1.00 23.63 ? 13   LEU X CD2  1 
ATOM   109  N  N    . ARG A 1 14  ? -0.949  -3.970  -14.219 1.00 19.02 ? 14   ARG X N    1 
ATOM   110  C  CA   . ARG A 1 14  ? -1.936  -4.532  -15.130 1.00 19.23 ? 14   ARG X CA   1 
ATOM   111  C  C    . ARG A 1 14  ? -2.802  -3.423  -15.715 1.00 19.36 ? 14   ARG X C    1 
ATOM   112  O  O    . ARG A 1 14  ? -3.310  -2.563  -14.989 1.00 19.27 ? 14   ARG X O    1 
ATOM   113  C  CB   . ARG A 1 14  ? -2.772  -5.613  -14.441 1.00 19.35 ? 14   ARG X CB   1 
ATOM   114  C  CG   . ARG A 1 14  ? -1.921  -6.724  -13.812 1.00 20.66 ? 14   ARG X CG   1 
ATOM   115  C  CD   . ARG A 1 14  ? -2.776  -7.801  -13.170 1.00 22.87 ? 14   ARG X CD   1 
ATOM   116  N  NE   . ARG A 1 14  ? -3.459  -8.608  -14.179 1.00 24.88 ? 14   ARG X NE   1 
ATOM   117  C  CZ   . ARG A 1 14  ? -4.299  -9.599  -13.901 1.00 26.33 ? 14   ARG X CZ   1 
ATOM   118  N  NH1  . ARG A 1 14  ? -4.568  -9.913  -12.641 1.00 26.80 ? 14   ARG X NH1  1 
ATOM   119  N  NH2  . ARG A 1 14  ? -4.871  -10.277 -14.886 1.00 27.55 ? 14   ARG X NH2  1 
ATOM   120  N  N    . LEU A 1 15  ? -2.953  -3.453  -17.035 1.00 19.31 ? 15   LEU X N    1 
ATOM   121  C  CA   . LEU A 1 15  ? -3.569  -2.354  -17.773 1.00 19.92 ? 15   LEU X CA   1 
ATOM   122  C  C    . LEU A 1 15  ? -5.079  -2.502  -17.963 1.00 19.95 ? 15   LEU X C    1 
ATOM   123  O  O    . LEU A 1 15  ? -5.749  -1.561  -18.401 1.00 20.59 ? 15   LEU X O    1 
ATOM   124  C  CB   . LEU A 1 15  ? -2.862  -2.153  -19.122 1.00 19.72 ? 15   LEU X CB   1 
ATOM   125  C  CG   . LEU A 1 15  ? -1.379  -1.756  -19.086 1.00 20.45 ? 15   LEU X CG   1 
ATOM   126  C  CD1  . LEU A 1 15  ? -0.894  -1.349  -20.478 1.00 20.20 ? 15   LEU X CD1  1 
ATOM   127  C  CD2  . LEU A 1 15  ? -1.117  -0.647  -18.069 1.00 20.10 ? 15   LEU X CD2  1 
ATOM   128  N  N    . LYS A 1 16  ? -5.601  -3.686  -17.651 1.00 19.91 ? 16   LYS X N    1 
ATOM   129  C  CA   . LYS A 1 16  ? -7.036  -3.934  -17.685 1.00 19.90 ? 16   LYS X CA   1 
ATOM   130  C  C    . LYS A 1 16  ? -7.553  -4.188  -16.274 1.00 19.57 ? 16   LYS X C    1 
ATOM   131  O  O    . LYS A 1 16  ? -6.812  -4.677  -15.412 1.00 19.49 ? 16   LYS X O    1 
ATOM   132  C  CB   . LYS A 1 16  ? -7.364  -5.122  -18.588 1.00 20.10 ? 16   LYS X CB   1 
ATOM   133  C  CG   . LYS A 1 16  ? -6.980  -4.917  -20.044 1.00 20.79 ? 16   LYS X CG   1 
ATOM   134  N  N    . ILE A 1 17  ? -8.820  -3.847  -16.042 1.00 19.13 ? 17   ILE X N    1 
ATOM   135  C  CA   . ILE A 1 17  ? -9.443  -4.055  -14.735 1.00 18.69 ? 17   ILE X CA   1 
ATOM   136  C  C    . ILE A 1 17  ? -9.255  -5.510  -14.310 1.00 19.08 ? 17   ILE X C    1 
ATOM   137  O  O    . ILE A 1 17  ? -9.532  -6.430  -15.084 1.00 19.25 ? 17   ILE X O    1 
ATOM   138  C  CB   . ILE A 1 17  ? -10.951 -3.684  -14.735 1.00 18.61 ? 17   ILE X CB   1 
ATOM   139  C  CG1  . ILE A 1 17  ? -11.130 -2.179  -14.987 1.00 18.15 ? 17   ILE X CG1  1 
ATOM   140  C  CG2  . ILE A 1 17  ? -11.620 -4.096  -13.409 1.00 17.53 ? 17   ILE X CG2  1 
ATOM   141  C  CD1  . ILE A 1 17  ? -12.548 -1.773  -15.327 1.00 18.09 ? 17   ILE X CD1  1 
ATOM   142  N  N    . TYR A 1 18  ? -8.747  -5.695  -13.095 1.00 18.69 ? 18   TYR X N    1 
ATOM   143  C  CA   . TYR A 1 18  ? -8.588  -7.016  -12.491 1.00 18.91 ? 18   TYR X CA   1 
ATOM   144  C  C    . TYR A 1 18  ? -9.080  -6.945  -11.044 1.00 18.54 ? 18   TYR X C    1 
ATOM   145  O  O    . TYR A 1 18  ? -9.306  -5.856  -10.520 1.00 18.48 ? 18   TYR X O    1 
ATOM   146  C  CB   . TYR A 1 18  ? -7.114  -7.455  -12.537 1.00 18.81 ? 18   TYR X CB   1 
ATOM   147  C  CG   . TYR A 1 18  ? -6.161  -6.623  -11.695 1.00 19.76 ? 18   TYR X CG   1 
ATOM   148  C  CD1  . TYR A 1 18  ? -5.630  -5.422  -12.182 1.00 20.28 ? 18   TYR X CD1  1 
ATOM   149  C  CD2  . TYR A 1 18  ? -5.761  -7.051  -10.418 1.00 20.95 ? 18   TYR X CD2  1 
ATOM   150  C  CE1  . TYR A 1 18  ? -4.743  -4.661  -11.418 1.00 21.48 ? 18   TYR X CE1  1 
ATOM   151  C  CE2  . TYR A 1 18  ? -4.868  -6.291  -9.644  1.00 21.54 ? 18   TYR X CE2  1 
ATOM   152  C  CZ   . TYR A 1 18  ? -4.370  -5.100  -10.150 1.00 21.71 ? 18   TYR X CZ   1 
ATOM   153  O  OH   . TYR A 1 18  ? -3.489  -4.342  -9.401  1.00 21.34 ? 18   TYR X OH   1 
ATOM   154  N  N    . LYS A 1 19  ? -9.241  -8.100  -10.404 1.00 18.21 ? 19   LYS X N    1 
ATOM   155  C  CA   . LYS A 1 19  ? -9.583  -8.133  -8.988  1.00 18.10 ? 19   LYS X CA   1 
ATOM   156  C  C    . LYS A 1 19  ? -8.309  -8.303  -8.158  1.00 17.94 ? 19   LYS X C    1 
ATOM   157  O  O    . LYS A 1 19  ? -7.450  -9.121  -8.488  1.00 17.63 ? 19   LYS X O    1 
ATOM   158  C  CB   . LYS A 1 19  ? -10.586 -9.251  -8.677  1.00 18.15 ? 19   LYS X CB   1 
ATOM   159  C  CG   . LYS A 1 19  ? -12.009 -9.005  -9.197  1.00 18.47 ? 19   LYS X CG   1 
ATOM   160  C  CD   . LYS A 1 19  ? -12.878 -10.240 -9.002  1.00 18.02 ? 19   LYS X CD   1 
ATOM   161  C  CE   . LYS A 1 19  ? -14.315 -10.015 -9.478  1.00 18.65 ? 19   LYS X CE   1 
ATOM   162  N  NZ   . LYS A 1 19  ? -15.206 -11.120 -8.992  1.00 18.23 ? 19   LYS X NZ   1 
ATOM   163  N  N    . ASP A 1 20  ? -8.192  -7.531  -7.084  1.00 18.11 ? 20   ASP X N    1 
ATOM   164  C  CA   . ASP A 1 20  ? -7.041  -7.636  -6.188  1.00 18.14 ? 20   ASP X CA   1 
ATOM   165  C  C    . ASP A 1 20  ? -7.136  -8.888  -5.303  1.00 18.34 ? 20   ASP X C    1 
ATOM   166  O  O    . ASP A 1 20  ? -8.026  -9.730  -5.499  1.00 18.00 ? 20   ASP X O    1 
ATOM   167  C  CB   . ASP A 1 20  ? -6.887  -6.361  -5.345  1.00 17.96 ? 20   ASP X CB   1 
ATOM   168  C  CG   . ASP A 1 20  ? -8.030  -6.150  -4.347  1.00 18.26 ? 20   ASP X CG   1 
ATOM   169  O  OD1  . ASP A 1 20  ? -8.845  -7.074  -4.114  1.00 16.48 ? 20   ASP X OD1  1 
ATOM   170  O  OD2  . ASP A 1 20  ? -8.106  -5.038  -3.781  1.00 18.05 ? 20   ASP X OD2  1 
ATOM   171  N  N    . THR A 1 21  ? -6.231  -8.997  -4.327  1.00 18.66 ? 21   THR X N    1 
ATOM   172  C  CA   . THR A 1 21  ? -6.167  -10.177 -3.448  1.00 19.15 ? 21   THR X CA   1 
ATOM   173  C  C    . THR A 1 21  ? -7.451  -10.362 -2.633  1.00 19.38 ? 21   THR X C    1 
ATOM   174  O  O    . THR A 1 21  ? -7.748  -11.465 -2.178  1.00 19.43 ? 21   THR X O    1 
ATOM   175  C  CB   . THR A 1 21  ? -4.959  -10.125 -2.466  1.00 19.17 ? 21   THR X CB   1 
ATOM   176  O  OG1  . THR A 1 21  ? -5.158  -9.085  -1.500  1.00 18.68 ? 21   THR X OG1  1 
ATOM   177  C  CG2  . THR A 1 21  ? -3.644  -9.887  -3.201  1.00 19.34 ? 21   THR X CG2  1 
ATOM   178  N  N    . GLU A 1 22  ? -8.197  -9.276  -2.445  1.00 19.52 ? 22   GLU X N    1 
ATOM   179  C  CA   . GLU A 1 22  ? -9.435  -9.304  -1.667  1.00 20.05 ? 22   GLU X CA   1 
ATOM   180  C  C    . GLU A 1 22  ? -10.695 -9.496  -2.518  1.00 19.80 ? 22   GLU X C    1 
ATOM   181  O  O    . GLU A 1 22  ? -11.801 -9.584  -1.981  1.00 19.81 ? 22   GLU X O    1 
ATOM   182  C  CB   . GLU A 1 22  ? -9.563  -8.031  -0.822  1.00 20.26 ? 22   GLU X CB   1 
ATOM   183  C  CG   . GLU A 1 22  ? -8.507  -7.892  0.257   1.00 21.68 ? 22   GLU X CG   1 
ATOM   184  C  CD   . GLU A 1 22  ? -8.605  -8.971  1.333   1.00 24.22 ? 22   GLU X CD   1 
ATOM   185  O  OE1  . GLU A 1 22  ? -9.725  -9.445  1.634   1.00 26.57 ? 22   GLU X OE1  1 
ATOM   186  O  OE2  . GLU A 1 22  ? -7.553  -9.337  1.889   1.00 25.71 ? 22   GLU X OE2  1 
ATOM   187  N  N    . GLY A 1 23  ? -10.516 -9.562  -3.835  1.00 19.97 ? 23   GLY X N    1 
ATOM   188  C  CA   . GLY A 1 23  ? -11.624 -9.702  -4.788  1.00 19.41 ? 23   GLY X CA   1 
ATOM   189  C  C    . GLY A 1 23  ? -12.198 -8.388  -5.299  1.00 19.49 ? 23   GLY X C    1 
ATOM   190  O  O    . GLY A 1 23  ? -13.260 -8.375  -5.930  1.00 19.16 ? 23   GLY X O    1 
ATOM   191  N  N    . TYR A 1 24  ? -11.497 -7.280  -5.049  1.00 19.63 ? 24   TYR X N    1 
ATOM   192  C  CA   . TYR A 1 24  ? -12.000 -5.953  -5.426  1.00 19.84 ? 24   TYR X CA   1 
ATOM   193  C  C    . TYR A 1 24  ? -11.430 -5.454  -6.750  1.00 19.75 ? 24   TYR X C    1 
ATOM   194  O  O    . TYR A 1 24  ? -10.238 -5.605  -7.012  1.00 19.35 ? 24   TYR X O    1 
ATOM   195  C  CB   . TYR A 1 24  ? -11.702 -4.907  -4.344  1.00 20.30 ? 24   TYR X CB   1 
ATOM   196  C  CG   . TYR A 1 24  ? -12.308 -5.163  -2.980  1.00 21.95 ? 24   TYR X CG   1 
ATOM   197  C  CD1  . TYR A 1 24  ? -13.663 -5.477  -2.833  1.00 23.92 ? 24   TYR X CD1  1 
ATOM   198  C  CD2  . TYR A 1 24  ? -11.525 -5.060  -1.830  1.00 23.98 ? 24   TYR X CD2  1 
ATOM   199  C  CE1  . TYR A 1 24  ? -14.216 -5.705  -1.569  1.00 24.99 ? 24   TYR X CE1  1 
ATOM   200  C  CE2  . TYR A 1 24  ? -12.064 -5.279  -0.569  1.00 24.87 ? 24   TYR X CE2  1 
ATOM   201  C  CZ   . TYR A 1 24  ? -13.407 -5.599  -0.444  1.00 26.30 ? 24   TYR X CZ   1 
ATOM   202  O  OH   . TYR A 1 24  ? -13.938 -5.816  0.808   1.00 26.05 ? 24   TYR X OH   1 
ATOM   203  N  N    . TYR A 1 25  ? -12.282 -4.823  -7.559  1.00 19.56 ? 25   TYR X N    1 
ATOM   204  C  CA   . TYR A 1 25  ? -11.850 -4.273  -8.841  1.00 19.41 ? 25   TYR X CA   1 
ATOM   205  C  C    . TYR A 1 25  ? -10.784 -3.205  -8.669  1.00 19.23 ? 25   TYR X C    1 
ATOM   206  O  O    . TYR A 1 25  ? -10.921 -2.295  -7.840  1.00 19.15 ? 25   TYR X O    1 
ATOM   207  C  CB   . TYR A 1 25  ? -13.027 -3.722  -9.635  1.00 19.41 ? 25   TYR X CB   1 
ATOM   208  C  CG   . TYR A 1 25  ? -13.999 -4.785  -10.060 1.00 20.45 ? 25   TYR X CG   1 
ATOM   209  C  CD1  . TYR A 1 25  ? -13.608 -5.805  -10.931 1.00 21.65 ? 25   TYR X CD1  1 
ATOM   210  C  CD2  . TYR A 1 25  ? -15.312 -4.776  -9.596  1.00 20.58 ? 25   TYR X CD2  1 
ATOM   211  C  CE1  . TYR A 1 25  ? -14.504 -6.795  -11.327 1.00 23.19 ? 25   TYR X CE1  1 
ATOM   212  C  CE2  . TYR A 1 25  ? -16.217 -5.760  -9.987  1.00 22.61 ? 25   TYR X CE2  1 
ATOM   213  C  CZ   . TYR A 1 25  ? -15.806 -6.763  -10.853 1.00 22.76 ? 25   TYR X CZ   1 
ATOM   214  O  OH   . TYR A 1 25  ? -16.695 -7.734  -11.241 1.00 23.81 ? 25   TYR X OH   1 
ATOM   215  N  N    . THR A 1 26  ? -9.742  -3.344  -9.482  1.00 18.80 ? 26   THR X N    1 
ATOM   216  C  CA   . THR A 1 26  ? -8.478  -2.631  -9.352  1.00 18.91 ? 26   THR X CA   1 
ATOM   217  C  C    . THR A 1 26  ? -7.900  -2.488  -10.764 1.00 18.89 ? 26   THR X C    1 
ATOM   218  O  O    . THR A 1 26  ? -8.287  -3.223  -11.672 1.00 19.03 ? 26   THR X O    1 
ATOM   219  C  CB   . THR A 1 26  ? -7.505  -3.449  -8.437  1.00 18.95 ? 26   THR X CB   1 
ATOM   220  O  OG1  . THR A 1 26  ? -8.099  -3.614  -7.142  1.00 19.10 ? 26   THR X OG1  1 
ATOM   221  C  CG2  . THR A 1 26  ? -6.148  -2.781  -8.275  1.00 18.54 ? 26   THR X CG2  1 
ATOM   222  N  N    . ILE A 1 27  ? -7.002  -1.526  -10.958 1.00 18.69 ? 27   ILE X N    1 
ATOM   223  C  CA   . ILE A 1 27  ? -6.279  -1.403  -12.225 1.00 18.60 ? 27   ILE X CA   1 
ATOM   224  C  C    . ILE A 1 27  ? -4.885  -0.824  -11.983 1.00 18.32 ? 27   ILE X C    1 
ATOM   225  O  O    . ILE A 1 27  ? -4.616  -0.265  -10.913 1.00 18.14 ? 27   ILE X O    1 
ATOM   226  C  CB   . ILE A 1 27  ? -7.077  -0.550  -13.262 1.00 18.71 ? 27   ILE X CB   1 
ATOM   227  C  CG1  . ILE A 1 27  ? -6.661  -0.911  -14.704 1.00 18.95 ? 27   ILE X CG1  1 
ATOM   228  C  CG2  . ILE A 1 27  ? -6.972  0.946   -12.945 1.00 19.10 ? 27   ILE X CG2  1 
ATOM   229  C  CD1  . ILE A 1 27  ? -7.600  -0.412  -15.782 1.00 19.27 ? 27   ILE X CD1  1 
ATOM   230  N  N    . GLY A 1 28  ? -4.005  -0.973  -12.941 1.00 17.83 ? 28   GLY X N    1 
ATOM   231  C  CA   . GLY A 1 28  ? -2.738  -0.296  -12.926 1.00 17.98 ? 28   GLY X CA   1 
ATOM   232  C  C    . GLY A 1 28  ? -1.779  -0.893  -11.906 1.00 17.66 ? 28   GLY X C    1 
ATOM   233  O  O    . GLY A 1 28  ? -1.579  -2.063  -11.886 1.00 18.07 ? 28   GLY X O    1 
ATOM   234  N  N    . ILE A 1 29  ? -1.212  -0.032  -11.087 1.00 17.63 ? 29   ILE X N    1 
ATOM   235  C  CA   . ILE A 1 29  ? -0.338  -0.455  -10.055 1.00 17.72 ? 29   ILE X CA   1 
ATOM   236  C  C    . ILE A 1 29  ? -1.097  -0.447  -8.734  1.00 17.72 ? 29   ILE X C    1 
ATOM   237  O  O    . ILE A 1 29  ? -0.945  0.384   -7.945  1.00 18.31 ? 29   ILE X O    1 
ATOM   238  C  CB   . ILE A 1 29  ? 0.961   0.336   -10.025 1.00 17.65 ? 29   ILE X CB   1 
ATOM   239  C  CG1  . ILE A 1 29  ? 1.595   0.419   -11.402 1.00 17.89 ? 29   ILE X CG1  1 
ATOM   240  C  CG2  . ILE A 1 29  ? 1.883   -0.224  -9.041  1.00 16.65 ? 29   ILE X CG2  1 
ATOM   241  C  CD1  . ILE A 1 29  ? 2.514   1.505   -11.590 1.00 18.57 ? 29   ILE X CD1  1 
ATOM   242  N  N    . GLY A 1 30  ? -1.967  -1.404  -8.569  1.00 17.99 ? 30   GLY X N    1 
ATOM   243  C  CA   . GLY A 1 30  ? -2.697  -1.550  -7.348  1.00 18.25 ? 30   GLY X CA   1 
ATOM   244  C  C    . GLY A 1 30  ? -3.637  -0.414  -7.052  1.00 18.32 ? 30   GLY X C    1 
ATOM   245  O  O    . GLY A 1 30  ? -3.849  -0.126  -5.940  1.00 18.26 ? 30   GLY X O    1 
ATOM   246  N  N    . HIS A 1 31  ? -4.203  0.192   -8.072  1.00 18.45 ? 31   HIS X N    1 
ATOM   247  C  CA   . HIS A 1 31  ? -5.192  1.244   -7.846  1.00 18.96 ? 31   HIS X CA   1 
ATOM   248  C  C    . HIS A 1 31  ? -6.581  0.649   -7.644  1.00 19.00 ? 31   HIS X C    1 
ATOM   249  O  O    . HIS A 1 31  ? -7.250  0.260   -8.605  1.00 18.53 ? 31   HIS X O    1 
ATOM   250  C  CB   . HIS A 1 31  ? -5.238  2.287   -8.969  1.00 19.01 ? 31   HIS X CB   1 
ATOM   251  C  CG   . HIS A 1 31  ? -6.268  3.351   -8.737  1.00 19.68 ? 31   HIS X CG   1 
ATOM   252  N  ND1  . HIS A 1 31  ? -6.021  4.467   -7.969  1.00 19.61 ? 31   HIS X ND1  1 
ATOM   253  C  CD2  . HIS A 1 31  ? -7.561  3.447   -9.132  1.00 19.67 ? 31   HIS X CD2  1 
ATOM   254  C  CE1  . HIS A 1 31  ? -7.111  5.210   -7.909  1.00 20.18 ? 31   HIS X CE1  1 
ATOM   255  N  NE2  . HIS A 1 31  ? -8.061  4.613   -8.604  1.00 20.61 ? 31   HIS X NE2  1 
ATOM   256  N  N    . LEU A 1 32  ? -7.006  0.594   -6.385  1.00 19.22 ? 32   LEU X N    1 
ATOM   257  C  CA   . LEU A 1 32  ? -8.341  0.128   -6.041  1.00 19.64 ? 32   LEU X CA   1 
ATOM   258  C  C    . LEU A 1 32  ? -9.393  1.043   -6.678  1.00 19.92 ? 32   LEU X C    1 
ATOM   259  O  O    . LEU A 1 32  ? -9.361  2.264   -6.504  1.00 19.78 ? 32   LEU X O    1 
ATOM   260  C  CB   . LEU A 1 32  ? -8.509  0.086   -4.518  1.00 19.98 ? 32   LEU X CB   1 
ATOM   261  C  CG   . LEU A 1 32  ? -9.872  -0.350  -3.965  1.00 20.30 ? 32   LEU X CG   1 
ATOM   262  C  CD1  . LEU A 1 32  ? -10.204 -1.767  -4.399  1.00 21.29 ? 32   LEU X CD1  1 
ATOM   263  C  CD2  . LEU A 1 32  ? -9.875  -0.236  -2.437  1.00 21.41 ? 32   LEU X CD2  1 
ATOM   264  N  N    . LEU A 1 33  ? -10.306 0.452   -7.440  1.00 20.31 ? 33   LEU X N    1 
ATOM   265  C  CA   . LEU A 1 33  ? -11.352 1.239   -8.098  1.00 20.52 ? 33   LEU X CA   1 
ATOM   266  C  C    . LEU A 1 33  ? -12.587 1.403   -7.217  1.00 20.99 ? 33   LEU X C    1 
ATOM   267  O  O    . LEU A 1 33  ? -13.134 2.500   -7.086  1.00 20.54 ? 33   LEU X O    1 
ATOM   268  C  CB   . LEU A 1 33  ? -11.727 0.622   -9.451  1.00 20.51 ? 33   LEU X CB   1 
ATOM   269  C  CG   . LEU A 1 33  ? -10.705 0.775   -10.576 1.00 20.16 ? 33   LEU X CG   1 
ATOM   270  C  CD1  . LEU A 1 33  ? -11.128 -0.069  -11.772 1.00 19.90 ? 33   LEU X CD1  1 
ATOM   271  C  CD2  . LEU A 1 33  ? -10.532 2.244   -10.971 1.00 19.29 ? 33   LEU X CD2  1 
ATOM   272  N  N    . THR A 1 34  ? -13.021 0.296   -6.622  1.00 21.74 ? 34   THR X N    1 
ATOM   273  C  CA   . THR A 1 34  ? -14.205 0.271   -5.777  1.00 22.39 ? 34   THR X CA   1 
ATOM   274  C  C    . THR A 1 34  ? -14.264 -1.061  -5.056  1.00 23.03 ? 34   THR X C    1 
ATOM   275  O  O    . THR A 1 34  ? -13.641 -2.035  -5.494  1.00 23.42 ? 34   THR X O    1 
ATOM   276  C  CB   . THR A 1 34  ? -15.523 0.491   -6.580  1.00 22.44 ? 34   THR X CB   1 
ATOM   277  O  OG1  . THR A 1 34  ? -16.637 0.514   -5.680  1.00 22.16 ? 34   THR X OG1  1 
ATOM   278  C  CG2  . THR A 1 34  ? -15.733 -0.604  -7.627  1.00 21.86 ? 34   THR X CG2  1 
ATOM   279  N  N    . LYS A 1 35  ? -15.000 -1.089  -3.950  1.00 23.54 ? 35   LYS X N    1 
ATOM   280  C  CA   . LYS A 1 35  ? -15.270 -2.329  -3.236  1.00 24.44 ? 35   LYS X CA   1 
ATOM   281  C  C    . LYS A 1 35  ? -16.639 -2.902  -3.618  1.00 24.61 ? 35   LYS X C    1 
ATOM   282  O  O    . LYS A 1 35  ? -17.044 -3.957  -3.118  1.00 24.58 ? 35   LYS X O    1 
ATOM   283  C  CB   . LYS A 1 35  ? -15.138 -2.125  -1.722  1.00 24.62 ? 35   LYS X CB   1 
ATOM   284  C  CG   . LYS A 1 35  ? -13.693 -1.958  -1.272  1.00 25.85 ? 35   LYS X CG   1 
ATOM   285  C  CD   . LYS A 1 35  ? -13.556 -1.864  0.243   1.00 27.99 ? 35   LYS X CD   1 
ATOM   286  C  CE   . LYS A 1 35  ? -12.106 -1.570  0.613   1.00 29.44 ? 35   LYS X CE   1 
ATOM   287  N  NZ   . LYS A 1 35  ? -11.904 -1.432  2.078   1.00 30.32 ? 35   LYS X NZ   1 
ATOM   288  N  N    . SER A 1 36  ? -17.329 -2.200  -4.518  1.00 24.69 ? 36   SER X N    1 
ATOM   289  C  CA   . SER A 1 36  ? -18.578 -2.674  -5.115  1.00 24.89 ? 36   SER X CA   1 
ATOM   290  C  C    . SER A 1 36  ? -18.334 -3.896  -6.007  1.00 24.80 ? 36   SER X C    1 
ATOM   291  O  O    . SER A 1 36  ? -17.354 -3.929  -6.758  1.00 24.59 ? 36   SER X O    1 
ATOM   292  C  CB   . SER A 1 36  ? -19.233 -1.545  -5.921  1.00 24.96 ? 36   SER X CB   1 
ATOM   293  O  OG   . SER A 1 36  ? -20.178 -2.040  -6.853  1.00 25.87 ? 36   SER X OG   1 
ATOM   294  N  N    . PRO A 1 37  ? -19.216 -4.913  -5.922  1.00 24.75 ? 37   PRO X N    1 
ATOM   295  C  CA   . PRO A 1 37  ? -19.096 -6.086  -6.796  1.00 24.71 ? 37   PRO X CA   1 
ATOM   296  C  C    . PRO A 1 37  ? -19.535 -5.827  -8.244  1.00 24.40 ? 37   PRO X C    1 
ATOM   297  O  O    . PRO A 1 37  ? -19.462 -6.725  -9.083  1.00 24.58 ? 37   PRO X O    1 
ATOM   298  C  CB   . PRO A 1 37  ? -20.022 -7.110  -6.127  1.00 24.98 ? 37   PRO X CB   1 
ATOM   299  C  CG   . PRO A 1 37  ? -21.066 -6.287  -5.471  1.00 25.00 ? 37   PRO X CG   1 
ATOM   300  C  CD   . PRO A 1 37  ? -20.361 -5.035  -4.996  1.00 24.92 ? 37   PRO X CD   1 
ATOM   301  N  N    . SER A 1 38  ? -19.974 -4.602  -8.528  1.00 24.18 ? 38   SER X N    1 
ATOM   302  C  CA   . SER A 1 38  ? -20.455 -4.226  -9.852  1.00 23.67 ? 38   SER X CA   1 
ATOM   303  C  C    . SER A 1 38  ? -19.306 -3.767  -10.751 1.00 23.52 ? 38   SER X C    1 
ATOM   304  O  O    . SER A 1 38  ? -18.660 -2.754  -10.475 1.00 23.15 ? 38   SER X O    1 
ATOM   305  C  CB   . SER A 1 38  ? -21.507 -3.117  -9.732  1.00 23.82 ? 38   SER X CB   1 
ATOM   306  O  OG   . SER A 1 38  ? -21.782 -2.536  -10.991 1.00 23.75 ? 38   SER X OG   1 
ATOM   307  N  N    . LEU A 1 39  ? -19.056 -4.519  -11.821 1.00 23.24 ? 39   LEU X N    1 
ATOM   308  C  CA   . LEU A 1 39  ? -18.029 -4.148  -12.800 1.00 23.16 ? 39   LEU X CA   1 
ATOM   309  C  C    . LEU A 1 39  ? -18.353 -2.818  -13.495 1.00 23.01 ? 39   LEU X C    1 
ATOM   310  O  O    . LEU A 1 39  ? -17.454 -2.025  -13.766 1.00 22.59 ? 39   LEU X O    1 
ATOM   311  C  CB   . LEU A 1 39  ? -17.808 -5.271  -13.823 1.00 23.09 ? 39   LEU X CB   1 
ATOM   312  C  CG   . LEU A 1 39  ? -16.841 -5.023  -14.992 1.00 23.14 ? 39   LEU X CG   1 
ATOM   313  C  CD1  . LEU A 1 39  ? -15.385 -4.906  -14.517 1.00 22.64 ? 39   LEU X CD1  1 
ATOM   314  C  CD2  . LEU A 1 39  ? -16.989 -6.098  -16.062 1.00 22.54 ? 39   LEU X CD2  1 
ATOM   315  N  N    . ASN A 1 40  ? -19.633 -2.576  -13.785 1.00 23.33 ? 40   ASN X N    1 
ATOM   316  C  CA   . ASN A 1 40  ? -20.055 -1.289  -14.343 1.00 23.43 ? 40   ASN X CA   1 
ATOM   317  C  C    . ASN A 1 40  ? -19.691 -0.123  -13.419 1.00 23.01 ? 40   ASN X C    1 
ATOM   318  O  O    . ASN A 1 40  ? -19.219 0.917   -13.883 1.00 22.78 ? 40   ASN X O    1 
ATOM   319  C  CB   . ASN A 1 40  ? -21.557 -1.273  -14.659 1.00 24.08 ? 40   ASN X CB   1 
ATOM   320  C  CG   . ASN A 1 40  ? -21.892 -1.950  -15.985 1.00 25.31 ? 40   ASN X CG   1 
ATOM   321  O  OD1  . ASN A 1 40  ? -21.048 -2.071  -16.877 1.00 26.83 ? 40   ASN X OD1  1 
ATOM   322  N  ND2  . ASN A 1 40  ? -23.143 -2.380  -16.123 1.00 27.19 ? 40   ASN X ND2  1 
ATOM   323  N  N    . ALA A 1 41  ? -19.887 -0.315  -12.114 1.00 22.62 ? 41   ALA X N    1 
ATOM   324  C  CA   . ALA A 1 41  ? -19.514 0.692   -11.114 1.00 21.90 ? 41   ALA X CA   1 
ATOM   325  C  C    . ALA A 1 41  ? -18.010 0.939   -11.122 1.00 21.25 ? 41   ALA X C    1 
ATOM   326  O  O    . ALA A 1 41  ? -17.565 2.084   -11.042 1.00 20.70 ? 41   ALA X O    1 
ATOM   327  C  CB   . ALA A 1 41  ? -19.988 0.281   -9.722  1.00 22.14 ? 41   ALA X CB   1 
ATOM   328  N  N    . ALA A 1 42  ? -17.234 -0.141  -11.228 1.00 20.84 ? 42   ALA X N    1 
ATOM   329  C  CA   . ALA A 1 42  ? -15.779 -0.045  -11.312 1.00 20.33 ? 42   ALA X CA   1 
ATOM   330  C  C    . ALA A 1 42  ? -15.338 0.700   -12.570 1.00 20.04 ? 42   ALA X C    1 
ATOM   331  O  O    . ALA A 1 42  ? -14.467 1.566   -12.502 1.00 20.12 ? 42   ALA X O    1 
ATOM   332  C  CB   . ALA A 1 42  ? -15.142 -1.434  -11.247 1.00 20.51 ? 42   ALA X CB   1 
ATOM   333  N  N    . LYS A 1 43  ? -15.952 0.365   -13.705 1.00 19.81 ? 43   LYS X N    1 
ATOM   334  C  CA   . LYS A 1 43  ? -15.704 1.057   -14.974 1.00 19.78 ? 43   LYS X CA   1 
ATOM   335  C  C    . LYS A 1 43  ? -16.008 2.552   -14.877 1.00 19.47 ? 43   LYS X C    1 
ATOM   336  O  O    . LYS A 1 43  ? -15.277 3.378   -15.439 1.00 19.43 ? 43   LYS X O    1 
ATOM   337  C  CB   . LYS A 1 43  ? -16.515 0.419   -16.104 1.00 19.99 ? 43   LYS X CB   1 
ATOM   338  C  CG   . LYS A 1 43  ? -15.932 -0.896  -16.621 1.00 21.31 ? 43   LYS X CG   1 
ATOM   339  C  CD   . LYS A 1 43  ? -16.858 -1.539  -17.641 1.00 23.52 ? 43   LYS X CD   1 
ATOM   340  C  CE   . LYS A 1 43  ? -16.218 -2.759  -18.285 1.00 25.25 ? 43   LYS X CE   1 
ATOM   341  N  NZ   . LYS A 1 43  ? -17.085 -3.311  -19.368 1.00 27.45 ? 43   LYS X NZ   1 
ATOM   342  N  N    . SER A 1 44  ? -17.078 2.895   -14.159 1.00 19.35 ? 44   SER X N    1 
ATOM   343  C  CA   A SER A 1 44  ? -17.429 4.293   -13.918 0.50 19.53 ? 44   SER X CA   1 
ATOM   344  C  CA   B SER A 1 44  ? -17.423 4.297   -13.929 0.50 19.26 ? 44   SER X CA   1 
ATOM   345  C  C    . SER A 1 44  ? -16.318 5.000   -13.144 1.00 19.34 ? 44   SER X C    1 
ATOM   346  O  O    . SER A 1 44  ? -15.882 6.093   -13.520 1.00 19.24 ? 44   SER X O    1 
ATOM   347  C  CB   A SER A 1 44  ? -18.758 4.389   -13.163 0.50 19.64 ? 44   SER X CB   1 
ATOM   348  C  CB   B SER A 1 44  ? -18.773 4.424   -13.215 0.50 19.33 ? 44   SER X CB   1 
ATOM   349  O  OG   A SER A 1 44  ? -19.105 5.739   -12.916 0.50 20.90 ? 44   SER X OG   1 
ATOM   350  O  OG   B SER A 1 44  ? -19.848 4.201   -14.113 0.50 18.97 ? 44   SER X OG   1 
ATOM   351  N  N    . GLU A 1 45  ? -15.858 4.367   -12.062 1.00 19.19 ? 45   GLU X N    1 
ATOM   352  C  CA   . GLU A 1 45  ? -14.768 4.917   -11.249 1.00 19.51 ? 45   GLU X CA   1 
ATOM   353  C  C    . GLU A 1 45  ? -13.486 5.132   -12.065 1.00 19.28 ? 45   GLU X C    1 
ATOM   354  O  O    . GLU A 1 45  ? -12.801 6.143   -11.893 1.00 19.23 ? 45   GLU X O    1 
ATOM   355  C  CB   . GLU A 1 45  ? -14.492 4.034   -10.024 1.00 19.43 ? 45   GLU X CB   1 
ATOM   356  C  CG   . GLU A 1 45  ? -15.594 4.079   -8.963  1.00 20.32 ? 45   GLU X CG   1 
ATOM   357  C  CD   . GLU A 1 45  ? -15.898 5.493   -8.485  1.00 21.23 ? 45   GLU X CD   1 
ATOM   358  O  OE1  . GLU A 1 45  ? -15.046 6.107   -7.814  1.00 22.92 ? 45   GLU X OE1  1 
ATOM   359  O  OE2  . GLU A 1 45  ? -16.997 5.990   -8.787  1.00 21.29 ? 45   GLU X OE2  1 
ATOM   360  N  N    . LEU A 1 46  ? -13.185 4.186   -12.954 1.00 19.18 ? 46   LEU X N    1 
ATOM   361  C  CA   . LEU A 1 46  ? -11.995 4.253   -13.802 1.00 19.10 ? 46   LEU X CA   1 
ATOM   362  C  C    . LEU A 1 46  ? -12.045 5.469   -14.728 1.00 19.30 ? 46   LEU X C    1 
ATOM   363  O  O    . LEU A 1 46  ? -11.103 6.261   -14.768 1.00 19.25 ? 46   LEU X O    1 
ATOM   364  C  CB   . LEU A 1 46  ? -11.822 2.958   -14.609 1.00 19.25 ? 46   LEU X CB   1 
ATOM   365  C  CG   . LEU A 1 46  ? -10.630 2.837   -15.565 1.00 19.36 ? 46   LEU X CG   1 
ATOM   366  C  CD1  . LEU A 1 46  ? -9.303  3.048   -14.834 1.00 19.78 ? 46   LEU X CD1  1 
ATOM   367  C  CD2  . LEU A 1 46  ? -10.634 1.484   -16.256 1.00 20.26 ? 46   LEU X CD2  1 
ATOM   368  N  N    . ASP A 1 47  ? -13.157 5.617   -15.443 1.00 19.09 ? 47   ASP X N    1 
ATOM   369  C  CA   . ASP A 1 47  ? -13.353 6.735   -16.362 1.00 19.27 ? 47   ASP X CA   1 
ATOM   370  C  C    . ASP A 1 47  ? -13.219 8.079   -15.653 1.00 19.12 ? 47   ASP X C    1 
ATOM   371  O  O    . ASP A 1 47  ? -12.633 9.022   -16.192 1.00 19.01 ? 47   ASP X O    1 
ATOM   372  C  CB   . ASP A 1 47  ? -14.723 6.620   -17.039 1.00 19.47 ? 47   ASP X CB   1 
ATOM   373  C  CG   . ASP A 1 47  ? -14.781 5.497   -18.067 1.00 20.16 ? 47   ASP X CG   1 
ATOM   374  O  OD1  . ASP A 1 47  ? -13.749 4.832   -18.318 1.00 19.90 ? 47   ASP X OD1  1 
ATOM   375  O  OD2  . ASP A 1 47  ? -15.872 5.286   -18.636 1.00 21.15 ? 47   ASP X OD2  1 
ATOM   376  N  N    . LYS A 1 48  ? -13.764 8.146   -14.442 1.00 19.22 ? 48   LYS X N    1 
ATOM   377  C  CA   . LYS A 1 48  ? -13.669 9.331   -13.594 1.00 19.17 ? 48   LYS X CA   1 
ATOM   378  C  C    . LYS A 1 48  ? -12.222 9.609   -13.181 1.00 19.32 ? 48   LYS X C    1 
ATOM   379  O  O    . LYS A 1 48  ? -11.792 10.762  -13.166 1.00 19.57 ? 48   LYS X O    1 
ATOM   380  C  CB   . LYS A 1 48  ? -14.578 9.160   -12.369 1.00 19.12 ? 48   LYS X CB   1 
ATOM   381  C  CG   . LYS A 1 48  ? -14.503 10.279  -11.329 1.00 19.10 ? 48   LYS X CG   1 
ATOM   382  C  CD   . LYS A 1 48  ? -15.707 10.251  -10.387 1.00 20.09 ? 48   LYS X CD   1 
ATOM   383  C  CE   . LYS A 1 48  ? -15.859 8.904   -9.697  1.00 19.74 ? 48   LYS X CE   1 
ATOM   384  N  NZ   . LYS A 1 48  ? -15.146 8.830   -8.417  1.00 20.42 ? 48   LYS X NZ   1 
ATOM   385  N  N    . ALA A 1 49  ? -11.482 8.549   -12.859 1.00 19.45 ? 49   ALA X N    1 
ATOM   386  C  CA   . ALA A 1 49  ? -10.077 8.667   -12.431 1.00 19.78 ? 49   ALA X CA   1 
ATOM   387  C  C    . ALA A 1 49  ? -9.137  9.141   -13.547 1.00 20.18 ? 49   ALA X C    1 
ATOM   388  O  O    . ALA A 1 49  ? -8.229  9.939   -13.305 1.00 20.30 ? 49   ALA X O    1 
ATOM   389  C  CB   . ALA A 1 49  ? -9.590  7.341   -11.845 1.00 19.46 ? 49   ALA X CB   1 
ATOM   390  N  N    . ILE A 1 50  ? -9.374  8.653   -14.763 1.00 20.34 ? 50   ILE X N    1 
ATOM   391  C  CA   . ILE A 1 50  ? -8.521  8.933   -15.917 1.00 20.84 ? 50   ILE X CA   1 
ATOM   392  C  C    . ILE A 1 50  ? -8.956  10.200  -16.657 1.00 21.20 ? 50   ILE X C    1 
ATOM   393  O  O    . ILE A 1 50  ? -8.126  10.905  -17.244 1.00 21.13 ? 50   ILE X O    1 
ATOM   394  C  CB   . ILE A 1 50  ? -8.512  7.717   -16.897 1.00 20.80 ? 50   ILE X CB   1 
ATOM   395  C  CG1  . ILE A 1 50  ? -8.119  6.423   -16.165 1.00 21.26 ? 50   ILE X CG1  1 
ATOM   396  C  CG2  . ILE A 1 50  ? -7.606  7.956   -18.099 1.00 20.86 ? 50   ILE X CG2  1 
ATOM   397  C  CD1  . ILE A 1 50  ? -6.775  6.469   -15.439 1.00 21.49 ? 50   ILE X CD1  1 
ATOM   398  N  N    . GLY A 1 51  ? -10.258 10.475  -16.627 1.00 21.49 ? 51   GLY X N    1 
ATOM   399  C  CA   . GLY A 1 51  ? -10.831 11.630  -17.309 1.00 22.29 ? 51   GLY X CA   1 
ATOM   400  C  C    . GLY A 1 51  ? -11.214 11.376  -18.758 1.00 22.83 ? 51   GLY X C    1 
ATOM   401  O  O    . GLY A 1 51  ? -11.189 12.297  -19.572 1.00 22.97 ? 51   GLY X O    1 
ATOM   402  N  N    . ARG A 1 52  ? -11.573 10.134  -19.081 1.00 23.09 ? 52   ARG X N    1 
ATOM   403  C  CA   . ARG A 1 52  ? -12.009 9.774   -20.435 1.00 23.47 ? 52   ARG X CA   1 
ATOM   404  C  C    . ARG A 1 52  ? -12.786 8.457   -20.421 1.00 23.84 ? 52   ARG X C    1 
ATOM   405  O  O    . ARG A 1 52  ? -12.812 7.760   -19.407 1.00 23.44 ? 52   ARG X O    1 
ATOM   406  C  CB   . ARG A 1 52  ? -10.804 9.677   -21.391 1.00 23.65 ? 52   ARG X CB   1 
ATOM   407  C  CG   . ARG A 1 52  ? -9.819  8.559   -21.053 1.00 23.64 ? 52   ARG X CG   1 
ATOM   408  C  CD   . ARG A 1 52  ? -8.674  8.473   -22.054 1.00 24.18 ? 52   ARG X CD   1 
ATOM   409  N  NE   . ARG A 1 52  ? -7.788  7.353   -21.734 1.00 24.57 ? 52   ARG X NE   1 
ATOM   410  C  CZ   . ARG A 1 52  ? -7.964  6.108   -22.166 1.00 25.13 ? 52   ARG X CZ   1 
ATOM   411  N  NH1  . ARG A 1 52  ? -8.993  5.814   -22.951 1.00 24.67 ? 52   ARG X NH1  1 
ATOM   412  N  NH2  . ARG A 1 52  ? -7.110  5.151   -21.814 1.00 24.30 ? 52   ARG X NH2  1 
ATOM   413  N  N    . ASN A 1 53  ? -13.419 8.122   -21.545 1.00 24.10 ? 53   ASN X N    1 
ATOM   414  C  CA   . ASN A 1 53  ? -14.083 6.828   -21.696 1.00 24.80 ? 53   ASN X CA   1 
ATOM   415  C  C    . ASN A 1 53  ? -13.052 5.737   -22.003 1.00 24.34 ? 53   ASN X C    1 
ATOM   416  O  O    . ASN A 1 53  ? -12.625 5.571   -23.149 1.00 24.18 ? 53   ASN X O    1 
ATOM   417  C  CB   . ASN A 1 53  ? -15.163 6.891   -22.788 1.00 25.34 ? 53   ASN X CB   1 
ATOM   418  C  CG   . ASN A 1 53  ? -16.250 5.837   -22.603 1.00 27.54 ? 53   ASN X CG   1 
ATOM   419  O  OD1  . ASN A 1 53  ? -17.419 6.165   -22.390 1.00 31.69 ? 53   ASN X OD1  1 
ATOM   420  N  ND2  . ASN A 1 53  ? -15.868 4.568   -22.680 1.00 29.56 ? 53   ASN X ND2  1 
ATOM   421  N  N    . THR A 1 54  ? -12.655 4.996   -20.969 1.00 24.04 ? 54   THR X N    1 
ATOM   422  C  CA   . THR A 1 54  ? -11.571 4.012   -21.092 1.00 23.85 ? 54   THR X CA   1 
ATOM   423  C  C    . THR A 1 54  ? -12.033 2.633   -21.561 1.00 24.09 ? 54   THR X C    1 
ATOM   424  O  O    . THR A 1 54  ? -11.240 1.872   -22.121 1.00 23.97 ? 54   THR X O    1 
ATOM   425  C  CB   . THR A 1 54  ? -10.798 3.821   -19.756 1.00 23.54 ? 54   THR X CB   1 
ATOM   426  O  OG1  . THR A 1 54  ? -11.647 3.183   -18.794 1.00 22.63 ? 54   THR X OG1  1 
ATOM   427  C  CG2  . THR A 1 54  ? -10.297 5.158   -19.211 1.00 23.69 ? 54   THR X CG2  1 
ATOM   428  N  N    . ASN A 1 55  ? -13.299 2.305   -21.297 1.00 24.70 ? 55   ASN X N    1 
ATOM   429  C  CA   . ASN A 1 55  ? -13.839 0.964   -21.570 1.00 25.34 ? 55   ASN X CA   1 
ATOM   430  C  C    . ASN A 1 55  ? -13.022 -0.141  -20.860 1.00 25.02 ? 55   ASN X C    1 
ATOM   431  O  O    . ASN A 1 55  ? -12.836 -1.239  -21.392 1.00 25.71 ? 55   ASN X O    1 
ATOM   432  C  CB   . ASN A 1 55  ? -13.935 0.744   -23.092 1.00 25.87 ? 55   ASN X CB   1 
ATOM   433  C  CG   . ASN A 1 55  ? -14.659 -0.539  -23.469 1.00 27.84 ? 55   ASN X CG   1 
ATOM   434  O  OD1  . ASN A 1 55  ? -15.639 -0.942  -22.832 1.00 30.75 ? 55   ASN X OD1  1 
ATOM   435  N  ND2  . ASN A 1 55  ? -14.174 -1.188  -24.522 1.00 29.39 ? 55   ASN X ND2  1 
ATOM   436  N  N    . GLY A 1 56  ? -12.526 0.167   -19.663 1.00 24.34 ? 56   GLY X N    1 
ATOM   437  C  CA   . GLY A 1 56  ? -11.825 -0.815  -18.834 1.00 23.28 ? 56   GLY X CA   1 
ATOM   438  C  C    . GLY A 1 56  ? -10.351 -1.040  -19.120 1.00 22.78 ? 56   GLY X C    1 
ATOM   439  O  O    . GLY A 1 56  ? -9.732  -1.919  -18.520 1.00 22.45 ? 56   GLY X O    1 
ATOM   440  N  N    . VAL A 1 57  ? -9.781  -0.259  -20.036 1.00 22.24 ? 57   VAL X N    1 
ATOM   441  C  CA   . VAL A 1 57  ? -8.359  -0.387  -20.371 1.00 22.17 ? 57   VAL X CA   1 
ATOM   442  C  C    . VAL A 1 57  ? -7.657  0.969   -20.320 1.00 21.64 ? 57   VAL X C    1 
ATOM   443  O  O    . VAL A 1 57  ? -8.195  1.975   -20.797 1.00 21.82 ? 57   VAL X O    1 
ATOM   444  C  CB   . VAL A 1 57  ? -8.135  -1.046  -21.767 1.00 22.52 ? 57   VAL X CB   1 
ATOM   445  C  CG1  . VAL A 1 57  ? -6.654  -1.343  -21.997 1.00 23.02 ? 57   VAL X CG1  1 
ATOM   446  C  CG2  . VAL A 1 57  ? -8.938  -2.337  -21.897 1.00 23.30 ? 57   VAL X CG2  1 
ATOM   447  N  N    . ILE A 1 58  ? -6.461  0.983   -19.728 1.00 20.77 ? 58   ILE X N    1 
ATOM   448  C  CA   . ILE A 1 58  ? -5.628  2.189   -19.651 1.00 20.39 ? 58   ILE X CA   1 
ATOM   449  C  C    . ILE A 1 58  ? -4.214  1.928   -20.175 1.00 20.03 ? 58   ILE X C    1 
ATOM   450  O  O    . ILE A 1 58  ? -3.824  0.778   -20.393 1.00 19.93 ? 58   ILE X O    1 
ATOM   451  C  CB   . ILE A 1 58  ? -5.556  2.773   -18.203 1.00 20.24 ? 58   ILE X CB   1 
ATOM   452  C  CG1  . ILE A 1 58  ? -4.913  1.768   -17.231 1.00 20.42 ? 58   ILE X CG1  1 
ATOM   453  C  CG2  . ILE A 1 58  ? -6.939  3.225   -17.720 1.00 20.49 ? 58   ILE X CG2  1 
ATOM   454  C  CD1  . ILE A 1 58  ? -4.555  2.373   -15.884 1.00 20.49 ? 58   ILE X CD1  1 
ATOM   455  N  N    . THR A 1 59  ? -3.447  2.998   -20.373 1.00 19.81 ? 59   THR X N    1 
ATOM   456  C  CA   . THR A 1 59  ? -2.067  2.866   -20.816 1.00 19.62 ? 59   THR X CA   1 
ATOM   457  C  C    . THR A 1 59  ? -1.133  2.819   -19.613 1.00 19.57 ? 59   THR X C    1 
ATOM   458  O  O    . THR A 1 59  ? -1.551  3.081   -18.479 1.00 19.58 ? 59   THR X O    1 
ATOM   459  C  CB   . THR A 1 59  ? -1.646  4.037   -21.737 1.00 19.71 ? 59   THR X CB   1 
ATOM   460  O  OG1  . THR A 1 59  ? -1.675  5.256   -20.989 1.00 20.25 ? 59   THR X OG1  1 
ATOM   461  C  CG2  . THR A 1 59  ? -2.591  4.155   -22.940 1.00 19.68 ? 59   THR X CG2  1 
ATOM   462  N  N    . LYS A 1 60  ? 0.132   2.487   -19.865 1.00 19.55 ? 60   LYS X N    1 
ATOM   463  C  CA   . LYS A 1 60  ? 1.157   2.492   -18.819 1.00 19.62 ? 60   LYS X CA   1 
ATOM   464  C  C    . LYS A 1 60  ? 1.350   3.881   -18.209 1.00 19.18 ? 60   LYS X C    1 
ATOM   465  O  O    . LYS A 1 60  ? 1.479   4.005   -16.994 1.00 18.86 ? 60   LYS X O    1 
ATOM   466  C  CB   . LYS A 1 60  ? 2.485   1.969   -19.368 1.00 19.69 ? 60   LYS X CB   1 
ATOM   467  C  CG   . LYS A 1 60  ? 3.573   1.792   -18.319 1.00 21.26 ? 60   LYS X CG   1 
ATOM   468  C  CD   . LYS A 1 60  ? 4.849   1.284   -18.957 1.00 24.16 ? 60   LYS X CD   1 
ATOM   469  C  CE   . LYS A 1 60  ? 5.797   0.711   -17.929 1.00 26.91 ? 60   LYS X CE   1 
ATOM   470  N  NZ   . LYS A 1 60  ? 7.058   0.248   -18.584 1.00 28.93 ? 60   LYS X NZ   1 
ATOM   471  N  N    . ASP A 1 61  ? 1.374   4.916   -19.053 1.00 18.96 ? 61   ASP X N    1 
ATOM   472  C  CA   . ASP A 1 61  ? 1.500   6.296   -18.575 1.00 19.22 ? 61   ASP X CA   1 
ATOM   473  C  C    . ASP A 1 61  ? 0.364   6.656   -17.610 1.00 18.62 ? 61   ASP X C    1 
ATOM   474  O  O    . ASP A 1 61  ? 0.604   7.221   -16.542 1.00 18.21 ? 61   ASP X O    1 
ATOM   475  C  CB   . ASP A 1 61  ? 1.547   7.290   -19.744 1.00 19.58 ? 61   ASP X CB   1 
ATOM   476  C  CG   . ASP A 1 61  ? 2.912   7.363   -20.413 1.00 21.54 ? 61   ASP X CG   1 
ATOM   477  O  OD1  . ASP A 1 61  ? 3.838   6.597   -20.049 1.00 23.18 ? 61   ASP X OD1  1 
ATOM   478  O  OD2  . ASP A 1 61  ? 3.053   8.198   -21.329 1.00 23.51 ? 61   ASP X OD2  1 
ATOM   479  N  N    . GLU A 1 62  ? -0.863  6.309   -17.993 1.00 18.55 ? 62   GLU X N    1 
ATOM   480  C  CA   . GLU A 1 62  ? -2.039  6.520   -17.153 1.00 18.10 ? 62   GLU X CA   1 
ATOM   481  C  C    . GLU A 1 62  ? -1.947  5.754   -15.830 1.00 17.74 ? 62   GLU X C    1 
ATOM   482  O  O    . GLU A 1 62  ? -2.298  6.287   -14.782 1.00 17.68 ? 62   GLU X O    1 
ATOM   483  C  CB   . GLU A 1 62  ? -3.315  6.148   -17.913 1.00 18.01 ? 62   GLU X CB   1 
ATOM   484  C  CG   . GLU A 1 62  ? -3.678  7.164   -18.991 1.00 18.87 ? 62   GLU X CG   1 
ATOM   485  C  CD   . GLU A 1 62  ? -4.766  6.695   -19.948 1.00 19.14 ? 62   GLU X CD   1 
ATOM   486  O  OE1  . GLU A 1 62  ? -5.029  5.479   -20.038 1.00 17.95 ? 62   GLU X OE1  1 
ATOM   487  O  OE2  . GLU A 1 62  ? -5.347  7.559   -20.632 1.00 19.52 ? 62   GLU X OE2  1 
ATOM   488  N  N    . ALA A 1 63  ? -1.457  4.514   -15.888 1.00 17.61 ? 63   ALA X N    1 
ATOM   489  C  CA   . ALA A 1 63  ? -1.262  3.706   -14.686 1.00 17.29 ? 63   ALA X CA   1 
ATOM   490  C  C    . ALA A 1 63  ? -0.275  4.372   -13.735 1.00 17.40 ? 63   ALA X C    1 
ATOM   491  O  O    . ALA A 1 63  ? -0.540  4.474   -12.538 1.00 16.80 ? 63   ALA X O    1 
ATOM   492  C  CB   . ALA A 1 63  ? -0.789  2.295   -15.048 1.00 17.51 ? 63   ALA X CB   1 
ATOM   493  N  N    . GLU A 1 64  ? 0.854   4.829   -14.283 1.00 17.16 ? 64   GLU X N    1 
ATOM   494  C  CA   . GLU A 1 64  ? 1.897   5.476   -13.489 1.00 17.48 ? 64   GLU X CA   1 
ATOM   495  C  C    . GLU A 1 64  ? 1.433   6.807   -12.905 1.00 17.03 ? 64   GLU X C    1 
ATOM   496  O  O    . GLU A 1 64  ? 1.807   7.158   -11.783 1.00 16.73 ? 64   GLU X O    1 
ATOM   497  C  CB   . GLU A 1 64  ? 3.186   5.630   -14.296 1.00 17.68 ? 64   GLU X CB   1 
ATOM   498  C  CG   . GLU A 1 64  ? 3.848   4.275   -14.603 1.00 19.19 ? 64   GLU X CG   1 
ATOM   499  C  CD   . GLU A 1 64  ? 4.974   4.351   -15.619 1.00 21.28 ? 64   GLU X CD   1 
ATOM   500  O  OE1  . GLU A 1 64  ? 5.032   5.322   -16.411 1.00 21.52 ? 64   GLU X OE1  1 
ATOM   501  O  OE2  . GLU A 1 64  ? 5.805   3.414   -15.627 1.00 22.72 ? 64   GLU X OE2  1 
ATOM   502  N  N    . LYS A 1 65  ? 0.600   7.527   -13.656 1.00 17.06 ? 65   LYS X N    1 
ATOM   503  C  CA   . LYS A 1 65  ? 0.019   8.774   -13.157 1.00 17.55 ? 65   LYS X CA   1 
ATOM   504  C  C    . LYS A 1 65  ? -0.852  8.546   -11.920 1.00 17.06 ? 65   LYS X C    1 
ATOM   505  O  O    . LYS A 1 65  ? -0.681  9.234   -10.912 1.00 16.94 ? 65   LYS X O    1 
ATOM   506  C  CB   . LYS A 1 65  ? -0.768  9.509   -14.247 1.00 17.31 ? 65   LYS X CB   1 
ATOM   507  C  CG   . LYS A 1 65  ? -1.340  10.829  -13.760 1.00 18.61 ? 65   LYS X CG   1 
ATOM   508  C  CD   . LYS A 1 65  ? -1.771  11.711  -14.901 1.00 20.07 ? 65   LYS X CD   1 
ATOM   509  C  CE   . LYS A 1 65  ? -2.122  13.101  -14.379 1.00 21.46 ? 65   LYS X CE   1 
ATOM   510  N  NZ   . LYS A 1 65  ? -2.728  13.926  -15.448 1.00 23.98 ? 65   LYS X NZ   1 
ATOM   511  N  N    . LEU A 1 66  ? -1.761  7.572   -11.994 1.00 17.58 ? 66   LEU X N    1 
ATOM   512  C  CA   . LEU A 1 66  ? -2.614  7.221   -10.856 1.00 17.40 ? 66   LEU X CA   1 
ATOM   513  C  C    . LEU A 1 66  ? -1.760  6.748   -9.682  1.00 17.33 ? 66   LEU X C    1 
ATOM   514  O  O    . LEU A 1 66  ? -2.006  7.128   -8.535  1.00 16.91 ? 66   LEU X O    1 
ATOM   515  C  CB   . LEU A 1 66  ? -3.646  6.148   -11.229 1.00 17.85 ? 66   LEU X CB   1 
ATOM   516  C  CG   . LEU A 1 66  ? -4.840  6.464   -12.147 1.00 18.22 ? 66   LEU X CG   1 
ATOM   517  C  CD1  . LEU A 1 66  ? -5.809  5.287   -12.133 1.00 19.31 ? 66   LEU X CD1  1 
ATOM   518  C  CD2  . LEU A 1 66  ? -5.563  7.755   -11.747 1.00 19.67 ? 66   LEU X CD2  1 
ATOM   519  N  N    . PHE A 1 67  ? -0.743  5.939   -9.986  1.00 17.05 ? 67   PHE X N    1 
ATOM   520  C  CA   . PHE A 1 67  ? 0.194   5.423   -8.975  1.00 17.07 ? 67   PHE X CA   1 
ATOM   521  C  C    . PHE A 1 67  ? 0.869   6.555   -8.198  1.00 16.86 ? 67   PHE X C    1 
ATOM   522  O  O    . PHE A 1 67  ? 0.873   6.549   -6.962  1.00 17.23 ? 67   PHE X O    1 
ATOM   523  C  CB   . PHE A 1 67  ? 1.228   4.504   -9.648  1.00 16.61 ? 67   PHE X CB   1 
ATOM   524  C  CG   . PHE A 1 67  ? 2.200   3.848   -8.698  1.00 17.99 ? 67   PHE X CG   1 
ATOM   525  C  CD1  . PHE A 1 67  ? 1.764   3.255   -7.505  1.00 17.64 ? 67   PHE X CD1  1 
ATOM   526  C  CD2  . PHE A 1 67  ? 3.553   3.780   -9.022  1.00 17.78 ? 67   PHE X CD2  1 
ATOM   527  C  CE1  . PHE A 1 67  ? 2.671   2.632   -6.646  1.00 17.95 ? 67   PHE X CE1  1 
ATOM   528  C  CE2  . PHE A 1 67  ? 4.463   3.159   -8.169  1.00 18.69 ? 67   PHE X CE2  1 
ATOM   529  C  CZ   . PHE A 1 67  ? 4.017   2.580   -6.981  1.00 18.62 ? 67   PHE X CZ   1 
ATOM   530  N  N    . ASN A 1 68  ? 1.418   7.528   -8.926  1.00 16.90 ? 68   ASN X N    1 
ATOM   531  C  CA   . ASN A 1 68  ? 2.056   8.696   -8.327  1.00 16.98 ? 68   ASN X CA   1 
ATOM   532  C  C    . ASN A 1 68  ? 1.077   9.446   -7.421  1.00 16.53 ? 68   ASN X C    1 
ATOM   533  O  O    . ASN A 1 68  ? 1.432   9.858   -6.321  1.00 16.01 ? 68   ASN X O    1 
ATOM   534  C  CB   . ASN A 1 68  ? 2.613   9.618   -9.422  1.00 17.05 ? 68   ASN X CB   1 
ATOM   535  C  CG   . ASN A 1 68  ? 3.617   10.648  -8.895  1.00 18.56 ? 68   ASN X CG   1 
ATOM   536  O  OD1  . ASN A 1 68  ? 3.556   11.088  -7.741  0.50 19.24 ? 68   ASN X OD1  1 
ATOM   537  N  ND2  . ASN A 1 68  ? 4.546   11.043  -9.757  0.50 18.23 ? 68   ASN X ND2  1 
ATOM   538  N  N    . GLN A 1 69  ? -0.158  9.605   -7.886  1.00 16.19 ? 69   GLN X N    1 
ATOM   539  C  CA   . GLN A 1 69  ? -1.202  10.234  -7.082  1.00 16.29 ? 69   GLN X CA   1 
ATOM   540  C  C    . GLN A 1 69  ? -1.507  9.425   -5.822  1.00 16.40 ? 69   GLN X C    1 
ATOM   541  O  O    . GLN A 1 69  ? -1.682  9.997   -4.739  1.00 16.14 ? 69   GLN X O    1 
ATOM   542  C  CB   . GLN A 1 69  ? -2.471  10.421  -7.912  1.00 16.20 ? 69   GLN X CB   1 
ATOM   543  C  CG   . GLN A 1 69  ? -2.339  11.493  -8.982  1.00 16.04 ? 69   GLN X CG   1 
ATOM   544  C  CD   . GLN A 1 69  ? -3.567  11.620  -9.869  1.00 16.24 ? 69   GLN X CD   1 
ATOM   545  O  OE1  . GLN A 1 69  ? -3.644  12.528  -10.688 1.00 16.80 ? 69   GLN X OE1  1 
ATOM   546  N  NE2  . GLN A 1 69  ? -4.522  10.713  -9.714  1.00 15.42 ? 69   GLN X NE2  1 
ATOM   547  N  N    . ASP A 1 70  ? -1.557  8.100   -5.975  1.00 16.53 ? 70   ASP X N    1 
ATOM   548  C  CA   . ASP A 1 70  ? -1.910  7.196   -4.881  1.00 16.96 ? 70   ASP X CA   1 
ATOM   549  C  C    . ASP A 1 70  ? -0.833  7.201   -3.791  1.00 17.03 ? 70   ASP X C    1 
ATOM   550  O  O    . ASP A 1 70  ? -1.154  7.259   -2.602  1.00 16.79 ? 70   ASP X O    1 
ATOM   551  C  CB   . ASP A 1 70  ? -2.152  5.771   -5.402  1.00 17.21 ? 70   ASP X CB   1 
ATOM   552  C  CG   . ASP A 1 70  ? -3.462  5.634   -6.186  1.00 17.86 ? 70   ASP X CG   1 
ATOM   553  O  OD1  . ASP A 1 70  ? -4.341  6.532   -6.112  1.00 16.44 ? 70   ASP X OD1  1 
ATOM   554  O  OD2  . ASP A 1 70  ? -3.604  4.608   -6.882  1.00 18.62 ? 70   ASP X OD2  1 
ATOM   555  N  N    . VAL A 1 71  ? 0.434   7.162   -4.200  1.00 17.37 ? 71   VAL X N    1 
ATOM   556  C  CA   . VAL A 1 71  ? 1.552   7.246   -3.252  1.00 17.55 ? 71   VAL X CA   1 
ATOM   557  C  C    . VAL A 1 71  ? 1.526   8.584   -2.494  1.00 17.87 ? 71   VAL X C    1 
ATOM   558  O  O    . VAL A 1 71  ? 1.620   8.608   -1.259  1.00 17.16 ? 71   VAL X O    1 
ATOM   559  C  CB   . VAL A 1 71  ? 2.932   7.027   -3.940  1.00 17.87 ? 71   VAL X CB   1 
ATOM   560  C  CG1  . VAL A 1 71  ? 4.064   7.130   -2.927  1.00 18.13 ? 71   VAL X CG1  1 
ATOM   561  C  CG2  . VAL A 1 71  ? 2.990   5.664   -4.643  1.00 17.91 ? 71   VAL X CG2  1 
ATOM   562  N  N    . ASP A 1 72  ? 1.389   9.683   -3.243  1.00 18.02 ? 72   ASP X N    1 
ATOM   563  C  CA   . ASP A 1 72  ? 1.300   11.034  -2.677  1.00 18.49 ? 72   ASP X CA   1 
ATOM   564  C  C    . ASP A 1 72  ? 0.213   11.085  -1.597  1.00 18.50 ? 72   ASP X C    1 
ATOM   565  O  O    . ASP A 1 72  ? 0.488   11.443  -0.448  1.00 18.07 ? 72   ASP X O    1 
ATOM   566  C  CB   . ASP A 1 72  ? 1.022   12.056  -3.799  1.00 18.64 ? 72   ASP X CB   1 
ATOM   567  C  CG   . ASP A 1 72  ? 1.272   13.508  -3.378  1.00 19.06 ? 72   ASP X CG   1 
ATOM   568  O  OD1  . ASP A 1 72  ? 1.629   13.781  -2.211  1.00 18.54 ? 72   ASP X OD1  1 
ATOM   569  O  OD2  . ASP A 1 72  ? 1.107   14.399  -4.237  1.00 20.32 ? 72   ASP X OD2  1 
ATOM   570  N  N    . ALA A 1 73  ? -1.002  10.680  -1.974  1.00 18.71 ? 73   ALA X N    1 
ATOM   571  C  CA   . ALA A 1 73  ? -2.163  10.644  -1.081  1.00 19.09 ? 73   ALA X CA   1 
ATOM   572  C  C    . ALA A 1 73  ? -1.967  9.746   0.146   1.00 19.11 ? 73   ALA X C    1 
ATOM   573  O  O    . ALA A 1 73  ? -2.412  10.087  1.246   1.00 19.11 ? 73   ALA X O    1 
ATOM   574  C  CB   . ALA A 1 73  ? -3.418  10.219  -1.860  1.00 19.32 ? 73   ALA X CB   1 
ATOM   575  N  N    . ALA A 1 74  ? -1.306  8.607   -0.044  1.00 19.07 ? 74   ALA X N    1 
ATOM   576  C  CA   . ALA A 1 74  ? -1.001  7.697   1.061   1.00 18.80 ? 74   ALA X CA   1 
ATOM   577  C  C    . ALA A 1 74  ? -0.111  8.366   2.117   1.00 18.90 ? 74   ALA X C    1 
ATOM   578  O  O    . ALA A 1 74  ? -0.460  8.401   3.305   1.00 18.30 ? 74   ALA X O    1 
ATOM   579  C  CB   . ALA A 1 74  ? -0.349  6.410   0.536   1.00 18.88 ? 74   ALA X CB   1 
ATOM   580  N  N    . VAL A 1 75  ? 1.028   8.906   1.684   1.00 18.64 ? 75   VAL X N    1 
ATOM   581  C  CA   . VAL A 1 75  ? 1.975   9.514   2.628   1.00 19.17 ? 75   VAL X CA   1 
ATOM   582  C  C    . VAL A 1 75  ? 1.391   10.778  3.277   1.00 19.10 ? 75   VAL X C    1 
ATOM   583  O  O    . VAL A 1 75  ? 1.569   10.999  4.480   1.00 19.06 ? 75   VAL X O    1 
ATOM   584  C  CB   . VAL A 1 75  ? 3.397   9.724   2.010   1.00 18.98 ? 75   VAL X CB   1 
ATOM   585  C  CG1  . VAL A 1 75  ? 3.388   10.738  0.848   1.00 19.68 ? 75   VAL X CG1  1 
ATOM   586  C  CG2  . VAL A 1 75  ? 4.399   10.126  3.084   1.00 19.78 ? 75   VAL X CG2  1 
ATOM   587  N  N    . ARG A 1 76  ? 0.663   11.576  2.493   1.00 19.00 ? 76   ARG X N    1 
ATOM   588  C  CA   . ARG A 1 76  ? 0.017   12.783  3.021   1.00 18.99 ? 76   ARG X CA   1 
ATOM   589  C  C    . ARG A 1 76  ? -1.016  12.428  4.091   1.00 18.74 ? 76   ARG X C    1 
ATOM   590  O  O    . ARG A 1 76  ? -1.134  13.132  5.104   1.00 18.56 ? 76   ARG X O    1 
ATOM   591  C  CB   . ARG A 1 76  ? -0.613  13.623  1.908   1.00 19.12 ? 76   ARG X CB   1 
ATOM   592  C  CG   . ARG A 1 76  ? -0.894  15.082  2.309   1.00 19.42 ? 76   ARG X CG   1 
ATOM   593  C  CD   . ARG A 1 76  ? 0.396   15.851  2.635   1.00 19.71 ? 76   ARG X CD   1 
ATOM   594  N  NE   . ARG A 1 76  ? 0.172   17.271  2.914   1.00 19.96 ? 76   ARG X NE   1 
ATOM   595  C  CZ   . ARG A 1 76  ? 0.110   18.219  1.978   1.00 19.39 ? 76   ARG X CZ   1 
ATOM   596  N  NH1  . ARG A 1 76  ? 0.232   17.898  0.695   1.00 18.94 ? 76   ARG X NH1  1 
ATOM   597  N  NH2  . ARG A 1 76  ? -0.086  19.484  2.326   1.00 18.94 ? 76   ARG X NH2  1 
ATOM   598  N  N    . GLY A 1 77  ? -1.726  11.321  3.875   1.00 18.46 ? 77   GLY X N    1 
ATOM   599  C  CA   . GLY A 1 77  ? -2.694  10.796  4.843   1.00 18.24 ? 77   GLY X CA   1 
ATOM   600  C  C    . GLY A 1 77  ? -2.042  10.421  6.162   1.00 18.29 ? 77   GLY X C    1 
ATOM   601  O  O    . GLY A 1 77  ? -2.592  10.695  7.237   1.00 17.99 ? 77   GLY X O    1 
ATOM   602  N  N    . ILE A 1 78  ? -0.869  9.792   6.069   1.00 17.85 ? 78   ILE X N    1 
ATOM   603  C  CA   . ILE A 1 78  ? -0.068  9.445   7.239   1.00 18.10 ? 78   ILE X CA   1 
ATOM   604  C  C    . ILE A 1 78  ? 0.248   10.702  8.062   1.00 18.17 ? 78   ILE X C    1 
ATOM   605  O  O    . ILE A 1 78  ? 0.069   10.708  9.284   1.00 18.28 ? 78   ILE X O    1 
ATOM   606  C  CB   . ILE A 1 78  ? 1.230   8.689   6.843   1.00 17.78 ? 78   ILE X CB   1 
ATOM   607  C  CG1  . ILE A 1 78  ? 0.913   7.259   6.376   1.00 17.90 ? 78   ILE X CG1  1 
ATOM   608  C  CG2  . ILE A 1 78  ? 2.227   8.661   8.006   1.00 17.75 ? 78   ILE X CG2  1 
ATOM   609  C  CD1  . ILE A 1 78  ? 2.108   6.520   5.740   1.00 17.43 ? 78   ILE X CD1  1 
ATOM   610  N  N    . LEU A 1 79  ? 0.688   11.768  7.387   1.00 18.71 ? 79   LEU X N    1 
ATOM   611  C  CA   . LEU A 1 79  ? 1.036   13.022  8.062   1.00 19.17 ? 79   LEU X CA   1 
ATOM   612  C  C    . LEU A 1 79  ? -0.186  13.712  8.692   1.00 19.39 ? 79   LEU X C    1 
ATOM   613  O  O    . LEU A 1 79  ? -0.050  14.462  9.665   1.00 19.00 ? 79   LEU X O    1 
ATOM   614  C  CB   . LEU A 1 79  ? 1.770   13.984  7.108   1.00 19.38 ? 79   LEU X CB   1 
ATOM   615  C  CG   . LEU A 1 79  ? 3.119   13.575  6.498   1.00 20.37 ? 79   LEU X CG   1 
ATOM   616  C  CD1  . LEU A 1 79  ? 3.766   14.784  5.821   1.00 21.07 ? 79   LEU X CD1  1 
ATOM   617  C  CD2  . LEU A 1 79  ? 4.080   12.972  7.534   1.00 20.56 ? 79   LEU X CD2  1 
ATOM   618  N  N    . ARG A 1 80  ? -1.369  13.439  8.141   1.00 19.47 ? 80   ARG X N    1 
ATOM   619  C  CA   . ARG A 1 80  ? -2.619  14.017  8.638   1.00 20.10 ? 80   ARG X CA   1 
ATOM   620  C  C    . ARG A 1 80  ? -3.299  13.147  9.695   1.00 20.46 ? 80   ARG X C    1 
ATOM   621  O  O    . ARG A 1 80  ? -4.335  13.528  10.247  1.00 20.73 ? 80   ARG X O    1 
ATOM   622  C  CB   . ARG A 1 80  ? -3.576  14.300  7.476   1.00 20.10 ? 80   ARG X CB   1 
ATOM   623  C  CG   . ARG A 1 80  ? -3.188  15.514  6.660   1.00 20.81 ? 80   ARG X CG   1 
ATOM   624  C  CD   . ARG A 1 80  ? -3.962  15.586  5.357   1.00 22.34 ? 80   ARG X CD   1 
ATOM   625  N  NE   . ARG A 1 80  ? -3.533  16.735  4.566   1.00 23.95 ? 80   ARG X NE   1 
ATOM   626  C  CZ   . ARG A 1 80  ? -3.712  16.870  3.256   1.00 23.87 ? 80   ARG X CZ   1 
ATOM   627  N  NH1  . ARG A 1 80  ? -4.314  15.915  2.554   1.00 24.35 ? 80   ARG X NH1  1 
ATOM   628  N  NH2  . ARG A 1 80  ? -3.273  17.965  2.647   1.00 23.79 ? 80   ARG X NH2  1 
ATOM   629  N  N    . ASN A 1 81  ? -2.715  11.980  9.970   1.00 20.61 ? 81   ASN X N    1 
ATOM   630  C  CA   . ASN A 1 81  ? -3.234  11.069  10.982  1.00 20.92 ? 81   ASN X CA   1 
ATOM   631  C  C    . ASN A 1 81  ? -2.451  11.229  12.281  1.00 21.02 ? 81   ASN X C    1 
ATOM   632  O  O    . ASN A 1 81  ? -1.253  10.933  12.333  1.00 21.07 ? 81   ASN X O    1 
ATOM   633  C  CB   . ASN A 1 81  ? -3.177  9.619   10.486  1.00 20.86 ? 81   ASN X CB   1 
ATOM   634  C  CG   . ASN A 1 81  ? -3.891  8.646   11.418  1.00 21.35 ? 81   ASN X CG   1 
ATOM   635  O  OD1  . ASN A 1 81  ? -3.603  8.579   12.614  1.00 21.79 ? 81   ASN X OD1  1 
ATOM   636  N  ND2  . ASN A 1 81  ? -4.809  7.868   10.862  1.00 22.30 ? 81   ASN X ND2  1 
ATOM   637  N  N    . ALA A 1 82  ? -3.141  11.683  13.325  1.00 21.33 ? 82   ALA X N    1 
ATOM   638  C  CA   . ALA A 1 82  ? -2.525  11.979  14.624  1.00 21.77 ? 82   ALA X CA   1 
ATOM   639  C  C    . ALA A 1 82  ? -1.772  10.803  15.257  1.00 21.93 ? 82   ALA X C    1 
ATOM   640  O  O    . ALA A 1 82  ? -0.796  11.005  15.984  1.00 22.28 ? 82   ALA X O    1 
ATOM   641  C  CB   . ALA A 1 82  ? -3.571  12.531  15.597  1.00 21.88 ? 82   ALA X CB   1 
ATOM   642  N  N    . LYS A 1 83  ? -2.225  9.583   14.984  1.00 21.95 ? 83   LYS X N    1 
ATOM   643  C  CA   . LYS A 1 83  ? -1.573  8.391   15.520  1.00 21.96 ? 83   LYS X CA   1 
ATOM   644  C  C    . LYS A 1 83  ? -0.354  7.988   14.689  1.00 21.42 ? 83   LYS X C    1 
ATOM   645  O  O    . LYS A 1 83  ? 0.685   7.597   15.239  1.00 21.44 ? 83   LYS X O    1 
ATOM   646  C  CB   . LYS A 1 83  ? -2.557  7.223   15.595  1.00 22.50 ? 83   LYS X CB   1 
ATOM   647  C  CG   . LYS A 1 83  ? -3.797  7.484   16.438  1.00 23.70 ? 83   LYS X CG   1 
ATOM   648  C  CD   . LYS A 1 83  ? -4.665  6.241   16.502  1.00 26.70 ? 83   LYS X CD   1 
ATOM   649  N  N    . LEU A 1 84  ? -0.486  8.090   13.367  1.00 20.38 ? 84   LEU X N    1 
ATOM   650  C  CA   . LEU A 1 84  ? 0.543   7.613   12.444  1.00 19.63 ? 84   LEU X CA   1 
ATOM   651  C  C    . LEU A 1 84  ? 1.712   8.580   12.266  1.00 18.86 ? 84   LEU X C    1 
ATOM   652  O  O    . LEU A 1 84  ? 2.863   8.146   12.166  1.00 18.94 ? 84   LEU X O    1 
ATOM   653  C  CB   . LEU A 1 84  ? -0.071  7.274   11.077  1.00 19.46 ? 84   LEU X CB   1 
ATOM   654  C  CG   . LEU A 1 84  ? -1.221  6.258   11.058  1.00 19.79 ? 84   LEU X CG   1 
ATOM   655  C  CD1  . LEU A 1 84  ? -1.705  6.015   9.627   1.00 18.98 ? 84   LEU X CD1  1 
ATOM   656  C  CD2  . LEU A 1 84  ? -0.819  4.944   11.737  1.00 19.76 ? 84   LEU X CD2  1 
ATOM   657  N  N    . LYS A 1 85  ? 1.416   9.875   12.231  1.00 18.66 ? 85   LYS X N    1 
ATOM   658  C  CA   . LYS A 1 85  ? 2.441   10.902  11.999  1.00 18.45 ? 85   LYS X CA   1 
ATOM   659  C  C    . LYS A 1 85  ? 3.685   10.785  12.909  1.00 18.27 ? 85   LYS X C    1 
ATOM   660  O  O    . LYS A 1 85  ? 4.806   10.753  12.402  1.00 18.45 ? 85   LYS X O    1 
ATOM   661  C  CB   . LYS A 1 85  ? 1.844   12.315  12.075  1.00 18.41 ? 85   LYS X CB   1 
ATOM   662  C  CG   . LYS A 1 85  ? 2.868   13.396  11.816  1.00 19.24 ? 85   LYS X CG   1 
ATOM   663  C  CD   . LYS A 1 85  ? 2.293   14.779  11.978  1.00 20.62 ? 85   LYS X CD   1 
ATOM   664  C  CE   . LYS A 1 85  ? 3.229   15.807  11.375  1.00 20.82 ? 85   LYS X CE   1 
ATOM   665  N  NZ   . LYS A 1 85  ? 2.637   17.162  11.500  1.00 21.95 ? 85   LYS X NZ   1 
ATOM   666  N  N    . PRO A 1 86  ? 3.494   10.728  14.248  1.00 18.28 ? 86   PRO X N    1 
ATOM   667  C  CA   . PRO A 1 86  ? 4.674   10.673  15.121  1.00 18.13 ? 86   PRO X CA   1 
ATOM   668  C  C    . PRO A 1 86  ? 5.551   9.428   14.915  1.00 17.85 ? 86   PRO X C    1 
ATOM   669  O  O    . PRO A 1 86  ? 6.780   9.528   14.993  1.00 17.70 ? 86   PRO X O    1 
ATOM   670  C  CB   . PRO A 1 86  ? 4.080   10.717  16.539  1.00 18.40 ? 86   PRO X CB   1 
ATOM   671  C  CG   . PRO A 1 86  ? 2.680   10.263  16.395  1.00 18.82 ? 86   PRO X CG   1 
ATOM   672  C  CD   . PRO A 1 86  ? 2.241   10.717  15.025  1.00 18.48 ? 86   PRO X CD   1 
ATOM   673  N  N    . VAL A 1 87  ? 4.934   8.282   14.626  1.00 17.53 ? 87   VAL X N    1 
ATOM   674  C  CA   . VAL A 1 87  ? 5.689   7.060   14.336  1.00 17.32 ? 87   VAL X CA   1 
ATOM   675  C  C    . VAL A 1 87  ? 6.441   7.223   13.003  1.00 17.29 ? 87   VAL X C    1 
ATOM   676  O  O    . VAL A 1 87  ? 7.642   6.962   12.925  1.00 17.09 ? 87   VAL X O    1 
ATOM   677  C  CB   . VAL A 1 87  ? 4.793   5.788   14.335  1.00 17.48 ? 87   VAL X CB   1 
ATOM   678  C  CG1  . VAL A 1 87  ? 5.652   4.524   14.221  1.00 16.97 ? 87   VAL X CG1  1 
ATOM   679  C  CG2  . VAL A 1 87  ? 3.932   5.723   15.604  1.00 18.00 ? 87   VAL X CG2  1 
ATOM   680  N  N    . TYR A 1 88  ? 5.737   7.682   11.971  1.00 17.37 ? 88   TYR X N    1 
ATOM   681  C  CA   . TYR A 1 88  ? 6.349   7.922   10.662  1.00 17.57 ? 88   TYR X CA   1 
ATOM   682  C  C    . TYR A 1 88  ? 7.569   8.848   10.770  1.00 17.62 ? 88   TYR X C    1 
ATOM   683  O  O    . TYR A 1 88  ? 8.648   8.531   10.257  1.00 16.97 ? 88   TYR X O    1 
ATOM   684  C  CB   . TYR A 1 88  ? 5.317   8.496   9.675   1.00 17.29 ? 88   TYR X CB   1 
ATOM   685  C  CG   . TYR A 1 88  ? 5.845   8.702   8.268   1.00 18.07 ? 88   TYR X CG   1 
ATOM   686  C  CD1  . TYR A 1 88  ? 5.853   7.653   7.345   1.00 18.49 ? 88   TYR X CD1  1 
ATOM   687  C  CD2  . TYR A 1 88  ? 6.333   9.947   7.857   1.00 18.99 ? 88   TYR X CD2  1 
ATOM   688  C  CE1  . TYR A 1 88  ? 6.340   7.834   6.047   1.00 18.51 ? 88   TYR X CE1  1 
ATOM   689  C  CE2  . TYR A 1 88  ? 6.826   10.133  6.567   1.00 18.52 ? 88   TYR X CE2  1 
ATOM   690  C  CZ   . TYR A 1 88  ? 6.826   9.075   5.669   1.00 18.24 ? 88   TYR X CZ   1 
ATOM   691  O  OH   . TYR A 1 88  ? 7.308   9.252   4.390   1.00 18.66 ? 88   TYR X OH   1 
ATOM   692  N  N    . ASP A 1 89  ? 7.395   9.975   11.454  1.00 17.79 ? 89   ASP X N    1 
ATOM   693  C  CA   . ASP A 1 89  ? 8.465   10.974  11.587  1.00 18.49 ? 89   ASP X CA   1 
ATOM   694  C  C    . ASP A 1 89  ? 9.677   10.456  12.358  1.00 18.11 ? 89   ASP X C    1 
ATOM   695  O  O    . ASP A 1 89  ? 10.798  10.919  12.141  1.00 18.31 ? 89   ASP X O    1 
ATOM   696  C  CB   . ASP A 1 89  ? 7.936   12.271  12.212  1.00 18.58 ? 89   ASP X CB   1 
ATOM   697  C  CG   . ASP A 1 89  ? 7.214   13.159  11.203  1.00 20.08 ? 89   ASP X CG   1 
ATOM   698  O  OD1  . ASP A 1 89  ? 7.424   12.990  9.981   1.00 21.60 ? 89   ASP X OD1  1 
ATOM   699  O  OD2  . ASP A 1 89  ? 6.442   14.037  11.638  1.00 20.77 ? 89   ASP X OD2  1 
ATOM   700  N  N    . SER A 1 90  ? 9.454   9.481   13.239  1.00 17.78 ? 90   SER X N    1 
ATOM   701  C  CA   . SER A 1 90  ? 10.537  8.890   14.023  1.00 17.62 ? 90   SER X CA   1 
ATOM   702  C  C    . SER A 1 90  ? 11.391  7.925   13.188  1.00 17.68 ? 90   SER X C    1 
ATOM   703  O  O    . SER A 1 90  ? 12.530  7.596   13.553  1.00 17.66 ? 90   SER X O    1 
ATOM   704  C  CB   . SER A 1 90  ? 9.975   8.168   15.248  1.00 17.80 ? 90   SER X CB   1 
ATOM   705  O  OG   . SER A 1 90  ? 9.366   6.938   14.887  1.00 17.70 ? 90   SER X OG   1 
ATOM   706  N  N    . LEU A 1 91  ? 10.825  7.459   12.077  1.00 17.06 ? 91   LEU X N    1 
ATOM   707  C  CA   . LEU A 1 91  ? 11.486  6.470   11.237  1.00 17.31 ? 91   LEU X CA   1 
ATOM   708  C  C    . LEU A 1 91  ? 12.510  7.101   10.306  1.00 17.12 ? 91   LEU X C    1 
ATOM   709  O  O    . LEU A 1 91  ? 12.402  8.276   9.951   1.00 17.27 ? 91   LEU X O    1 
ATOM   710  C  CB   . LEU A 1 91  ? 10.454  5.691   10.410  1.00 17.19 ? 91   LEU X CB   1 
ATOM   711  C  CG   . LEU A 1 91  ? 9.431   4.817   11.145  1.00 17.84 ? 91   LEU X CG   1 
ATOM   712  C  CD1  . LEU A 1 91  ? 8.453   4.245   10.137  1.00 17.30 ? 91   LEU X CD1  1 
ATOM   713  C  CD2  . LEU A 1 91  ? 10.115  3.702   11.956  1.00 17.43 ? 91   LEU X CD2  1 
ATOM   714  N  N    . ASP A 1 92  ? 13.503  6.296   9.925   1.00 16.56 ? 92   ASP X N    1 
ATOM   715  C  CA   . ASP A 1 92  ? 14.400  6.578   8.806   1.00 16.32 ? 92   ASP X CA   1 
ATOM   716  C  C    . ASP A 1 92  ? 13.645  6.358   7.491   1.00 16.35 ? 92   ASP X C    1 
ATOM   717  O  O    . ASP A 1 92  ? 12.572  5.755   7.482   1.00 15.31 ? 92   ASP X O    1 
ATOM   718  C  CB   . ASP A 1 92  ? 15.577  5.610   8.855   1.00 16.21 ? 92   ASP X CB   1 
ATOM   719  C  CG   . ASP A 1 92  ? 15.120  4.174   8.838   1.00 16.44 ? 92   ASP X CG   1 
ATOM   720  O  OD1  . ASP A 1 92  ? 14.766  3.659   9.922   1.00 16.46 ? 92   ASP X OD1  1 
ATOM   721  O  OD2  . ASP A 1 92  ? 15.060  3.581   7.738   1.00 14.65 ? 92   ASP X OD2  1 
ATOM   722  N  N    . ALA A 1 93  ? 14.234  6.818   6.386   1.00 16.94 ? 93   ALA X N    1 
ATOM   723  C  CA   . ALA A 1 93  ? 13.589  6.806   5.067   1.00 17.14 ? 93   ALA X CA   1 
ATOM   724  C  C    . ALA A 1 93  ? 13.265  5.408   4.517   1.00 17.17 ? 93   ALA X C    1 
ATOM   725  O  O    . ALA A 1 93  ? 12.258  5.222   3.811   1.00 16.77 ? 93   ALA X O    1 
ATOM   726  C  CB   . ALA A 1 93  ? 14.423  7.595   4.064   1.00 17.68 ? 93   ALA X CB   1 
ATOM   727  N  N    . VAL A 1 94  ? 14.109  4.428   4.820   1.00 17.24 ? 94   VAL X N    1 
ATOM   728  C  CA   . VAL A 1 94  ? 13.841  3.060   4.353   1.00 16.98 ? 94   VAL X CA   1 
ATOM   729  C  C    . VAL A 1 94  ? 12.583  2.521   5.050   1.00 16.90 ? 94   VAL X C    1 
ATOM   730  O  O    . VAL A 1 94  ? 11.658  2.042   4.390   1.00 16.27 ? 94   VAL X O    1 
ATOM   731  C  CB   . VAL A 1 94  ? 15.052  2.102   4.549   1.00 17.39 ? 94   VAL X CB   1 
ATOM   732  C  CG1  . VAL A 1 94  ? 14.719  0.692   4.036   1.00 16.97 ? 94   VAL X CG1  1 
ATOM   733  C  CG2  . VAL A 1 94  ? 16.295  2.642   3.841   1.00 16.98 ? 94   VAL X CG2  1 
ATOM   734  N  N    . ARG A 1 95  ? 12.549  2.627   6.378   1.00 16.44 ? 95   ARG X N    1 
ATOM   735  C  CA   . ARG A 1 95  ? 11.391  2.190   7.158   1.00 16.12 ? 95   ARG X CA   1 
ATOM   736  C  C    . ARG A 1 95  ? 10.127  3.015   6.864   1.00 16.05 ? 95   ARG X C    1 
ATOM   737  O  O    . ARG A 1 95  ? 9.017   2.493   6.944   1.00 15.89 ? 95   ARG X O    1 
ATOM   738  C  CB   . ARG A 1 95  ? 11.714  2.189   8.653   1.00 15.85 ? 95   ARG X CB   1 
ATOM   739  C  CG   . ARG A 1 95  ? 12.711  1.095   9.025   1.00 15.25 ? 95   ARG X CG   1 
ATOM   740  C  CD   . ARG A 1 95  ? 12.950  1.041   10.511  1.00 15.53 ? 95   ARG X CD   1 
ATOM   741  N  NE   . ARG A 1 95  ? 13.801  -0.082  10.903  1.00 14.01 ? 95   ARG X NE   1 
ATOM   742  C  CZ   . ARG A 1 95  ? 15.126  -0.023  11.024  1.00 15.35 ? 95   ARG X CZ   1 
ATOM   743  N  NH1  . ARG A 1 95  ? 15.780  1.102   10.761  1.00 16.17 ? 95   ARG X NH1  1 
ATOM   744  N  NH2  . ARG A 1 95  ? 15.803  -1.101  11.402  1.00 16.46 ? 95   ARG X NH2  1 
ATOM   745  N  N    . ARG A 1 96  ? 10.311  4.293   6.520   1.00 15.87 ? 96   ARG X N    1 
ATOM   746  C  CA   . ARG A 1 96  ? 9.199   5.146   6.064   1.00 16.25 ? 96   ARG X CA   1 
ATOM   747  C  C    . ARG A 1 96  ? 8.505   4.551   4.842   1.00 16.26 ? 96   ARG X C    1 
ATOM   748  O  O    . ARG A 1 96  ? 7.273   4.582   4.751   1.00 16.10 ? 96   ARG X O    1 
ATOM   749  C  CB   . ARG A 1 96  ? 9.674   6.576   5.767   1.00 16.35 ? 96   ARG X CB   1 
ATOM   750  C  CG   . ARG A 1 96  ? 9.848   7.434   7.011   1.00 16.89 ? 96   ARG X CG   1 
ATOM   751  C  CD   . ARG A 1 96  ? 10.359  8.837   6.683   1.00 17.61 ? 96   ARG X CD   1 
ATOM   752  N  NE   . ARG A 1 96  ? 10.650  9.561   7.921   1.00 18.78 ? 96   ARG X NE   1 
ATOM   753  C  CZ   . ARG A 1 96  ? 10.872  10.866  8.008   1.00 19.15 ? 96   ARG X CZ   1 
ATOM   754  N  NH1  . ARG A 1 96  ? 10.832  11.630  6.923   1.00 21.41 ? 96   ARG X NH1  1 
ATOM   755  N  NH2  . ARG A 1 96  ? 11.129  11.414  9.189   1.00 19.62 ? 96   ARG X NH2  1 
ATOM   756  N  N    . ALA A 1 97  ? 9.293   3.995   3.919   1.00 16.27 ? 97   ALA X N    1 
ATOM   757  C  CA   . ALA A 1 97  ? 8.737   3.332   2.735   1.00 16.33 ? 97   ALA X CA   1 
ATOM   758  C  C    . ALA A 1 97  ? 7.890   2.115   3.119   1.00 16.15 ? 97   ALA X C    1 
ATOM   759  O  O    . ALA A 1 97  ? 6.804   1.915   2.581   1.00 16.32 ? 97   ALA X O    1 
ATOM   760  C  CB   . ALA A 1 97  ? 9.836   2.949   1.753   1.00 16.62 ? 97   ALA X CB   1 
ATOM   761  N  N    . ALA A 1 98  ? 8.376   1.321   4.072   1.00 16.01 ? 98   ALA X N    1 
ATOM   762  C  CA   . ALA A 1 98  ? 7.603   0.202   4.615   1.00 15.61 ? 98   ALA X CA   1 
ATOM   763  C  C    . ALA A 1 98  ? 6.251   0.653   5.182   1.00 15.58 ? 98   ALA X C    1 
ATOM   764  O  O    . ALA A 1 98  ? 5.236   -0.006  4.968   1.00 15.31 ? 98   ALA X O    1 
ATOM   765  C  CB   . ALA A 1 98  ? 8.417   -0.550  5.670   1.00 15.56 ? 98   ALA X CB   1 
ATOM   766  N  N    . ALA A 1 99  ? 6.251   1.781   5.892   1.00 15.65 ? 99   ALA X N    1 
ATOM   767  C  CA   . ALA A 1 99  ? 5.036   2.386   6.437   1.00 15.92 ? 99   ALA X CA   1 
ATOM   768  C  C    . ALA A 1 99  ? 4.038   2.773   5.338   1.00 16.01 ? 99   ALA X C    1 
ATOM   769  O  O    . ALA A 1 99  ? 2.849   2.455   5.424   1.00 16.30 ? 99   ALA X O    1 
ATOM   770  C  CB   . ALA A 1 99  ? 5.392   3.603   7.314   1.00 16.09 ? 99   ALA X CB   1 
ATOM   771  N  N    . ILE A 1 100 ? 4.531   3.438   4.298   1.00 16.06 ? 100  ILE X N    1 
ATOM   772  C  CA   . ILE A 1 100 ? 3.692   3.848   3.174   1.00 16.31 ? 100  ILE X CA   1 
ATOM   773  C  C    . ILE A 1 100 ? 3.134   2.626   2.441   1.00 16.19 ? 100  ILE X C    1 
ATOM   774  O  O    . ILE A 1 100 ? 1.976   2.628   2.021   1.00 16.23 ? 100  ILE X O    1 
ATOM   775  C  CB   . ILE A 1 100 ? 4.447   4.797   2.206   1.00 16.35 ? 100  ILE X CB   1 
ATOM   776  C  CG1  . ILE A 1 100 ? 4.893   6.066   2.943   1.00 16.29 ? 100  ILE X CG1  1 
ATOM   777  C  CG2  . ILE A 1 100 ? 3.574   5.155   0.993   1.00 16.32 ? 100  ILE X CG2  1 
ATOM   778  C  CD1  . ILE A 1 100 ? 6.047   6.807   2.274   1.00 13.77 ? 100  ILE X CD1  1 
ATOM   779  N  N    . ASN A 1 101 ? 3.952   1.582   2.315   1.00 16.51 ? 101  ASN X N    1 
ATOM   780  C  CA   . ASN A 1 101 ? 3.531   0.334   1.678   1.00 16.49 ? 101  ASN X CA   1 
ATOM   781  C  C    . ASN A 1 101 ? 2.271   -0.217  2.346   1.00 16.80 ? 101  ASN X C    1 
ATOM   782  O  O    . ASN A 1 101 ? 1.273   -0.491  1.669   1.00 17.21 ? 101  ASN X O    1 
ATOM   783  C  CB   . ASN A 1 101 ? 4.666   -0.702  1.708   1.00 16.48 ? 101  ASN X CB   1 
ATOM   784  C  CG   . ASN A 1 101 ? 4.427   -1.863  0.761   1.00 16.68 ? 101  ASN X CG   1 
ATOM   785  O  OD1  . ASN A 1 101 ? 3.380   -2.510  0.804   1.00 14.79 ? 101  ASN X OD1  1 
ATOM   786  N  ND2  . ASN A 1 101 ? 5.404   -2.133  -0.107  1.00 16.87 ? 101  ASN X ND2  1 
ATOM   787  N  N    . MET A 1 102 ? 2.323   -0.353  3.673   1.00 16.82 ? 102  MET X N    1 
ATOM   788  C  CA   . MET A 1 102 ? 1.181   -0.841  4.455   1.00 17.46 ? 102  MET X CA   1 
ATOM   789  C  C    . MET A 1 102 ? -0.089  -0.013  4.236   1.00 17.38 ? 102  MET X C    1 
ATOM   790  O  O    . MET A 1 102 ? -1.160  -0.572  3.995   1.00 17.14 ? 102  MET X O    1 
ATOM   791  C  CB   . MET A 1 102 ? 1.539   -0.918  5.940   1.00 17.55 ? 102  MET X CB   1 
ATOM   792  C  CG   . MET A 1 102 ? 2.522   -2.035  6.263   1.00 17.74 ? 102  MET X CG   1 
ATOM   793  S  SD   . MET A 1 102 ? 2.780   -2.234  8.028   1.00 18.81 ? 102  MET X SD   1 
ATOM   794  C  CE   . MET A 1 102 ? 1.257   -3.030  8.518   1.00 18.18 ? 102  MET X CE   1 
ATOM   795  N  N    . VAL A 1 103 ? 0.045   1.309   4.296   1.00 17.79 ? 103  VAL X N    1 
ATOM   796  C  CA   . VAL A 1 103 ? -1.089  2.222   4.109   1.00 18.77 ? 103  VAL X CA   1 
ATOM   797  C  C    . VAL A 1 103 ? -1.652  2.151   2.680   1.00 18.81 ? 103  VAL X C    1 
ATOM   798  O  O    . VAL A 1 103 ? -2.867  2.185   2.483   1.00 19.12 ? 103  VAL X O    1 
ATOM   799  C  CB   . VAL A 1 103 ? -0.730  3.666   4.536   1.00 18.67 ? 103  VAL X CB   1 
ATOM   800  C  CG1  . VAL A 1 103 ? -1.839  4.654   4.166   1.00 20.38 ? 103  VAL X CG1  1 
ATOM   801  C  CG2  . VAL A 1 103 ? -0.475  3.704   6.053   1.00 18.95 ? 103  VAL X CG2  1 
ATOM   802  N  N    . PHE A 1 104 ? -0.767  2.034   1.694   1.00 19.01 ? 104  PHE X N    1 
ATOM   803  C  CA   . PHE A 1 104 ? -1.190  1.824   0.304   1.00 19.25 ? 104  PHE X CA   1 
ATOM   804  C  C    . PHE A 1 104 ? -2.093  0.587   0.213   1.00 19.90 ? 104  PHE X C    1 
ATOM   805  O  O    . PHE A 1 104 ? -3.176  0.637   -0.379  1.00 19.77 ? 104  PHE X O    1 
ATOM   806  C  CB   . PHE A 1 104 ? 0.035   1.664   -0.601  1.00 19.03 ? 104  PHE X CB   1 
ATOM   807  C  CG   . PHE A 1 104 ? -0.268  1.763   -2.071  1.00 18.85 ? 104  PHE X CG   1 
ATOM   808  C  CD1  . PHE A 1 104 ? -0.712  0.653   -2.787  1.00 19.25 ? 104  PHE X CD1  1 
ATOM   809  C  CD2  . PHE A 1 104 ? -0.087  2.967   -2.745  1.00 19.59 ? 104  PHE X CD2  1 
ATOM   810  C  CE1  . PHE A 1 104 ? -0.988  0.745   -4.156  1.00 19.12 ? 104  PHE X CE1  1 
ATOM   811  C  CE2  . PHE A 1 104 ? -0.352  3.073   -4.107  1.00 19.04 ? 104  PHE X CE2  1 
ATOM   812  C  CZ   . PHE A 1 104 ? -0.808  1.959   -4.815  1.00 19.87 ? 104  PHE X CZ   1 
ATOM   813  N  N    . GLN A 1 105 ? -1.654  -0.509  0.828   1.00 20.38 ? 105  GLN X N    1 
ATOM   814  C  CA   . GLN A 1 105 ? -2.374  -1.780  0.742   1.00 21.37 ? 105  GLN X CA   1 
ATOM   815  C  C    . GLN A 1 105 ? -3.674  -1.810  1.555   1.00 22.27 ? 105  GLN X C    1 
ATOM   816  O  O    . GLN A 1 105 ? -4.715  -2.248  1.059   1.00 22.08 ? 105  GLN X O    1 
ATOM   817  C  CB   . GLN A 1 105 ? -1.461  -2.939  1.155   1.00 21.03 ? 105  GLN X CB   1 
ATOM   818  C  CG   . GLN A 1 105 ? -2.073  -4.325  0.946   1.00 20.29 ? 105  GLN X CG   1 
ATOM   819  C  CD   . GLN A 1 105 ? -1.228  -5.449  1.520   1.00 19.33 ? 105  GLN X CD   1 
ATOM   820  O  OE1  . GLN A 1 105 ? -0.116  -5.230  1.998   1.00 19.46 ? 105  GLN X OE1  1 
ATOM   821  N  NE2  . GLN A 1 105 ? -1.760  -6.668  1.472   1.00 19.18 ? 105  GLN X NE2  1 
ATOM   822  N  N    . MET A 1 106 ? -3.604  -1.343  2.798   1.00 23.32 ? 106  MET X N    1 
ATOM   823  C  CA   . MET A 1 106 ? -4.688  -1.533  3.759   1.00 25.02 ? 106  MET X CA   1 
ATOM   824  C  C    . MET A 1 106 ? -5.528  -0.294  4.025   1.00 25.45 ? 106  MET X C    1 
ATOM   825  O  O    . MET A 1 106 ? -6.641  -0.405  4.542   1.00 25.65 ? 106  MET X O    1 
ATOM   826  C  CB   . MET A 1 106 ? -4.127  -2.044  5.089   1.00 25.28 ? 106  MET X CB   1 
ATOM   827  C  CG   . MET A 1 106 ? -3.758  -3.503  5.086   1.00 28.12 ? 106  MET X CG   1 
ATOM   828  S  SD   . MET A 1 106 ? -2.870  -3.931  6.587   1.00 34.18 ? 106  MET X SD   1 
ATOM   829  C  CE   . MET A 1 106 ? -1.216  -3.413  6.141   1.00 31.59 ? 106  MET X CE   1 
ATOM   830  N  N    . GLY A 1 107 ? -4.997  0.878   3.686   1.00 26.22 ? 107  GLY X N    1 
ATOM   831  C  CA   . GLY A 1 107 ? -5.596  2.145   4.099   1.00 27.12 ? 107  GLY X CA   1 
ATOM   832  C  C    . GLY A 1 107 ? -5.319  2.432   5.566   1.00 27.93 ? 107  GLY X C    1 
ATOM   833  O  O    . GLY A 1 107 ? -4.699  1.619   6.270   1.00 27.78 ? 107  GLY X O    1 
ATOM   834  N  N    . GLU A 1 108 ? -5.784  3.587   6.033   1.00 28.54 ? 108  GLU X N    1 
ATOM   835  C  CA   . GLU A 1 108 ? -5.620  3.983   7.432   1.00 29.50 ? 108  GLU X CA   1 
ATOM   836  C  C    . GLU A 1 108 ? -6.517  3.190   8.382   1.00 30.05 ? 108  GLU X C    1 
ATOM   837  O  O    . GLU A 1 108 ? -6.120  2.888   9.513   1.00 30.28 ? 108  GLU X O    1 
ATOM   838  C  CB   . GLU A 1 108 ? -5.848  5.483   7.591   1.00 29.48 ? 108  GLU X CB   1 
ATOM   839  C  CG   . GLU A 1 108 ? -4.684  6.304   7.056   1.00 29.38 ? 108  GLU X CG   1 
ATOM   840  C  CD   . GLU A 1 108 ? -4.948  7.787   7.069   1.00 29.26 ? 108  GLU X CD   1 
ATOM   841  O  OE1  . GLU A 1 108 ? -5.557  8.290   8.042   1.00 28.79 ? 108  GLU X OE1  1 
ATOM   842  O  OE2  . GLU A 1 108 ? -4.529  8.455   6.102   1.00 30.58 ? 108  GLU X OE2  1 
ATOM   843  N  N    . THR A 1 109 ? -7.714  2.845   7.910   1.00 30.69 ? 109  THR X N    1 
ATOM   844  C  CA   . THR A 1 109 ? -8.628  1.975   8.656   1.00 31.30 ? 109  THR X CA   1 
ATOM   845  C  C    . THR A 1 109 ? -8.007  0.592   8.865   1.00 31.26 ? 109  THR X C    1 
ATOM   846  O  O    . THR A 1 109 ? -8.123  0.003   9.948   1.00 31.51 ? 109  THR X O    1 
ATOM   847  C  CB   . THR A 1 109 ? -10.006 1.829   7.954   1.00 31.47 ? 109  THR X CB   1 
ATOM   848  O  OG1  . THR A 1 109 ? -9.877  1.025   6.769   1.00 32.94 ? 109  THR X OG1  1 
ATOM   849  C  CG2  . THR A 1 109 ? -10.576 3.193   7.591   1.00 31.70 ? 109  THR X CG2  1 
ATOM   850  N  N    . GLY A 1 110 ? -7.330  0.100   7.825   0.50 30.87 ? 110  GLY X N    1 
ATOM   851  C  CA   . GLY A 1 110 ? -6.689  -1.211  7.838   0.50 30.46 ? 110  GLY X CA   1 
ATOM   852  C  C    . GLY A 1 110 ? -5.517  -1.338  8.794   0.50 30.23 ? 110  GLY X C    1 
ATOM   853  O  O    . GLY A 1 110 ? -5.119  -2.449  9.145   0.50 30.08 ? 110  GLY X O    1 
ATOM   854  N  N    . VAL A 1 111 ? -4.957  -0.209  9.221   0.50 29.81 ? 111  VAL X N    1 
ATOM   855  C  CA   . VAL A 1 111 ? -3.823  -0.240  10.150  0.50 29.58 ? 111  VAL X CA   1 
ATOM   856  C  C    . VAL A 1 111 ? -4.148  0.283   11.560  0.50 29.36 ? 111  VAL X C    1 
ATOM   857  O  O    . VAL A 1 111 ? -3.250  0.473   12.383  0.50 29.22 ? 111  VAL X O    1 
ATOM   858  C  CB   . VAL A 1 111 ? -2.549  0.453   9.567   0.50 29.53 ? 111  VAL X CB   1 
ATOM   859  C  CG1  . VAL A 1 111 ? -2.019  -0.320  8.362   0.50 29.44 ? 111  VAL X CG1  1 
ATOM   860  C  CG2  . VAL A 1 111 ? -2.823  1.905   9.203   0.50 29.58 ? 111  VAL X CG2  1 
ATOM   861  N  N    . ALA A 1 112 ? -5.432  0.498   11.837  1.00 29.19 ? 112  ALA X N    1 
ATOM   862  C  CA   . ALA A 1 112 ? -5.879  1.002   13.136  0.50 28.78 ? 112  ALA X CA   1 
ATOM   863  C  C    . ALA A 1 112 ? -5.753  -0.021  14.278  1.00 28.60 ? 112  ALA X C    1 
ATOM   864  O  O    . ALA A 1 112 ? -5.786  0.347   15.455  1.00 29.02 ? 112  ALA X O    1 
ATOM   865  C  CB   . ALA A 1 112 ? -7.312  1.516   13.034  1.00 29.09 ? 112  ALA X CB   1 
ATOM   866  N  N    . GLY A 1 113 ? -5.619  -1.301  13.929  0.50 27.61 ? 113  GLY X N    1 
ATOM   867  C  CA   . GLY A 1 113 ? -5.411  -2.357  14.924  1.00 26.37 ? 113  GLY X CA   1 
ATOM   868  C  C    . GLY A 1 113 ? -3.941  -2.584  15.241  1.00 25.52 ? 113  GLY X C    1 
ATOM   869  O  O    . GLY A 1 113 ? -3.601  -3.411  16.087  1.00 25.45 ? 113  GLY X O    1 
ATOM   870  N  N    . PHE A 1 114 ? -3.069  -1.830  14.569  1.00 24.66 ? 114  PHE X N    1 
ATOM   871  C  CA   . PHE A 1 114 ? -1.619  -1.996  14.699  1.00 23.91 ? 114  PHE X CA   1 
ATOM   872  C  C    . PHE A 1 114 ? -0.978  -1.118  15.781  1.00 23.39 ? 114  PHE X C    1 
ATOM   873  O  O    . PHE A 1 114 ? 0.234   -0.887  15.757  1.00 23.40 ? 114  PHE X O    1 
ATOM   874  C  CB   . PHE A 1 114 ? -0.943  -1.766  13.341  1.00 23.86 ? 114  PHE X CB   1 
ATOM   875  C  CG   . PHE A 1 114 ? -1.108  -2.910  12.380  1.00 23.89 ? 114  PHE X CG   1 
ATOM   876  C  CD1  . PHE A 1 114 ? -2.274  -3.049  11.631  1.00 24.70 ? 114  PHE X CD1  1 
ATOM   877  C  CD2  . PHE A 1 114 ? -0.096  -3.850  12.222  1.00 23.86 ? 114  PHE X CD2  1 
ATOM   878  C  CE1  . PHE A 1 114 ? -2.430  -4.112  10.746  1.00 23.80 ? 114  PHE X CE1  1 
ATOM   879  C  CE2  . PHE A 1 114 ? -0.240  -4.913  11.339  1.00 24.55 ? 114  PHE X CE2  1 
ATOM   880  C  CZ   . PHE A 1 114 ? -1.407  -5.044  10.598  1.00 23.70 ? 114  PHE X CZ   1 
ATOM   881  N  N    . THR A 1 115 ? -1.798  -0.660  16.731  1.00 22.84 ? 115  THR X N    1 
ATOM   882  C  CA   . THR A 1 115 ? -1.384  0.198   17.852  1.00 22.19 ? 115  THR X CA   1 
ATOM   883  C  C    . THR A 1 115 ? -0.106  -0.281  18.552  1.00 21.61 ? 115  THR X C    1 
ATOM   884  O  O    . THR A 1 115 ? 0.825   0.502   18.767  1.00 21.13 ? 115  THR X O    1 
ATOM   885  C  CB   . THR A 1 115 ? -2.530  0.323   18.896  1.00 22.61 ? 115  THR X CB   1 
ATOM   886  O  OG1  . THR A 1 115 ? -3.692  0.881   18.271  1.00 23.38 ? 115  THR X OG1  1 
ATOM   887  C  CG2  . THR A 1 115 ? -2.125  1.199   20.077  1.00 23.47 ? 115  THR X CG2  1 
ATOM   888  N  N    . ASN A 1 116 ? -0.067  -1.565  18.895  1.00 20.59 ? 116  ASN X N    1 
ATOM   889  C  CA   . ASN A 1 116 ? 1.076   -2.139  19.604  1.00 20.06 ? 116  ASN X CA   1 
ATOM   890  C  C    . ASN A 1 116 ? 2.328   -2.235  18.738  1.00 19.49 ? 116  ASN X C    1 
ATOM   891  O  O    . ASN A 1 116 ? 3.428   -1.965  19.218  1.00 18.95 ? 116  ASN X O    1 
ATOM   892  C  CB   . ASN A 1 116 ? 0.706   -3.491  20.229  1.00 20.22 ? 116  ASN X CB   1 
ATOM   893  C  CG   . ASN A 1 116 ? -0.473  -3.380  21.194  1.00 20.69 ? 116  ASN X CG   1 
ATOM   894  O  OD1  . ASN A 1 116 ? -0.543  -2.453  22.002  1.00 21.67 ? 116  ASN X OD1  1 
ATOM   895  N  ND2  . ASN A 1 116 ? -1.408  -4.321  21.105  1.00 20.12 ? 116  ASN X ND2  1 
ATOM   896  N  N    . SER A 1 117 ? 2.154   -2.596  17.464  1.00 18.89 ? 117  SER X N    1 
ATOM   897  C  CA   . SER A 1 117 ? 3.261   -2.575  16.492  1.00 18.86 ? 117  SER X CA   1 
ATOM   898  C  C    . SER A 1 117 ? 3.827   -1.165  16.333  1.00 18.56 ? 117  SER X C    1 
ATOM   899  O  O    . SER A 1 117 ? 5.046   -0.972  16.310  1.00 18.38 ? 117  SER X O    1 
ATOM   900  C  CB   . SER A 1 117 ? 2.805   -3.097  15.127  1.00 19.06 ? 117  SER X CB   1 
ATOM   901  O  OG   . SER A 1 117 ? 2.590   -4.499  15.147  1.00 20.65 ? 117  SER X OG   1 
ATOM   902  N  N    . LEU A 1 118 ? 2.926   -0.188  16.227  1.00 18.16 ? 118  LEU X N    1 
ATOM   903  C  CA   . LEU A 1 118 ? 3.301   1.218   16.087  1.00 18.10 ? 118  LEU X CA   1 
ATOM   904  C  C    . LEU A 1 118 ? 4.153   1.700   17.255  1.00 17.74 ? 118  LEU X C    1 
ATOM   905  O  O    . LEU A 1 118 ? 5.145   2.401   17.056  1.00 17.47 ? 118  LEU X O    1 
ATOM   906  C  CB   . LEU A 1 118 ? 2.050   2.090   15.956  1.00 17.86 ? 118  LEU X CB   1 
ATOM   907  C  CG   . LEU A 1 118 ? 1.343   2.096   14.603  1.00 18.72 ? 118  LEU X CG   1 
ATOM   908  C  CD1  . LEU A 1 118 ? -0.113  2.506   14.794  1.00 19.18 ? 118  LEU X CD1  1 
ATOM   909  C  CD2  . LEU A 1 118 ? 2.049   3.047   13.632  1.00 19.18 ? 118  LEU X CD2  1 
ATOM   910  N  N    . ARG A 1 119 ? 3.759   1.325   18.471  1.00 17.88 ? 119  ARG X N    1 
ATOM   911  C  CA   . ARG A 1 119 ? 4.521   1.679   19.661  1.00 18.19 ? 119  ARG X CA   1 
ATOM   912  C  C    . ARG A 1 119 ? 5.935   1.090   19.597  1.00 17.80 ? 119  ARG X C    1 
ATOM   913  O  O    . ARG A 1 119 ? 6.912   1.804   19.818  1.00 17.10 ? 119  ARG X O    1 
ATOM   914  C  CB   . ARG A 1 119 ? 3.791   1.246   20.943  1.00 18.49 ? 119  ARG X CB   1 
ATOM   915  C  CG   . ARG A 1 119 ? 4.429   1.786   22.230  1.00 20.95 ? 119  ARG X CG   1 
ATOM   916  C  CD   . ARG A 1 119 ? 3.805   1.175   23.471  1.00 24.73 ? 119  ARG X CD   1 
ATOM   917  N  NE   . ARG A 1 119 ? 4.007   -0.274  23.516  1.00 27.60 ? 119  ARG X NE   1 
ATOM   918  C  CZ   . ARG A 1 119 ? 3.075   -1.173  23.206  1.00 28.96 ? 119  ARG X CZ   1 
ATOM   919  N  NH1  . ARG A 1 119 ? 3.362   -2.466  23.268  1.00 30.27 ? 119  ARG X NH1  1 
ATOM   920  N  NH2  . ARG A 1 119 ? 1.857   -0.785  22.839  1.00 29.03 ? 119  ARG X NH2  1 
ATOM   921  N  N    . MET A 1 120 ? 6.026   -0.196  19.256  1.00 17.49 ? 120  MET X N    1 
ATOM   922  C  CA   . MET A 1 120 ? 7.307   -0.900  19.162  1.00 18.13 ? 120  MET X CA   1 
ATOM   923  C  C    . MET A 1 120 ? 8.225   -0.303  18.085  1.00 17.96 ? 120  MET X C    1 
ATOM   924  O  O    . MET A 1 120 ? 9.433   -0.214  18.272  1.00 17.77 ? 120  MET X O    1 
ATOM   925  C  CB   . MET A 1 120 ? 7.082   -2.385  18.897  1.00 18.04 ? 120  MET X CB   1 
ATOM   926  C  CG   . MET A 1 120 ? 6.404   -3.121  20.040  1.00 19.62 ? 120  MET X CG   1 
ATOM   927  S  SD   . MET A 1 120 ? 6.184   -4.858  19.649  1.00 21.26 ? 120  MET X SD   1 
ATOM   928  C  CE   . MET A 1 120 ? 4.938   -5.332  20.850  1.00 22.12 ? 120  MET X CE   1 
ATOM   929  N  N    . LEU A 1 121 ? 7.635   0.106   16.966  1.00 17.98 ? 121  LEU X N    1 
ATOM   930  C  CA   . LEU A 1 121 ? 8.371   0.792   15.904  1.00 18.42 ? 121  LEU X CA   1 
ATOM   931  C  C    . LEU A 1 121 ? 8.913   2.155   16.361  1.00 18.56 ? 121  LEU X C    1 
ATOM   932  O  O    . LEU A 1 121 ? 10.088  2.464   16.125  1.00 18.72 ? 121  LEU X O    1 
ATOM   933  C  CB   . LEU A 1 121 ? 7.515   0.928   14.633  1.00 18.32 ? 121  LEU X CB   1 
ATOM   934  C  CG   . LEU A 1 121 ? 7.209   -0.345  13.823  1.00 18.47 ? 121  LEU X CG   1 
ATOM   935  C  CD1  . LEU A 1 121 ? 6.150   -0.077  12.755  1.00 19.50 ? 121  LEU X CD1  1 
ATOM   936  C  CD2  . LEU A 1 121 ? 8.465   -0.966  13.192  1.00 19.74 ? 121  LEU X CD2  1 
ATOM   937  N  N    . GLN A 1 122 ? 8.076   2.961   17.020  1.00 18.61 ? 122  GLN X N    1 
ATOM   938  C  CA   . GLN A 1 122 ? 8.542   4.256   17.546  1.00 19.35 ? 122  GLN X CA   1 
ATOM   939  C  C    . GLN A 1 122 ? 9.656   4.056   18.579  1.00 18.95 ? 122  GLN X C    1 
ATOM   940  O  O    . GLN A 1 122 ? 10.584  4.866   18.677  1.00 18.53 ? 122  GLN X O    1 
ATOM   941  C  CB   . GLN A 1 122 ? 7.400   5.107   18.122  1.00 19.71 ? 122  GLN X CB   1 
ATOM   942  C  CG   . GLN A 1 122 ? 7.814   6.568   18.381  1.00 22.13 ? 122  GLN X CG   1 
ATOM   943  C  CD   . GLN A 1 122 ? 6.649   7.539   18.536  1.00 25.59 ? 122  GLN X CD   1 
ATOM   944  O  OE1  . GLN A 1 122 ? 5.546   7.307   18.034  1.00 27.73 ? 122  GLN X OE1  1 
ATOM   945  N  NE2  . GLN A 1 122 ? 6.901   8.649   19.220  1.00 26.62 ? 122  GLN X NE2  1 
ATOM   946  N  N    . GLN A 1 123 ? 9.559   2.959   19.327  1.00 18.63 ? 123  GLN X N    1 
ATOM   947  C  CA   . GLN A 1 123 ? 10.558  2.611   20.336  1.00 18.76 ? 123  GLN X CA   1 
ATOM   948  C  C    . GLN A 1 123 ? 11.824  2.056   19.708  1.00 18.19 ? 123  GLN X C    1 
ATOM   949  O  O    . GLN A 1 123 ? 12.837  1.904   20.397  1.00 18.47 ? 123  GLN X O    1 
ATOM   950  C  CB   . GLN A 1 123 ? 9.998   1.570   21.303  1.00 18.72 ? 123  GLN X CB   1 
ATOM   951  C  CG   . GLN A 1 123 ? 8.919   2.085   22.229  1.00 20.59 ? 123  GLN X CG   1 
ATOM   952  C  CD   . GLN A 1 123 ? 8.405   1.003   23.155  1.00 22.66 ? 123  GLN X CD   1 
ATOM   953  O  OE1  . GLN A 1 123 ? 8.471   1.138   24.376  1.00 25.51 ? 123  GLN X OE1  1 
ATOM   954  N  NE2  . GLN A 1 123 ? 7.903   -0.085  22.582  1.00 22.91 ? 123  GLN X NE2  1 
ATOM   955  N  N    . LYS A 1 124 ? 11.751  1.736   18.412  1.00 17.65 ? 124  LYS X N    1 
ATOM   956  C  CA   . LYS A 1 124 ? 12.862  1.140   17.653  1.00 17.25 ? 124  LYS X CA   1 
ATOM   957  C  C    . LYS A 1 124 ? 13.251  -0.249  18.170  1.00 17.32 ? 124  LYS X C    1 
ATOM   958  O  O    . LYS A 1 124 ? 14.417  -0.656  18.097  1.00 17.07 ? 124  LYS X O    1 
ATOM   959  C  CB   . LYS A 1 124 ? 14.085  2.081   17.597  1.00 17.38 ? 124  LYS X CB   1 
ATOM   960  C  CG   . LYS A 1 124 ? 13.760  3.474   17.060  1.00 17.20 ? 124  LYS X CG   1 
ATOM   961  C  CD   . LYS A 1 124 ? 15.011  4.196   16.554  1.00 16.36 ? 124  LYS X CD   1 
ATOM   962  C  CE   . LYS A 1 124 ? 14.660  5.581   16.016  1.00 16.13 ? 124  LYS X CE   1 
ATOM   963  N  NZ   . LYS A 1 124 ? 13.827  5.482   14.771  1.00 16.10 ? 124  LYS X NZ   1 
ATOM   964  N  N    . ARG A 1 125 ? 12.255  -0.964  18.694  1.00 17.20 ? 125  ARG X N    1 
ATOM   965  C  CA   . ARG A 1 125 ? 12.405  -2.345  19.112  1.00 17.65 ? 125  ARG X CA   1 
ATOM   966  C  C    . ARG A 1 125 ? 12.078  -3.208  17.897  1.00 17.68 ? 125  ARG X C    1 
ATOM   967  O  O    . ARG A 1 125 ? 10.994  -3.776  17.800  1.00 17.56 ? 125  ARG X O    1 
ATOM   968  C  CB   . ARG A 1 125 ? 11.478  -2.639  20.300  1.00 17.68 ? 125  ARG X CB   1 
ATOM   969  C  CG   . ARG A 1 125 ? 11.884  -1.884  21.563  1.00 18.73 ? 125  ARG X CG   1 
ATOM   970  C  CD   . ARG A 1 125 ? 10.827  -1.955  22.653  1.00 21.40 ? 125  ARG X CD   1 
ATOM   971  N  NE   . ARG A 1 125 ? 11.290  -1.272  23.861  1.00 23.68 ? 125  ARG X NE   1 
ATOM   972  C  CZ   . ARG A 1 125 ? 10.771  -1.429  25.077  1.00 25.61 ? 125  ARG X CZ   1 
ATOM   973  N  NH1  . ARG A 1 125 ? 9.754   -2.257  25.277  1.00 26.59 ? 125  ARG X NH1  1 
ATOM   974  N  NH2  . ARG A 1 125 ? 11.280  -0.758  26.104  1.00 26.90 ? 125  ARG X NH2  1 
ATOM   975  N  N    . TRP A 1 126 ? 13.036  -3.283  16.975  1.00 17.76 ? 126  TRP X N    1 
ATOM   976  C  CA   . TRP A 1 126 ? 12.781  -3.743  15.612  1.00 17.99 ? 126  TRP X CA   1 
ATOM   977  C  C    . TRP A 1 126 ? 12.349  -5.198  15.507  1.00 18.02 ? 126  TRP X C    1 
ATOM   978  O  O    . TRP A 1 126 ? 11.419  -5.509  14.763  1.00 17.79 ? 126  TRP X O    1 
ATOM   979  C  CB   . TRP A 1 126 ? 13.994  -3.492  14.718  1.00 17.75 ? 126  TRP X CB   1 
ATOM   980  C  CG   . TRP A 1 126 ? 14.428  -2.044  14.645  1.00 18.06 ? 126  TRP X CG   1 
ATOM   981  C  CD1  . TRP A 1 126 ? 15.686  -1.562  14.865  1.00 17.34 ? 126  TRP X CD1  1 
ATOM   982  C  CD2  . TRP A 1 126 ? 13.609  -0.905  14.334  1.00 17.67 ? 126  TRP X CD2  1 
ATOM   983  N  NE1  . TRP A 1 126 ? 15.707  -0.195  14.707  1.00 17.84 ? 126  TRP X NE1  1 
ATOM   984  C  CE2  . TRP A 1 126 ? 14.449  0.235   14.376  1.00 18.31 ? 126  TRP X CE2  1 
ATOM   985  C  CE3  . TRP A 1 126 ? 12.254  -0.733  14.014  1.00 17.59 ? 126  TRP X CE3  1 
ATOM   986  C  CZ2  . TRP A 1 126 ? 13.980  1.527   14.108  1.00 18.62 ? 126  TRP X CZ2  1 
ATOM   987  C  CZ3  . TRP A 1 126 ? 11.783  0.559   13.755  1.00 18.13 ? 126  TRP X CZ3  1 
ATOM   988  C  CH2  . TRP A 1 126 ? 12.647  1.670   13.806  1.00 18.95 ? 126  TRP X CH2  1 
ATOM   989  N  N    . ASP A 1 127 ? 13.035  -6.076  16.236  1.00 18.22 ? 127  ASP X N    1 
ATOM   990  C  CA   . ASP A 1 127 ? 12.701  -7.503  16.258  1.00 18.70 ? 127  ASP X CA   1 
ATOM   991  C  C    . ASP A 1 127 ? 11.336  -7.762  16.883  1.00 18.56 ? 127  ASP X C    1 
ATOM   992  O  O    . ASP A 1 127 ? 10.547  -8.536  16.343  1.00 18.39 ? 127  ASP X O    1 
ATOM   993  C  CB   . ASP A 1 127 ? 13.772  -8.308  16.998  1.00 18.63 ? 127  ASP X CB   1 
ATOM   994  C  CG   . ASP A 1 127 ? 14.993  -8.586  16.141  1.00 19.46 ? 127  ASP X CG   1 
ATOM   995  O  OD1  . ASP A 1 127 ? 15.317  -7.774  15.251  1.00 20.06 ? 127  ASP X OD1  1 
ATOM   996  O  OD2  . ASP A 1 127 ? 15.640  -9.625  16.362  1.00 20.66 ? 127  ASP X OD2  1 
ATOM   997  N  N    . GLU A 1 128 ? 11.068  -7.113  18.016  1.00 18.71 ? 128  GLU X N    1 
ATOM   998  C  CA   . GLU A 1 128 ? 9.766   -7.217  18.680  1.00 19.11 ? 128  GLU X CA   1 
ATOM   999  C  C    . GLU A 1 128 ? 8.636   -6.712  17.786  1.00 18.53 ? 128  GLU X C    1 
ATOM   1000 O  O    . GLU A 1 128 ? 7.604   -7.372  17.662  1.00 18.36 ? 128  GLU X O    1 
ATOM   1001 C  CB   . GLU A 1 128 ? 9.764   -6.475  20.017  1.00 19.60 ? 128  GLU X CB   1 
ATOM   1002 C  CG   . GLU A 1 128 ? 10.666  -7.121  21.065  1.00 21.98 ? 128  GLU X CG   1 
ATOM   1003 C  CD   . GLU A 1 128 ? 10.756  -6.300  22.328  1.00 26.50 ? 128  GLU X CD   1 
ATOM   1004 O  OE1  . GLU A 1 128 ? 9.886   -6.466  23.209  1.00 29.18 ? 128  GLU X OE1  1 
ATOM   1005 O  OE2  . GLU A 1 128 ? 11.704  -5.499  22.448  1.00 28.45 ? 128  GLU X OE2  1 
ATOM   1006 N  N    . ALA A 1 129 ? 8.846   -5.554  17.158  1.00 18.33 ? 129  ALA X N    1 
ATOM   1007 C  CA   . ALA A 1 129 ? 7.876   -4.994  16.215  1.00 17.77 ? 129  ALA X CA   1 
ATOM   1008 C  C    . ALA A 1 129 ? 7.564   -5.983  15.091  1.00 17.62 ? 129  ALA X C    1 
ATOM   1009 O  O    . ALA A 1 129 ? 6.399   -6.221  14.783  1.00 17.43 ? 129  ALA X O    1 
ATOM   1010 C  CB   . ALA A 1 129 ? 8.372   -3.667  15.650  1.00 18.24 ? 129  ALA X CB   1 
ATOM   1011 N  N    . ALA A 1 130 ? 8.615   -6.568  14.515  1.00 17.40 ? 130  ALA X N    1 
ATOM   1012 C  CA   . ALA A 1 130 ? 8.508   -7.553  13.436  1.00 17.69 ? 130  ALA X CA   1 
ATOM   1013 C  C    . ALA A 1 130 ? 7.667   -8.777  13.838  1.00 17.85 ? 130  ALA X C    1 
ATOM   1014 O  O    . ALA A 1 130 ? 6.839   -9.252  13.056  1.00 17.65 ? 130  ALA X O    1 
ATOM   1015 C  CB   . ALA A 1 130 ? 9.906   -7.985  12.981  1.00 17.48 ? 130  ALA X CB   1 
ATOM   1016 N  N    . VAL A 1 131 ? 7.896   -9.283  15.051  1.00 17.89 ? 131  VAL X N    1 
ATOM   1017 C  CA   . VAL A 1 131 ? 7.087   -10.371 15.615  1.00 17.71 ? 131  VAL X CA   1 
ATOM   1018 C  C    . VAL A 1 131 ? 5.606   -9.949  15.765  1.00 17.76 ? 131  VAL X C    1 
ATOM   1019 O  O    . VAL A 1 131 ? 4.690   -10.681 15.362  1.00 17.55 ? 131  VAL X O    1 
ATOM   1020 C  CB   . VAL A 1 131 ? 7.686   -10.874 16.971  1.00 17.67 ? 131  VAL X CB   1 
ATOM   1021 C  CG1  . VAL A 1 131 ? 6.731   -11.824 17.698  1.00 17.31 ? 131  VAL X CG1  1 
ATOM   1022 C  CG2  . VAL A 1 131 ? 9.041   -11.551 16.745  1.00 17.93 ? 131  VAL X CG2  1 
ATOM   1023 N  N    . ASN A 1 132 ? 5.389   -8.763  16.329  1.00 17.69 ? 132  ASN X N    1 
ATOM   1024 C  CA   . ASN A 1 132 ? 4.043   -8.223  16.515  1.00 17.67 ? 132  ASN X CA   1 
ATOM   1025 C  C    . ASN A 1 132 ? 3.268   -8.013  15.207  1.00 17.56 ? 132  ASN X C    1 
ATOM   1026 O  O    . ASN A 1 132 ? 2.077   -8.337  15.135  1.00 17.42 ? 132  ASN X O    1 
ATOM   1027 C  CB   . ASN A 1 132 ? 4.081   -6.924  17.324  1.00 17.79 ? 132  ASN X CB   1 
ATOM   1028 C  CG   . ASN A 1 132 ? 2.714   -6.534  17.856  1.00 18.81 ? 132  ASN X CG   1 
ATOM   1029 O  OD1  . ASN A 1 132 ? 2.042   -5.674  17.294  1.00 20.67 ? 132  ASN X OD1  1 
ATOM   1030 N  ND2  . ASN A 1 132 ? 2.282   -7.194  18.924  1.00 19.05 ? 132  ASN X ND2  1 
ATOM   1031 N  N    . LEU A 1 133 ? 3.951   -7.487  14.189  1.00 17.40 ? 133  LEU X N    1 
ATOM   1032 C  CA   . LEU A 1 133 ? 3.343   -7.218  12.877  1.00 17.80 ? 133  LEU X CA   1 
ATOM   1033 C  C    . LEU A 1 133 ? 2.803   -8.475  12.201  1.00 17.74 ? 133  LEU X C    1 
ATOM   1034 O  O    . LEU A 1 133 ? 1.789   -8.422  11.502  1.00 18.00 ? 133  LEU X O    1 
ATOM   1035 C  CB   . LEU A 1 133 ? 4.347   -6.510  11.947  1.00 17.53 ? 133  LEU X CB   1 
ATOM   1036 C  CG   . LEU A 1 133 ? 4.624   -5.021  12.196  1.00 17.88 ? 133  LEU X CG   1 
ATOM   1037 C  CD1  . LEU A 1 133 ? 5.909   -4.578  11.496  1.00 17.88 ? 133  LEU X CD1  1 
ATOM   1038 C  CD2  . LEU A 1 133 ? 3.439   -4.179  11.739  1.00 16.15 ? 133  LEU X CD2  1 
ATOM   1039 N  N    . ALA A 1 134 ? 3.488   -9.599  12.409  1.00 17.89 ? 134  ALA X N    1 
ATOM   1040 C  CA   . ALA A 1 134 ? 3.107   -10.877 11.807  1.00 18.11 ? 134  ALA X CA   1 
ATOM   1041 C  C    . ALA A 1 134 ? 1.863   -11.510 12.448  1.00 18.13 ? 134  ALA X C    1 
ATOM   1042 O  O    . ALA A 1 134 ? 1.282   -12.451 11.894  1.00 18.09 ? 134  ALA X O    1 
ATOM   1043 C  CB   . ALA A 1 134 ? 4.284   -11.846 11.837  1.00 18.05 ? 134  ALA X CB   1 
ATOM   1044 N  N    . LYS A 1 135 ? 1.464   -10.994 13.611  1.00 18.02 ? 135  LYS X N    1 
ATOM   1045 C  CA   . LYS A 1 135 ? 0.270   -11.473 14.316  1.00 18.16 ? 135  LYS X CA   1 
ATOM   1046 C  C    . LYS A 1 135 ? -0.981  -10.780 13.754  1.00 17.74 ? 135  LYS X C    1 
ATOM   1047 O  O    . LYS A 1 135 ? -1.688  -10.061 14.454  1.00 18.11 ? 135  LYS X O    1 
ATOM   1048 C  CB   . LYS A 1 135 ? 0.433   -11.255 15.832  1.00 18.65 ? 135  LYS X CB   1 
ATOM   1049 C  CG   . LYS A 1 135 ? 1.622   -12.045 16.443  1.00 19.79 ? 135  LYS X CG   1 
ATOM   1050 C  CD   . LYS A 1 135 ? 1.863   -11.737 17.930  1.00 23.46 ? 135  LYS X CD   1 
ATOM   1051 C  CE   . LYS A 1 135 ? 2.927   -12.686 18.511  1.00 25.27 ? 135  LYS X CE   1 
ATOM   1052 N  NZ   . LYS A 1 135 ? 3.318   -12.398 19.938  1.00 26.56 ? 135  LYS X NZ   1 
ATOM   1053 N  N    . SER A 1 136 ? -1.245  -10.989 12.467  1.00 17.57 ? 136  SER X N    1 
ATOM   1054 C  CA   . SER A 1 136 ? -2.221  -10.155 11.767  1.00 17.23 ? 136  SER X CA   1 
ATOM   1055 C  C    . SER A 1 136 ? -2.894  -10.908 10.636  1.00 17.00 ? 136  SER X C    1 
ATOM   1056 O  O    . SER A 1 136 ? -2.294  -11.808 10.047  1.00 16.52 ? 136  SER X O    1 
ATOM   1057 C  CB   . SER A 1 136 ? -1.539  -8.893  11.215  1.00 17.27 ? 136  SER X CB   1 
ATOM   1058 O  OG   . SER A 1 136 ? -0.500  -9.225  10.296  1.00 17.03 ? 136  SER X OG   1 
ATOM   1059 N  N    . ARG A 1 137 ? -4.143  -10.538 10.348  1.00 17.19 ? 137  ARG X N    1 
ATOM   1060 C  CA   . ARG A 1 137 ? -4.825  -11.002 9.146   1.00 17.27 ? 137  ARG X CA   1 
ATOM   1061 C  C    . ARG A 1 137 ? -3.965  -10.648 7.931   1.00 17.47 ? 137  ARG X C    1 
ATOM   1062 O  O    . ARG A 1 137 ? -3.792  -11.465 7.034   1.00 17.20 ? 137  ARG X O    1 
ATOM   1063 C  CB   . ARG A 1 137 ? -6.227  -10.383 9.005   1.00 17.73 ? 137  ARG X CB   1 
ATOM   1064 C  CG   . ARG A 1 137 ? -6.987  -10.938 7.788   1.00 17.91 ? 137  ARG X CG   1 
ATOM   1065 C  CD   . ARG A 1 137 ? -8.273  -10.202 7.454   1.00 20.51 ? 137  ARG X CD   1 
ATOM   1066 N  NE   . ARG A 1 137 ? -8.916  -10.822 6.294   1.00 20.31 ? 137  ARG X NE   1 
ATOM   1067 C  CZ   . ARG A 1 137 ? -8.787  -10.399 5.037   1.00 21.43 ? 137  ARG X CZ   1 
ATOM   1068 N  NH1  . ARG A 1 137 ? -8.045  -9.332  4.755   1.00 21.21 ? 137  ARG X NH1  1 
ATOM   1069 N  NH2  . ARG A 1 137 ? -9.412  -11.043 4.052   1.00 21.21 ? 137  ARG X NH2  1 
ATOM   1070 N  N    . TRP A 1 138 ? -3.425  -9.429  7.931   1.00 17.42 ? 138  TRP X N    1 
ATOM   1071 C  CA   . TRP A 1 138 ? -2.522  -8.949  6.886   1.00 17.51 ? 138  TRP X CA   1 
ATOM   1072 C  C    . TRP A 1 138 ? -1.455  -9.992  6.531   1.00 17.65 ? 138  TRP X C    1 
ATOM   1073 O  O    . TRP A 1 138 ? -1.322  -10.396 5.369   1.00 17.23 ? 138  TRP X O    1 
ATOM   1074 C  CB   . TRP A 1 138 ? -1.865  -7.650  7.350   1.00 17.35 ? 138  TRP X CB   1 
ATOM   1075 C  CG   . TRP A 1 138 ? -0.768  -7.146  6.459   1.00 17.60 ? 138  TRP X CG   1 
ATOM   1076 C  CD1  . TRP A 1 138 ? -0.849  -6.877  5.119   1.00 17.59 ? 138  TRP X CD1  1 
ATOM   1077 C  CD2  . TRP A 1 138 ? 0.570   -6.815  6.857   1.00 17.55 ? 138  TRP X CD2  1 
ATOM   1078 N  NE1  . TRP A 1 138 ? 0.367   -6.416  4.655   1.00 18.18 ? 138  TRP X NE1  1 
ATOM   1079 C  CE2  . TRP A 1 138 ? 1.252   -6.363  5.702   1.00 17.20 ? 138  TRP X CE2  1 
ATOM   1080 C  CE3  . TRP A 1 138 ? 1.261   -6.857  8.080   1.00 17.02 ? 138  TRP X CE3  1 
ATOM   1081 C  CZ2  . TRP A 1 138 ? 2.588   -5.949  5.732   1.00 17.32 ? 138  TRP X CZ2  1 
ATOM   1082 C  CZ3  . TRP A 1 138 ? 2.596   -6.457  8.108   1.00 17.15 ? 138  TRP X CZ3  1 
ATOM   1083 C  CH2  . TRP A 1 138 ? 3.241   -6.004  6.938   1.00 17.91 ? 138  TRP X CH2  1 
ATOM   1084 N  N    . TYR A 1 139 ? -0.721  -10.437 7.547   1.00 17.43 ? 139  TYR X N    1 
ATOM   1085 C  CA   . TYR A 1 139 ? 0.333   -11.432 7.361   1.00 18.01 ? 139  TYR X CA   1 
ATOM   1086 C  C    . TYR A 1 139 ? -0.223  -12.750 6.829   1.00 17.73 ? 139  TYR X C    1 
ATOM   1087 O  O    . TYR A 1 139 ? 0.339   -13.337 5.906   1.00 17.64 ? 139  TYR X O    1 
ATOM   1088 C  CB   . TYR A 1 139 ? 1.104   -11.663 8.670   1.00 18.15 ? 139  TYR X CB   1 
ATOM   1089 C  CG   . TYR A 1 139 ? 2.219   -12.679 8.535   1.00 20.64 ? 139  TYR X CG   1 
ATOM   1090 C  CD1  . TYR A 1 139 ? 3.490   -12.286 8.113   1.00 22.15 ? 139  TYR X CD1  1 
ATOM   1091 C  CD2  . TYR A 1 139 ? 1.999   -14.033 8.810   1.00 22.77 ? 139  TYR X CD2  1 
ATOM   1092 C  CE1  . TYR A 1 139 ? 4.518   -13.205 7.976   1.00 24.43 ? 139  TYR X CE1  1 
ATOM   1093 C  CE2  . TYR A 1 139 ? 3.026   -14.969 8.671   1.00 24.48 ? 139  TYR X CE2  1 
ATOM   1094 C  CZ   . TYR A 1 139 ? 4.281   -14.541 8.252   1.00 25.39 ? 139  TYR X CZ   1 
ATOM   1095 O  OH   . TYR A 1 139 ? 5.309   -15.444 8.105   1.00 27.67 ? 139  TYR X OH   1 
ATOM   1096 N  N    . ASN A 1 140 ? -1.324  -13.214 7.413   1.00 17.20 ? 140  ASN X N    1 
ATOM   1097 C  CA   . ASN A 1 140 ? -1.896  -14.506 7.036   1.00 16.72 ? 140  ASN X CA   1 
ATOM   1098 C  C    . ASN A 1 140 ? -2.439  -14.538 5.604   1.00 16.56 ? 140  ASN X C    1 
ATOM   1099 O  O    . ASN A 1 140 ? -2.262  -15.529 4.901   1.00 16.34 ? 140  ASN X O    1 
ATOM   1100 C  CB   . ASN A 1 140 ? -2.961  -14.937 8.041   1.00 16.80 ? 140  ASN X CB   1 
ATOM   1101 C  CG   . ASN A 1 140 ? -2.364  -15.442 9.341   1.00 16.90 ? 140  ASN X CG   1 
ATOM   1102 O  OD1  . ASN A 1 140 ? -2.289  -14.713 10.332  1.00 18.96 ? 140  ASN X OD1  1 
ATOM   1103 N  ND2  . ASN A 1 140 ? -1.921  -16.688 9.338   1.00 15.96 ? 140  ASN X ND2  1 
ATOM   1104 N  N    . GLN A 1 141 ? -3.059  -13.440 5.175   1.00 16.34 ? 141  GLN X N    1 
ATOM   1105 C  CA   . GLN A 1 141 ? -3.657  -13.356 3.840   1.00 16.70 ? 141  GLN X CA   1 
ATOM   1106 C  C    . GLN A 1 141 ? -2.620  -13.048 2.758   1.00 16.81 ? 141  GLN X C    1 
ATOM   1107 O  O    . GLN A 1 141 ? -2.699  -13.595 1.656   1.00 17.32 ? 141  GLN X O    1 
ATOM   1108 C  CB   . GLN A 1 141 ? -4.803  -12.330 3.796   1.00 16.75 ? 141  GLN X CB   1 
ATOM   1109 C  CG   . GLN A 1 141 ? -5.955  -12.588 4.799   1.00 17.97 ? 141  GLN X CG   1 
ATOM   1110 C  CD   . GLN A 1 141 ? -6.645  -13.940 4.634   1.00 19.17 ? 141  GLN X CD   1 
ATOM   1111 O  OE1  . GLN A 1 141 ? -6.922  -14.633 5.625   1.00 19.70 ? 141  GLN X OE1  1 
ATOM   1112 N  NE2  . GLN A 1 141 ? -6.931  -14.319 3.390   1.00 18.43 ? 141  GLN X NE2  1 
ATOM   1113 N  N    . THR A 1 142 ? -1.663  -12.171 3.063   1.00 16.66 ? 142  THR X N    1 
ATOM   1114 C  CA   . THR A 1 142 ? -0.569  -11.867 2.125   1.00 16.63 ? 142  THR X CA   1 
ATOM   1115 C  C    . THR A 1 142 ? 0.806   -12.073 2.771   1.00 16.86 ? 142  THR X C    1 
ATOM   1116 O  O    . THR A 1 142 ? 1.538   -11.100 2.986   1.00 16.49 ? 142  THR X O    1 
ATOM   1117 C  CB   . THR A 1 142 ? -0.664  -10.423 1.517   1.00 16.75 ? 142  THR X CB   1 
ATOM   1118 O  OG1  . THR A 1 142 ? -0.739  -9.444  2.564   1.00 16.76 ? 142  THR X OG1  1 
ATOM   1119 C  CG2  . THR A 1 142 ? -1.881  -10.285 0.586   1.00 17.07 ? 142  THR X CG2  1 
ATOM   1120 N  N    . PRO A 1 143 ? 1.163   -13.345 3.073   1.00 17.13 ? 143  PRO X N    1 
ATOM   1121 C  CA   . PRO A 1 143 ? 2.398   -13.641 3.816   1.00 17.28 ? 143  PRO X CA   1 
ATOM   1122 C  C    . PRO A 1 143 ? 3.700   -13.261 3.110   1.00 17.53 ? 143  PRO X C    1 
ATOM   1123 O  O    . PRO A 1 143 ? 4.601   -12.750 3.768   1.00 17.59 ? 143  PRO X O    1 
ATOM   1124 C  CB   . PRO A 1 143 ? 2.326   -15.161 4.053   1.00 17.42 ? 143  PRO X CB   1 
ATOM   1125 C  CG   . PRO A 1 143 ? 1.397   -15.678 3.024   1.00 17.15 ? 143  PRO X CG   1 
ATOM   1126 C  CD   . PRO A 1 143 ? 0.408   -14.575 2.756   1.00 16.92 ? 143  PRO X CD   1 
ATOM   1127 N  N    . ASN A 1 144 ? 3.795   -13.496 1.802   1.00 17.27 ? 144  ASN X N    1 
ATOM   1128 C  CA   . ASN A 1 144 ? 5.020   -13.189 1.068   1.00 17.23 ? 144  ASN X CA   1 
ATOM   1129 C  C    . ASN A 1 144 ? 5.309   -11.690 1.040   1.00 16.59 ? 144  ASN X C    1 
ATOM   1130 O  O    . ASN A 1 144 ? 6.441   -11.268 1.268   1.00 15.60 ? 144  ASN X O    1 
ATOM   1131 C  CB   . ASN A 1 144 ? 4.997   -13.793 -0.346  1.00 18.14 ? 144  ASN X CB   1 
ATOM   1132 C  CG   . ASN A 1 144 ? 5.194   -15.307 -0.333  1.00 19.69 ? 144  ASN X CG   1 
ATOM   1133 O  OD1  . ASN A 1 144 ? 5.384   -15.915 0.724   1.00 23.85 ? 144  ASN X OD1  1 
ATOM   1134 N  ND2  . ASN A 1 144 ? 5.164   -15.914 -1.503  1.00 22.42 ? 144  ASN X ND2  1 
ATOM   1135 N  N    . ARG A 1 145 ? 4.271   -10.895 0.786   1.00 16.16 ? 145  ARG X N    1 
ATOM   1136 C  CA   . ARG A 1 145 ? 4.408   -9.447  0.789   1.00 16.24 ? 145  ARG X CA   1 
ATOM   1137 C  C    . ARG A 1 145 ? 4.643   -8.898  2.191   1.00 16.20 ? 145  ARG X C    1 
ATOM   1138 O  O    . ARG A 1 145 ? 5.465   -7.995  2.366   1.00 16.21 ? 145  ARG X O    1 
ATOM   1139 C  CB   . ARG A 1 145 ? 3.190   -8.773  0.163   1.00 16.20 ? 145  ARG X CB   1 
ATOM   1140 C  CG   . ARG A 1 145 ? 3.375   -7.259  0.016   1.00 17.62 ? 145  ARG X CG   1 
ATOM   1141 C  CD   . ARG A 1 145 ? 2.054   -6.603  -0.188  1.00 18.42 ? 145  ARG X CD   1 
ATOM   1142 N  NE   . ARG A 1 145 ? 2.155   -5.153  -0.301  1.00 18.83 ? 145  ARG X NE   1 
ATOM   1143 C  CZ   . ARG A 1 145 ? 1.324   -4.428  -1.040  1.00 18.71 ? 145  ARG X CZ   1 
ATOM   1144 N  NH1  . ARG A 1 145 ? 0.360   -5.033  -1.726  1.00 18.83 ? 145  ARG X NH1  1 
ATOM   1145 N  NH2  . ARG A 1 145 ? 1.460   -3.111  -1.107  1.00 17.15 ? 145  ARG X NH2  1 
ATOM   1146 N  N    . ALA A 1 146 ? 3.923   -9.439  3.177   1.00 16.36 ? 146  ALA X N    1 
ATOM   1147 C  CA   . ALA A 1 146 ? 4.059   -9.000  4.569   1.00 16.45 ? 146  ALA X CA   1 
ATOM   1148 C  C    . ALA A 1 146 ? 5.468   -9.266  5.090   1.00 16.66 ? 146  ALA X C    1 
ATOM   1149 O  O    . ALA A 1 146 ? 6.064   -8.409  5.738   1.00 16.41 ? 146  ALA X O    1 
ATOM   1150 C  CB   . ALA A 1 146 ? 3.015   -9.669  5.460   1.00 16.66 ? 146  ALA X CB   1 
ATOM   1151 N  N    . LYS A 1 147 ? 6.004   -10.447 4.778   1.00 16.92 ? 147  LYS X N    1 
ATOM   1152 C  CA   . LYS A 1 147 ? 7.376   -10.812 5.140   1.00 17.32 ? 147  LYS X CA   1 
ATOM   1153 C  C    . LYS A 1 147 ? 8.397   -9.809  4.592   1.00 16.96 ? 147  LYS X C    1 
ATOM   1154 O  O    . LYS A 1 147 ? 9.314   -9.416  5.303   1.00 16.49 ? 147  LYS X O    1 
ATOM   1155 C  CB   . LYS A 1 147 ? 7.716   -12.214 4.639   1.00 17.75 ? 147  LYS X CB   1 
ATOM   1156 C  CG   . LYS A 1 147 ? 7.171   -13.360 5.471   1.00 19.50 ? 147  LYS X CG   1 
ATOM   1157 C  CD   . LYS A 1 147 ? 7.472   -14.672 4.755   1.00 23.33 ? 147  LYS X CD   1 
ATOM   1158 C  CE   . LYS A 1 147 ? 6.401   -15.724 4.980   1.00 26.13 ? 147  LYS X CE   1 
ATOM   1159 N  NZ   . LYS A 1 147 ? 6.709   -16.585 6.151   1.00 28.49 ? 147  LYS X NZ   1 
ATOM   1160 N  N    . ARG A 1 148 ? 8.223   -9.401  3.333   1.00 16.86 ? 148  ARG X N    1 
ATOM   1161 C  CA   . ARG A 1 148 ? 9.067   -8.371  2.714   1.00 16.68 ? 148  ARG X CA   1 
ATOM   1162 C  C    . ARG A 1 148 ? 9.000   -7.040  3.466   1.00 16.60 ? 148  ARG X C    1 
ATOM   1163 O  O    . ARG A 1 148 ? 10.037  -6.454  3.804   1.00 16.50 ? 148  ARG X O    1 
ATOM   1164 C  CB   . ARG A 1 148 ? 8.690   -8.164  1.242   1.00 16.78 ? 148  ARG X CB   1 
ATOM   1165 C  CG   . ARG A 1 148 ? 9.186   -9.262  0.313   1.00 17.64 ? 148  ARG X CG   1 
ATOM   1166 C  CD   . ARG A 1 148 ? 9.135   -8.834  -1.155  1.00 17.82 ? 148  ARG X CD   1 
ATOM   1167 N  NE   . ARG A 1 148 ? 7.771   -8.612  -1.638  1.00 18.69 ? 148  ARG X NE   1 
ATOM   1168 C  CZ   . ARG A 1 148 ? 6.962   -9.568  -2.101  1.00 18.99 ? 148  ARG X CZ   1 
ATOM   1169 N  NH1  . ARG A 1 148 ? 7.364   -10.838 -2.157  1.00 18.31 ? 148  ARG X NH1  1 
ATOM   1170 N  NH2  . ARG A 1 148 ? 5.744   -9.250  -2.518  1.00 17.62 ? 148  ARG X NH2  1 
ATOM   1171 N  N    . VAL A 1 149 ? 7.776   -6.580  3.733   1.00 16.65 ? 149  VAL X N    1 
ATOM   1172 C  CA   . VAL A 1 149 ? 7.536   -5.322  4.451   1.00 16.61 ? 149  VAL X CA   1 
ATOM   1173 C  C    . VAL A 1 149 ? 8.099   -5.405  5.877   1.00 16.86 ? 149  VAL X C    1 
ATOM   1174 O  O    . VAL A 1 149 ? 8.798   -4.491  6.340   1.00 16.46 ? 149  VAL X O    1 
ATOM   1175 C  CB   . VAL A 1 149 ? 6.017   -4.962  4.455   1.00 16.63 ? 149  VAL X CB   1 
ATOM   1176 C  CG1  . VAL A 1 149 ? 5.725   -3.756  5.359   1.00 16.59 ? 149  VAL X CG1  1 
ATOM   1177 C  CG2  . VAL A 1 149 ? 5.522   -4.698  3.023   1.00 16.70 ? 149  VAL X CG2  1 
ATOM   1178 N  N    . ILE A 1 150 ? 7.815   -6.519  6.549   1.00 16.93 ? 150  ILE X N    1 
ATOM   1179 C  CA   . ILE A 1 150 ? 8.290   -6.755  7.914   1.00 17.14 ? 150  ILE X CA   1 
ATOM   1180 C  C    . ILE A 1 150 ? 9.822   -6.787  7.996   1.00 17.29 ? 150  ILE X C    1 
ATOM   1181 O  O    . ILE A 1 150 ? 10.399  -6.222  8.930   1.00 16.80 ? 150  ILE X O    1 
ATOM   1182 C  CB   . ILE A 1 150 ? 7.653   -8.033  8.535   1.00 17.15 ? 150  ILE X CB   1 
ATOM   1183 C  CG1  . ILE A 1 150 ? 6.168   -7.784  8.839   1.00 17.62 ? 150  ILE X CG1  1 
ATOM   1184 C  CG2  . ILE A 1 150 ? 8.395   -8.445  9.805   1.00 17.43 ? 150  ILE X CG2  1 
ATOM   1185 C  CD1  . ILE A 1 150 ? 5.334   -9.073  9.111   1.00 18.28 ? 150  ILE X CD1  1 
ATOM   1186 N  N    . THR A 1 151 ? 10.463  -7.439  7.022   1.00 17.34 ? 151  THR X N    1 
ATOM   1187 C  CA   . THR A 1 151 ? 11.930  -7.482  6.929   1.00 17.97 ? 151  THR X CA   1 
ATOM   1188 C  C    . THR A 1 151 ? 12.527  -6.078  6.768   1.00 17.79 ? 151  THR X C    1 
ATOM   1189 O  O    . THR A 1 151 ? 13.564  -5.759  7.371   1.00 17.56 ? 151  THR X O    1 
ATOM   1190 C  CB   . THR A 1 151 ? 12.380  -8.403  5.774   1.00 17.82 ? 151  THR X CB   1 
ATOM   1191 O  OG1  . THR A 1 151 ? 12.151  -9.757  6.161   1.00 19.21 ? 151  THR X OG1  1 
ATOM   1192 C  CG2  . THR A 1 151 ? 13.868  -8.219  5.446   1.00 19.30 ? 151  THR X CG2  1 
ATOM   1193 N  N    . THR A 1 152 ? 11.846  -5.244  5.982   1.00 17.48 ? 152  THR X N    1 
ATOM   1194 C  CA   . THR A 1 152 ? 12.221  -3.841  5.810   1.00 17.42 ? 152  THR X CA   1 
ATOM   1195 C  C    . THR A 1 152 ? 12.163  -3.084  7.142   1.00 17.51 ? 152  THR X C    1 
ATOM   1196 O  O    . THR A 1 152 ? 13.085  -2.337  7.463   1.00 17.25 ? 152  THR X O    1 
ATOM   1197 C  CB   . THR A 1 152 ? 11.349  -3.142  4.734   1.00 17.12 ? 152  THR X CB   1 
ATOM   1198 O  OG1  . THR A 1 152 ? 11.301  -3.961  3.560   1.00 17.63 ? 152  THR X OG1  1 
ATOM   1199 C  CG2  . THR A 1 152 ? 11.918  -1.767  4.370   1.00 17.02 ? 152  THR X CG2  1 
ATOM   1200 N  N    . PHE A 1 153 ? 11.088  -3.288  7.911   1.00 17.89 ? 153  PHE X N    1 
ATOM   1201 C  CA   . PHE A 1 153 ? 10.959  -2.705  9.252   1.00 18.09 ? 153  PHE X CA   1 
ATOM   1202 C  C    . PHE A 1 153 ? 12.014  -3.258  10.216  1.00 18.43 ? 153  PHE X C    1 
ATOM   1203 O  O    . PHE A 1 153 ? 12.610  -2.512  11.002  1.00 18.20 ? 153  PHE X O    1 
ATOM   1204 C  CB   . PHE A 1 153 ? 9.561   -2.958  9.834   1.00 17.78 ? 153  PHE X CB   1 
ATOM   1205 C  CG   . PHE A 1 153 ? 8.514   -1.955  9.412   1.00 17.67 ? 153  PHE X CG   1 
ATOM   1206 C  CD1  . PHE A 1 153 ? 8.700   -0.586  9.625   1.00 17.45 ? 153  PHE X CD1  1 
ATOM   1207 C  CD2  . PHE A 1 153 ? 7.321   -2.388  8.837   1.00 17.24 ? 153  PHE X CD2  1 
ATOM   1208 C  CE1  . PHE A 1 153 ? 7.719   0.338   9.250   1.00 17.87 ? 153  PHE X CE1  1 
ATOM   1209 C  CE2  . PHE A 1 153 ? 6.323   -1.471  8.468   1.00 17.26 ? 153  PHE X CE2  1 
ATOM   1210 C  CZ   . PHE A 1 153 ? 6.526   -0.107  8.674   1.00 17.78 ? 153  PHE X CZ   1 
ATOM   1211 N  N    . ARG A 1 154 ? 12.251  -4.567  10.148  1.00 18.70 ? 154  ARG X N    1 
ATOM   1212 C  CA   . ARG A 1 154 ? 13.202  -5.202  11.054  1.00 19.28 ? 154  ARG X CA   1 
ATOM   1213 C  C    . ARG A 1 154 ? 14.633  -4.701  10.825  1.00 19.02 ? 154  ARG X C    1 
ATOM   1214 O  O    . ARG A 1 154 ? 15.338  -4.388  11.788  1.00 18.66 ? 154  ARG X O    1 
ATOM   1215 C  CB   . ARG A 1 154 ? 13.129  -6.732  10.945  1.00 19.29 ? 154  ARG X CB   1 
ATOM   1216 C  CG   . ARG A 1 154 ? 13.920  -7.465  12.035  1.00 20.60 ? 154  ARG X CG   1 
ATOM   1217 C  CD   . ARG A 1 154 ? 13.836  -8.988  11.906  1.00 21.77 ? 154  ARG X CD   1 
ATOM   1218 N  NE   . ARG A 1 154 ? 14.172  -9.481  10.567  1.00 24.93 ? 154  ARG X NE   1 
ATOM   1219 C  CZ   . ARG A 1 154 ? 15.409  -9.712  10.123  1.00 26.06 ? 154  ARG X CZ   1 
ATOM   1220 N  NH1  . ARG A 1 154 ? 16.464  -9.494  10.898  1.00 26.71 ? 154  ARG X NH1  1 
ATOM   1221 N  NH2  . ARG A 1 154 ? 15.594  -10.161 8.888   1.00 28.14 ? 154  ARG X NH2  1 
ATOM   1222 N  N    . THR A 1 155 ? 15.034  -4.586  9.556   1.00 18.97 ? 155  THR X N    1 
ATOM   1223 C  CA   . THR A 1 155 ? 16.436  -4.330  9.192   1.00 19.18 ? 155  THR X CA   1 
ATOM   1224 C  C    . THR A 1 155 ? 16.779  -2.881  8.841   1.00 19.22 ? 155  THR X C    1 
ATOM   1225 O  O    . THR A 1 155 ? 17.923  -2.462  9.003   1.00 19.28 ? 155  THR X O    1 
ATOM   1226 C  CB   . THR A 1 155 ? 16.907  -5.230  8.016   1.00 18.77 ? 155  THR X CB   1 
ATOM   1227 O  OG1  . THR A 1 155 ? 16.185  -4.896  6.817   1.00 19.05 ? 155  THR X OG1  1 
ATOM   1228 C  CG2  . THR A 1 155 ? 16.704  -6.707  8.337   1.00 19.37 ? 155  THR X CG2  1 
ATOM   1229 N  N    . GLY A 1 156 ? 15.799  -2.127  8.347   1.00 19.15 ? 156  GLY X N    1 
ATOM   1230 C  CA   . GLY A 1 156 ? 16.061  -0.789  7.819   1.00 19.01 ? 156  GLY X CA   1 
ATOM   1231 C  C    . GLY A 1 156 ? 16.876  -0.838  6.534   1.00 18.76 ? 156  GLY X C    1 
ATOM   1232 O  O    . GLY A 1 156 ? 17.533  0.143   6.169   1.00 18.94 ? 156  GLY X O    1 
ATOM   1233 N  N    . THR A 1 157 ? 16.845  -1.992  5.866   1.00 18.53 ? 157  THR X N    1 
ATOM   1234 C  CA   . THR A 1 157 ? 17.519  -2.198  4.579   1.00 18.46 ? 157  THR X CA   1 
ATOM   1235 C  C    . THR A 1 157 ? 16.513  -2.630  3.511   1.00 18.60 ? 157  THR X C    1 
ATOM   1236 O  O    . THR A 1 157 ? 15.366  -2.970  3.816   1.00 18.28 ? 157  THR X O    1 
ATOM   1237 C  CB   . THR A 1 157 ? 18.620  -3.292  4.646   1.00 18.28 ? 157  THR X CB   1 
ATOM   1238 O  OG1  . THR A 1 157 ? 18.016  -4.597  4.674   1.00 18.33 ? 157  THR X OG1  1 
ATOM   1239 C  CG2  . THR A 1 157 ? 19.540  -3.106  5.862   1.00 18.22 ? 157  THR X CG2  1 
ATOM   1240 N  N    . TRP A 1 158 ? 16.966  -2.644  2.262   1.00 19.03 ? 158  TRP X N    1 
ATOM   1241 C  CA   . TRP A 1 158 ? 16.142  -3.101  1.144   1.00 19.53 ? 158  TRP X CA   1 
ATOM   1242 C  C    . TRP A 1 158 ? 16.395  -4.573  0.763   1.00 20.00 ? 158  TRP X C    1 
ATOM   1243 O  O    . TRP A 1 158 ? 16.075  -4.986  -0.354  1.00 19.71 ? 158  TRP X O    1 
ATOM   1244 C  CB   . TRP A 1 158 ? 16.389  -2.213  -0.070  1.00 19.66 ? 158  TRP X CB   1 
ATOM   1245 C  CG   . TRP A 1 158 ? 15.862  -0.825  0.073   1.00 19.94 ? 158  TRP X CG   1 
ATOM   1246 C  CD1  . TRP A 1 158 ? 16.590  0.321   0.225   1.00 20.18 ? 158  TRP X CD1  1 
ATOM   1247 C  CD2  . TRP A 1 158 ? 14.486  -0.430  0.066   1.00 19.95 ? 158  TRP X CD2  1 
ATOM   1248 N  NE1  . TRP A 1 158 ? 15.753  1.407   0.309   1.00 20.20 ? 158  TRP X NE1  1 
ATOM   1249 C  CE2  . TRP A 1 158 ? 14.455  0.974   0.210   1.00 20.36 ? 158  TRP X CE2  1 
ATOM   1250 C  CE3  . TRP A 1 158 ? 13.275  -1.127  -0.067  1.00 19.22 ? 158  TRP X CE3  1 
ATOM   1251 C  CZ2  . TRP A 1 158 ? 13.260  1.697   0.242   1.00 20.25 ? 158  TRP X CZ2  1 
ATOM   1252 C  CZ3  . TRP A 1 158 ? 12.090  -0.410  -0.037  1.00 20.41 ? 158  TRP X CZ3  1 
ATOM   1253 C  CH2  . TRP A 1 158 ? 12.091  0.990   0.115   1.00 19.88 ? 158  TRP X CH2  1 
ATOM   1254 N  N    . ASP A 1 159 ? 16.944  -5.356  1.693   1.00 20.66 ? 159  ASP X N    1 
ATOM   1255 C  CA   . ASP A 1 159 ? 17.330  -6.752  1.424   1.00 21.27 ? 159  ASP X CA   1 
ATOM   1256 C  C    . ASP A 1 159 ? 16.207  -7.620  0.839   1.00 21.31 ? 159  ASP X C    1 
ATOM   1257 O  O    . ASP A 1 159 ? 16.449  -8.443  -0.049  1.00 21.07 ? 159  ASP X O    1 
ATOM   1258 C  CB   . ASP A 1 159 ? 17.896  -7.419  2.682   1.00 21.76 ? 159  ASP X CB   1 
ATOM   1259 C  CG   . ASP A 1 159 ? 19.221  -6.821  3.125   1.00 23.01 ? 159  ASP X CG   1 
ATOM   1260 O  OD1  . ASP A 1 159 ? 19.793  -5.978  2.400   1.00 25.15 ? 159  ASP X OD1  1 
ATOM   1261 O  OD2  . ASP A 1 159 ? 19.687  -7.193  4.221   1.00 25.31 ? 159  ASP X OD2  1 
ATOM   1262 N  N    . ALA A 1 160 ? 14.982  -7.421  1.328   1.00 21.34 ? 160  ALA X N    1 
ATOM   1263 C  CA   . ALA A 1 160 ? 13.840  -8.219  0.880   1.00 21.64 ? 160  ALA X CA   1 
ATOM   1264 C  C    . ALA A 1 160 ? 13.400  -7.910  -0.559  1.00 21.77 ? 160  ALA X C    1 
ATOM   1265 O  O    . ALA A 1 160 ? 12.633  -8.676  -1.152  1.00 21.75 ? 160  ALA X O    1 
ATOM   1266 C  CB   . ALA A 1 160 ? 12.671  -8.063  1.848   1.00 21.64 ? 160  ALA X CB   1 
ATOM   1267 N  N    . TYR A 1 161 ? 13.892  -6.800  -1.116  1.00 21.92 ? 161  TYR X N    1 
ATOM   1268 C  CA   . TYR A 1 161 ? 13.493  -6.359  -2.462  1.00 22.63 ? 161  TYR X CA   1 
ATOM   1269 C  C    . TYR A 1 161 ? 14.616  -6.441  -3.505  1.00 23.61 ? 161  TYR X C    1 
ATOM   1270 O  O    . TYR A 1 161 ? 14.413  -6.107  -4.671  1.00 23.62 ? 161  TYR X O    1 
ATOM   1271 C  CB   . TYR A 1 161 ? 12.884  -4.946  -2.416  1.00 22.01 ? 161  TYR X CB   1 
ATOM   1272 C  CG   . TYR A 1 161 ? 11.522  -4.923  -1.757  1.00 20.68 ? 161  TYR X CG   1 
ATOM   1273 C  CD1  . TYR A 1 161 ? 11.402  -4.759  -0.377  1.00 19.18 ? 161  TYR X CD1  1 
ATOM   1274 C  CD2  . TYR A 1 161 ? 10.355  -5.092  -2.508  1.00 19.13 ? 161  TYR X CD2  1 
ATOM   1275 C  CE1  . TYR A 1 161 ? 10.163  -4.754  0.239   1.00 19.12 ? 161  TYR X CE1  1 
ATOM   1276 C  CE2  . TYR A 1 161 ? 9.102   -5.086  -1.903  1.00 18.42 ? 161  TYR X CE2  1 
ATOM   1277 C  CZ   . TYR A 1 161 ? 9.016   -4.921  -0.522  1.00 18.83 ? 161  TYR X CZ   1 
ATOM   1278 O  OH   . TYR A 1 161 ? 7.799   -4.908  0.112   1.00 17.79 ? 161  TYR X OH   1 
ATOM   1279 N  N    . LYS A 1 162 ? 15.793  -6.891  -3.075  1.00 24.86 ? 162  LYS X N    1 
ATOM   1280 C  CA   . LYS A 1 162 ? 16.934  -7.062  -3.974  1.00 25.97 ? 162  LYS X CA   1 
ATOM   1281 C  C    . LYS A 1 162 ? 16.987  -8.481  -4.530  1.00 26.23 ? 162  LYS X C    1 
ATOM   1282 O  O    . LYS A 1 162 ? 17.138  -8.677  -5.738  1.00 27.17 ? 162  LYS X O    1 
ATOM   1283 C  CB   . LYS A 1 162 ? 18.244  -6.724  -3.257  0.50 25.95 ? 162  LYS X CB   1 
ATOM   1284 C  CG   . LYS A 1 162 ? 18.367  -5.259  -2.835  0.50 26.50 ? 162  LYS X CG   1 
ATOM   1285 C  CD   . LYS A 1 162 ? 19.710  -4.950  -2.175  0.50 27.47 ? 162  LYS X CD   1 
ATOM   1286 C  CE   . LYS A 1 162 ? 19.930  -5.773  -0.912  0.50 26.91 ? 162  LYS X CE   1 
ATOM   1287 N  NZ   . LYS A 1 162 ? 20.952  -5.181  -0.013  0.50 27.27 ? 162  LYS X NZ   1 
HETATM 1288 P  P    . PO4 B 2 .   ? 14.559  -5.540  19.944  0.80 27.35 ? 2001 PO4 X P    1 
HETATM 1289 O  O1   . PO4 B 2 .   ? 14.872  -4.227  20.629  0.80 26.26 ? 2001 PO4 X O1   1 
HETATM 1290 O  O2   . PO4 B 2 .   ? 13.054  -5.664  19.870  0.80 25.30 ? 2001 PO4 X O2   1 
HETATM 1291 O  O3   . PO4 B 2 .   ? 15.097  -5.608  18.533  0.80 25.04 ? 2001 PO4 X O3   1 
HETATM 1292 O  O4   . PO4 B 2 .   ? 15.173  -6.652  20.776  0.80 25.51 ? 2001 PO4 X O4   1 
HETATM 1293 P  P    . PO4 C 2 .   ? -2.330  20.124  5.627   1.00 38.82 ? 2002 PO4 X P    1 
HETATM 1294 O  O1   . PO4 C 2 .   ? -0.904  19.967  5.164   1.00 38.20 ? 2002 PO4 X O1   1 
HETATM 1295 O  O2   . PO4 C 2 .   ? -2.418  21.212  6.672   1.00 38.37 ? 2002 PO4 X O2   1 
HETATM 1296 O  O3   . PO4 C 2 .   ? -3.190  20.493  4.443   1.00 38.17 ? 2002 PO4 X O3   1 
HETATM 1297 O  O4   . PO4 C 2 .   ? -2.792  18.814  6.230   1.00 38.77 ? 2002 PO4 X O4   1 
HETATM 1298 BR BRAC . 260 D 3 .   ? 2.133   -0.192  11.443  0.70 30.50 ? 1001 260 X BRAC 1 
HETATM 1299 C  CAG  . 260 D 3 .   ? 3.424   0.659   10.247  0.70 25.27 ? 1001 260 X CAG  1 
HETATM 1300 C  CAJ  . 260 D 3 .   ? 3.167   2.163   10.069  0.70 24.00 ? 1001 260 X CAJ  1 
HETATM 1301 C  CAH  . 260 D 3 .   ? 2.128   2.643   9.264   0.70 23.13 ? 1001 260 X CAH  1 
HETATM 1302 F  FAA  . 260 D 3 .   ? 1.328   1.771   8.631   0.70 22.03 ? 1001 260 X FAA  1 
HETATM 1303 C  CAE  . 260 D 3 .   ? 1.899   4.012   9.098   0.70 22.87 ? 1001 260 X CAE  1 
HETATM 1304 C  CAD  . 260 D 3 .   ? 2.710   4.938   9.742   0.70 22.77 ? 1001 260 X CAD  1 
HETATM 1305 C  CAF  . 260 D 3 .   ? 3.751   4.486   10.546  0.70 23.31 ? 1001 260 X CAF  1 
HETATM 1306 C  CAI  . 260 D 3 .   ? 3.973   3.117   10.699  0.70 23.68 ? 1001 260 X CAI  1 
HETATM 1307 F  FAB  . 260 D 3 .   ? 4.984   2.706   11.479  0.70 23.81 ? 1001 260 X FAB  1 
HETATM 1308 O  O    . HOH E 4 .   ? 1.727   -12.113 -0.625  1.00 13.45 ? 2003 HOH X O    1 
HETATM 1309 O  O    . HOH E 4 .   ? -1.953  3.030   -8.283  1.00 18.36 ? 2004 HOH X O    1 
HETATM 1310 O  O    . HOH E 4 .   ? 13.988  -5.099  2.851   1.00 18.36 ? 2005 HOH X O    1 
HETATM 1311 O  O    . HOH E 4 .   ? 11.153  4.854   15.197  1.00 15.62 ? 2006 HOH X O    1 
HETATM 1312 O  O    . HOH E 4 .   ? -4.728  -1.004  -3.488  1.00 19.31 ? 2007 HOH X O    1 
HETATM 1313 O  O    . HOH E 4 .   ? -1.067  -3.950  17.533  1.00 22.97 ? 2008 HOH X O    1 
HETATM 1314 O  O    . HOH E 4 .   ? 15.292  4.429   12.537  1.00 20.98 ? 2009 HOH X O    1 
HETATM 1315 O  O    . HOH E 4 .   ? 11.216  5.754   -0.634  1.00 19.39 ? 2010 HOH X O    1 
HETATM 1316 O  O    . HOH E 4 .   ? 4.612   -13.384 15.134  1.00 24.15 ? 2011 HOH X O    1 
HETATM 1317 O  O    . HOH E 4 .   ? -1.993  2.723   -11.030 1.00 15.37 ? 2012 HOH X O    1 
HETATM 1318 O  O    . HOH E 4 .   ? 17.646  2.633   7.411   1.00 19.48 ? 2013 HOH X O    1 
HETATM 1319 O  O    . HOH E 4 .   ? 9.834   -12.161 -1.396  1.00 22.48 ? 2014 HOH X O    1 
HETATM 1320 O  O    . HOH E 4 .   ? -4.435  -7.235  9.841   1.00 19.24 ? 2015 HOH X O    1 
HETATM 1321 O  O    . HOH E 4 .   ? 8.557   -12.840 1.110   1.00 17.87 ? 2016 HOH X O    1 
HETATM 1322 O  O    . HOH E 4 .   ? -6.353  -14.200 8.419   1.00 19.17 ? 2017 HOH X O    1 
HETATM 1323 O  O    . HOH E 4 .   ? -2.058  -0.693  23.401  1.00 31.22 ? 2018 HOH X O    1 
HETATM 1324 O  O    . HOH E 4 .   ? 6.927   -8.643  20.033  1.00 23.61 ? 2019 HOH X O    1 
HETATM 1325 O  O    . HOH E 4 .   ? 4.118   -9.361  20.157  1.00 22.37 ? 2020 HOH X O    1 
HETATM 1326 O  O    . HOH E 4 .   ? -4.002  -4.342  -5.602  1.00 22.71 ? 2021 HOH X O    1 
HETATM 1327 O  O    . HOH E 4 .   ? 20.300  -4.321  9.616   1.00 31.41 ? 2022 HOH X O    1 
HETATM 1328 O  O    . HOH E 4 .   ? 2.238   -14.833 14.432  1.00 27.16 ? 2023 HOH X O    1 
HETATM 1329 O  O    . HOH E 4 .   ? -11.877 -8.276  -13.877 1.00 28.75 ? 2024 HOH X O    1 
HETATM 1330 O  O    . HOH E 4 .   ? -4.960  10.246  -20.216 1.00 23.73 ? 2025 HOH X O    1 
HETATM 1331 O  O    . HOH E 4 .   ? -2.509  -18.570 7.339   1.00 19.08 ? 2026 HOH X O    1 
HETATM 1332 O  O    . HOH E 4 .   ? -0.657  -17.696 5.412   1.00 19.90 ? 2027 HOH X O    1 
HETATM 1333 O  O    . HOH E 4 .   ? -14.624 -9.213  -2.362  1.00 29.31 ? 2028 HOH X O    1 
HETATM 1334 O  O    . HOH E 4 .   ? -4.751  -13.476 11.943  1.00 19.76 ? 2029 HOH X O    1 
HETATM 1335 O  O    . HOH E 4 .   ? -5.859  10.988  -14.150 1.00 20.06 ? 2030 HOH X O    1 
HETATM 1336 O  O    . HOH E 4 .   ? -21.593 -4.839  -13.726 1.00 26.42 ? 2031 HOH X O    1 
HETATM 1337 O  O    . HOH E 4 .   ? 0.858   6.681   17.608  1.00 27.28 ? 2032 HOH X O    1 
HETATM 1338 O  O    . HOH E 4 .   ? -14.839 -4.235  -6.261  1.00 19.45 ? 2033 HOH X O    1 
HETATM 1339 O  O    . HOH E 4 .   ? 2.293   9.265   -16.118 1.00 21.13 ? 2034 HOH X O    1 
HETATM 1340 O  O    . HOH E 4 .   ? -18.807 -8.952  -10.203 1.00 21.61 ? 2035 HOH X O    1 
HETATM 1341 O  O    . HOH E 4 .   ? 19.575  -1.588  1.656   1.00 21.06 ? 2036 HOH X O    1 
HETATM 1342 O  O    . HOH E 4 .   ? -10.067 -13.096 -1.834  1.00 17.31 ? 2037 HOH X O    1 
HETATM 1343 O  O    . HOH E 4 .   ? 11.945  7.266   18.050  1.00 21.45 ? 2038 HOH X O    1 
HETATM 1344 O  O    . HOH E 4 .   ? -5.284  -12.523 -0.157  1.00 26.11 ? 2039 HOH X O    1 
HETATM 1345 O  O    . HOH E 4 .   ? -12.113 -10.152 0.649   1.00 27.06 ? 2040 HOH X O    1 
HETATM 1346 O  O    . HOH E 4 .   ? -4.215  8.906   -15.306 1.00 32.83 ? 2041 HOH X O    1 
HETATM 1347 O  O    . HOH E 4 .   ? 2.025   -3.720  3.146   1.00 17.27 ? 2042 HOH X O    1 
HETATM 1348 O  O    . HOH E 4 .   ? 12.955  4.766   -9.129  1.00 21.33 ? 2043 HOH X O    1 
HETATM 1349 O  O    . HOH E 4 .   ? -3.555  -9.063  3.178   1.00 23.19 ? 2044 HOH X O    1 
HETATM 1350 O  O    . HOH E 4 .   ? 19.505  1.289   4.880   1.00 22.90 ? 2045 HOH X O    1 
HETATM 1351 O  O    . HOH E 4 .   ? 0.831   3.206   19.473  1.00 22.48 ? 2046 HOH X O    1 
HETATM 1352 O  O    . HOH E 4 .   ? 16.096  5.624   -5.709  1.00 26.53 ? 2047 HOH X O    1 
HETATM 1353 O  O    . HOH E 4 .   ? 7.690   -11.491 11.911  1.00 21.50 ? 2048 HOH X O    1 
HETATM 1354 O  O    . HOH E 4 .   ? 0.805   -15.989 16.433  1.00 29.19 ? 2049 HOH X O    1 
HETATM 1355 O  O    . HOH E 4 .   ? 0.729   1.269   -22.435 1.00 23.14 ? 2050 HOH X O    1 
HETATM 1356 O  O    . HOH E 4 .   ? -3.101  -2.873  -2.590  1.00 20.75 ? 2051 HOH X O    1 
HETATM 1357 O  O    . HOH E 4 .   ? -3.606  6.644   -1.928  1.00 24.68 ? 2052 HOH X O    1 
HETATM 1358 O  O    . HOH E 4 .   ? 16.073  -1.006  20.361  1.00 23.42 ? 2053 HOH X O    1 
HETATM 1359 O  O    . HOH E 4 .   ? 4.902   8.064   -16.320 1.00 26.65 ? 2054 HOH X O    1 
HETATM 1360 O  O    . HOH E 4 .   ? -17.352 -11.140 -10.733 1.00 27.18 ? 2055 HOH X O    1 
HETATM 1361 O  O    . HOH E 4 .   ? 20.068  1.151   1.968   1.00 22.91 ? 2056 HOH X O    1 
HETATM 1362 O  O    . HOH E 4 .   ? 19.938  -0.537  8.728   1.00 27.00 ? 2057 HOH X O    1 
HETATM 1363 O  O    . HOH E 4 .   ? -3.040  -13.836 14.325  1.00 21.95 ? 2058 HOH X O    1 
HETATM 1364 O  O    . HOH E 4 .   ? 1.874   -14.712 -0.219  1.00 18.92 ? 2059 HOH X O    1 
HETATM 1365 O  O    . HOH E 4 .   ? -5.449  13.410  3.289   1.00 22.94 ? 2060 HOH X O    1 
HETATM 1366 O  O    . HOH E 4 .   ? 11.658  -9.999  9.660   1.00 27.68 ? 2061 HOH X O    1 
HETATM 1367 O  O    . HOH E 4 .   ? 2.787   -8.763  -3.409  1.00 22.19 ? 2062 HOH X O    1 
HETATM 1368 O  O    . HOH E 4 .   ? -3.410  -0.571  -22.754 1.00 24.51 ? 2063 HOH X O    1 
HETATM 1369 O  O    . HOH E 4 .   ? 5.218   -7.211  -12.739 1.00 38.08 ? 2064 HOH X O    1 
HETATM 1370 O  O    . HOH E 4 .   ? -6.515  -3.074  -4.892  1.00 18.60 ? 2065 HOH X O    1 
HETATM 1371 O  O    . HOH E 4 .   ? -12.411 6.911   -9.413  1.00 20.38 ? 2066 HOH X O    1 
HETATM 1372 O  O    . HOH E 4 .   ? 10.688  -11.308 12.026  1.00 23.23 ? 2067 HOH X O    1 
HETATM 1373 O  O    . HOH E 4 .   ? 7.667   11.889  3.846   1.00 23.44 ? 2068 HOH X O    1 
HETATM 1374 O  O    . HOH E 4 .   ? 7.952   11.451  16.287  1.00 25.31 ? 2069 HOH X O    1 
HETATM 1375 O  O    . HOH E 4 .   ? 10.377  -2.060  -9.056  1.00 19.54 ? 2070 HOH X O    1 
HETATM 1376 O  O    . HOH E 4 .   ? 10.029  -11.059 7.634   1.00 20.27 ? 2071 HOH X O    1 
HETATM 1377 O  O    . HOH E 4 .   ? -2.164  -5.578  -7.288  1.00 24.14 ? 2072 HOH X O    1 
HETATM 1378 O  O    . HOH E 4 .   ? -15.623 -7.125  -6.689  1.00 29.55 ? 2073 HOH X O    1 
HETATM 1379 O  O    . HOH E 4 .   ? 11.764  -10.481 14.667  1.00 24.48 ? 2074 HOH X O    1 
HETATM 1380 O  O    . HOH E 4 .   ? 10.173  0.006   -10.821 1.00 24.74 ? 2075 HOH X O    1 
HETATM 1381 O  O    . HOH E 4 .   ? -4.595  7.511   -23.205 1.00 28.33 ? 2076 HOH X O    1 
HETATM 1382 O  O    . HOH E 4 .   ? 16.080  -3.686  17.447  1.00 20.18 ? 2077 HOH X O    1 
HETATM 1383 O  O    . HOH E 4 .   ? -19.919 1.854   -16.449 1.00 31.50 ? 2078 HOH X O    1 
HETATM 1384 O  O    . HOH E 4 .   ? -5.261  8.503   -7.873  1.00 17.87 ? 2079 HOH X O    1 
HETATM 1385 O  O    . HOH E 4 .   ? 7.710   -11.873 9.148   1.00 24.53 ? 2080 HOH X O    1 
HETATM 1386 O  O    . HOH E 4 .   ? -5.645  7.684   -4.111  1.00 27.74 ? 2081 HOH X O    1 
HETATM 1387 O  O    . HOH E 4 .   ? 16.417  3.116   -6.879  1.00 23.67 ? 2082 HOH X O    1 
HETATM 1388 O  O    . HOH E 4 .   ? 2.160   -7.481  -12.958 1.00 28.12 ? 2083 HOH X O    1 
HETATM 1389 O  O    . HOH E 4 .   ? -7.435  -13.423 0.797   1.00 26.23 ? 2084 HOH X O    1 
HETATM 1390 O  O    . HOH E 4 .   ? -0.631  -14.968 12.778  1.00 28.61 ? 2085 HOH X O    1 
HETATM 1391 O  O    . HOH E 4 .   ? 6.435   2.669   -10.964 1.00 25.92 ? 2086 HOH X O    1 
HETATM 1392 O  O    . HOH E 4 .   ? 9.321   -3.998  -10.939 1.00 30.28 ? 2087 HOH X O    1 
HETATM 1393 O  O    . HOH E 4 .   ? -5.425  5.192   -24.895 1.00 34.28 ? 2088 HOH X O    1 
HETATM 1394 O  O    . HOH E 4 .   ? 0.069   15.525  -0.823  1.00 20.53 ? 2089 HOH X O    1 
HETATM 1395 O  O    . HOH E 4 .   ? 17.019  -5.457  15.482  1.00 19.39 ? 2090 HOH X O    1 
HETATM 1396 O  O    . HOH E 4 .   ? -1.621  -7.463  -10.026 1.00 34.79 ? 2091 HOH X O    1 
HETATM 1397 O  O    . HOH E 4 .   ? 17.884  -4.216  13.012  1.00 23.92 ? 2092 HOH X O    1 
HETATM 1398 O  O    . HOH E 4 .   ? -5.156  -9.941  1.076   1.00 31.27 ? 2093 HOH X O    1 
HETATM 1399 O  O    . HOH E 4 .   ? -4.480  11.637  1.697   1.00 31.51 ? 2094 HOH X O    1 
HETATM 1400 O  O    . HOH E 4 .   ? 15.103  -11.251 18.360  1.00 37.48 ? 2095 HOH X O    1 
HETATM 1401 O  O    . HOH E 4 .   ? 12.265  -11.240 -0.595  1.00 21.39 ? 2096 HOH X O    1 
HETATM 1402 O  O    . HOH E 4 .   ? -1.585  7.361   -22.264 1.00 27.35 ? 2097 HOH X O    1 
HETATM 1403 O  O    . HOH E 4 .   ? -6.408  12.629  5.857   1.00 26.72 ? 2098 HOH X O    1 
HETATM 1404 O  O    . HOH E 4 .   ? 0.243   17.860  5.860   1.00 27.15 ? 2099 HOH X O    1 
HETATM 1405 O  O    . HOH E 4 .   ? -13.799 10.057  -23.553 1.00 34.38 ? 2100 HOH X O    1 
HETATM 1406 O  O    . HOH E 4 .   ? 3.789   -17.839 6.660   1.00 33.61 ? 2101 HOH X O    1 
HETATM 1407 O  O    . HOH E 4 .   ? -5.434  -7.123  -16.187 1.00 32.98 ? 2102 HOH X O    1 
HETATM 1408 O  O    . HOH E 4 .   ? -14.863 -10.583 -6.160  1.00 24.12 ? 2103 HOH X O    1 
HETATM 1409 O  O    . HOH E 4 .   ? 13.261  1.067   22.873  1.00 29.74 ? 2104 HOH X O    1 
HETATM 1410 O  O    . HOH E 4 .   ? 7.437   -18.433 7.940   1.00 33.88 ? 2105 HOH X O    1 
HETATM 1411 O  O    . HOH E 4 .   ? -0.373  -18.147 11.045  1.00 28.51 ? 2106 HOH X O    1 
HETATM 1412 O  O    . HOH E 4 .   ? -0.909  13.837  -5.971  1.00 31.44 ? 2107 HOH X O    1 
HETATM 1413 O  O    . HOH E 4 .   ? -5.286  10.935  7.619   1.00 22.97 ? 2108 HOH X O    1 
HETATM 1414 O  O    . HOH E 4 .   ? -14.263 2.064   -17.771 1.00 30.37 ? 2109 HOH X O    1 
HETATM 1415 O  O    . HOH E 4 .   ? 1.855   4.619   -21.899 1.00 23.73 ? 2110 HOH X O    1 
HETATM 1416 O  O    . HOH E 4 .   ? 1.082   -6.711  21.982  1.00 26.11 ? 2111 HOH X O    1 
HETATM 1417 O  O    . HOH E 4 .   ? -10.948 -4.329  -19.093 1.00 29.42 ? 2112 HOH X O    1 
HETATM 1418 O  O    . HOH E 4 .   ? -17.375 -8.836  -7.983  1.00 28.02 ? 2113 HOH X O    1 
HETATM 1419 O  O    . HOH E 4 .   ? 2.812   4.602   18.645  1.00 34.64 ? 2114 HOH X O    1 
HETATM 1420 O  O    . HOH E 4 .   ? 5.230   -7.490  -9.528  1.00 34.15 ? 2115 HOH X O    1 
HETATM 1421 O  O    . HOH E 4 .   ? 17.211  -8.558  13.292  1.00 25.70 ? 2116 HOH X O    1 
HETATM 1422 O  O    . HOH E 4 .   ? 10.492  6.751   1.969   1.00 29.53 ? 2117 HOH X O    1 
HETATM 1423 O  O    . HOH E 4 .   ? -9.040  2.859   -23.382 1.00 26.21 ? 2118 HOH X O    1 
HETATM 1424 O  O    . HOH E 4 .   ? -6.442  2.592   -23.588 1.00 28.71 ? 2119 HOH X O    1 
HETATM 1425 O  O    . HOH E 4 .   ? -1.991  -5.627  -18.549 1.00 32.62 ? 2120 HOH X O    1 
HETATM 1426 O  O    . HOH E 4 .   ? -10.838 4.973   -8.320  1.00 33.55 ? 2121 HOH X O    1 
HETATM 1427 O  O    . HOH E 4 .   ? 13.084  -2.192  -8.879  1.00 30.85 ? 2122 HOH X O    1 
HETATM 1428 O  O    A HOH E 4 .   ? 5.897   15.176  2.552   0.50 2.62  ? 2123 HOH X O    1 
HETATM 1429 O  O    B HOH E 4 .   ? 6.894   13.809  2.578   0.50 18.74 ? 2123 HOH X O    1 
HETATM 1430 O  O    A HOH E 4 .   ? 6.302   -13.318 -3.776  0.50 14.21 ? 2124 HOH X O    1 
HETATM 1431 O  O    B HOH E 4 .   ? 5.354   -14.497 -4.213  0.50 23.29 ? 2124 HOH X O    1 
HETATM 1432 O  O    . HOH E 4 .   ? 11.310  -10.375 19.379  1.00 24.78 ? 2125 HOH X O    1 
HETATM 1433 O  O    . HOH E 4 .   ? 4.161   -12.159 -3.639  1.00 34.48 ? 2126 HOH X O    1 
HETATM 1434 O  O    . HOH E 4 .   ? 8.894   2.274   -9.812  1.00 27.02 ? 2128 HOH X O    1 
HETATM 1435 O  O    . HOH E 4 .   ? -5.569  2.439   -4.085  1.00 28.49 ? 2129 HOH X O    1 
HETATM 1436 O  O    . HOH E 4 .   ? 8.855   -10.729 20.461  1.00 26.00 ? 2130 HOH X O    1 
HETATM 1437 O  O    . HOH E 4 .   ? 12.321  -12.291 17.085  1.00 27.70 ? 2131 HOH X O    1 
HETATM 1438 O  O    . HOH E 4 .   ? 7.208   -13.802 13.193  1.00 22.24 ? 2132 HOH X O    1 
HETATM 1439 O  O    . HOH E 4 .   ? -3.641  -7.169  -5.155  1.00 34.36 ? 2133 HOH X O    1 
HETATM 1440 O  O    . HOH E 4 .   ? 5.750   14.229  14.163  1.00 34.47 ? 2134 HOH X O    1 
HETATM 1441 O  O    . HOH E 4 .   ? -10.631 -13.554 4.365   1.00 30.23 ? 2135 HOH X O    1 
HETATM 1442 O  O    . HOH E 4 .   ? -16.834 -6.766  -4.268  1.00 39.34 ? 2136 HOH X O    1 
HETATM 1443 O  O    . HOH E 4 .   ? -2.126  18.402  9.143   1.00 33.89 ? 2137 HOH X O    1 
HETATM 1444 O  O    . HOH E 4 .   ? -0.767  -7.739  -2.157  1.00 30.24 ? 2138 HOH X O    1 
HETATM 1445 O  O    A HOH E 4 .   ? -5.673  0.408   -1.392  0.50 17.18 ? 2139 HOH X O    1 
HETATM 1446 O  O    B HOH E 4 .   ? -6.287  -1.423  -1.249  0.50 17.31 ? 2139 HOH X O    1 
HETATM 1447 O  O    . HOH E 4 .   ? -6.043  12.208  13.178  1.00 38.02 ? 2140 HOH X O    1 
HETATM 1448 O  O    . HOH E 4 .   ? -8.132  -8.502  -15.872 1.00 28.66 ? 2141 HOH X O    1 
HETATM 1449 O  O    . HOH E 4 .   ? 7.149   -7.355  22.634  1.00 31.70 ? 2142 HOH X O    1 
HETATM 1450 O  O    . HOH E 4 .   ? -3.447  -6.863  -0.979  1.00 28.91 ? 2143 HOH X O    1 
HETATM 1451 O  O    . HOH E 4 .   ? 15.120  4.032   20.700  1.00 28.43 ? 2144 HOH X O    1 
HETATM 1452 O  O    . HOH E 4 .   ? 0.234   17.037  9.012   1.00 33.10 ? 2145 HOH X O    1 
HETATM 1453 O  O    . HOH E 4 .   ? -15.759 -9.369  -13.347 1.00 35.71 ? 2146 HOH X O    1 
HETATM 1454 O  O    . HOH E 4 .   ? 5.908   1.092   -13.474 1.00 33.32 ? 2147 HOH X O    1 
HETATM 1455 O  O    . HOH E 4 .   ? -5.779  -4.941  8.925   1.00 31.67 ? 2148 HOH X O    1 
HETATM 1456 O  O    . HOH E 4 .   ? 1.191   -8.567  -15.039 1.00 39.54 ? 2149 HOH X O    1 
HETATM 1457 O  O    . HOH E 4 .   ? 13.804  -7.582  22.819  1.00 38.88 ? 2150 HOH X O    1 
HETATM 1458 O  O    . HOH E 4 .   ? 0.424   -10.099 -2.317  1.00 29.41 ? 2151 HOH X O    1 
HETATM 1459 O  O    . HOH E 4 .   ? -3.296  -9.498  -10.230 1.00 36.99 ? 2152 HOH X O    1 
HETATM 1460 O  O    . HOH E 4 .   ? 5.995   4.720   -18.794 1.00 35.69 ? 2153 HOH X O    1 
HETATM 1461 O  O    . HOH E 4 .   ? -20.553 -6.880  -12.581 1.00 37.03 ? 2154 HOH X O    1 
HETATM 1462 O  O    . HOH E 4 .   ? -1.504  15.158  11.872  1.00 37.14 ? 2155 HOH X O    1 
HETATM 1463 O  O    . HOH E 4 .   ? -7.757  -4.340  -1.259  1.00 30.20 ? 2156 HOH X O    1 
HETATM 1464 O  O    . HOH E 4 .   ? -7.236  11.590  -19.823 1.00 36.15 ? 2157 HOH X O    1 
HETATM 1465 O  O    . HOH E 4 .   ? -18.177 3.961   -17.569 1.00 38.70 ? 2158 HOH X O    1 
HETATM 1466 O  O    . HOH E 4 .   ? 22.558  -5.032  3.563   1.00 36.23 ? 2159 HOH X O    1 
HETATM 1467 O  O    . HOH E 4 .   ? 17.382  3.696   -1.033  1.00 31.33 ? 2160 HOH X O    1 
HETATM 1468 O  O    . HOH E 4 .   ? 8.046   -4.455  23.505  1.00 35.69 ? 2161 HOH X O    1 
HETATM 1469 O  O    . HOH E 4 .   ? 7.820   14.016  15.658  1.00 38.92 ? 2162 HOH X O    1 
HETATM 1470 O  O    . HOH E 4 .   ? 6.667   -0.330  26.531  1.00 34.49 ? 2163 HOH X O    1 
HETATM 1471 O  O    . HOH E 4 .   ? 7.590   -14.621 9.066   1.00 26.85 ? 2164 HOH X O    1 
HETATM 1472 O  O    . HOH E 4 .   ? 2.122   -4.700  23.317  1.00 35.75 ? 2165 HOH X O    1 
HETATM 1473 O  O    . HOH E 4 .   ? 18.930  -9.771  -0.351  1.00 35.01 ? 2166 HOH X O    1 
HETATM 1474 O  O    . HOH E 4 .   ? -6.187  -7.394  6.699   1.00 36.46 ? 2167 HOH X O    1 
HETATM 1475 O  O    . HOH E 4 .   ? 21.826  -2.703  2.988   1.00 29.80 ? 2168 HOH X O    1 
HETATM 1476 O  O    . HOH E 4 .   ? 23.349  -2.562  0.751   1.00 26.95 ? 2169 HOH X O    1 
HETATM 1477 O  O    . HOH E 4 .   ? -4.713  -6.673  4.631   1.00 34.40 ? 2170 HOH X O    1 
HETATM 1478 O  O    . HOH E 4 .   ? 2.529   -9.952  22.930  1.00 34.41 ? 2171 HOH X O    1 
HETATM 1479 O  O    . HOH E 4 .   ? 0.618   11.577  -11.370 1.00 23.86 ? 2172 HOH X O    1 
HETATM 1480 O  O    . HOH E 4 .   ? -9.967  -13.044 8.014   1.00 39.01 ? 2173 HOH X O    1 
HETATM 1481 O  O    . HOH E 4 .   ? 6.896   -0.973  -14.717 1.00 37.32 ? 2174 HOH X O    1 
HETATM 1482 O  O    . HOH E 4 .   ? -6.876  11.825  9.911   1.00 29.20 ? 2175 HOH X O    1 
HETATM 1483 O  O    . HOH E 4 .   ? -10.241 -12.436 0.581   1.00 30.43 ? 2176 HOH X O    1 
HETATM 1484 O  O    . HOH E 4 .   ? 12.801  5.566   20.494  1.00 30.56 ? 2177 HOH X O    1 
HETATM 1485 O  O    . HOH E 4 .   ? -1.038  -6.633  -4.581  1.00 32.87 ? 2178 HOH X O    1 
HETATM 1486 O  O    . HOH E 4 .   ? -17.941 6.736   -18.317 1.00 29.05 ? 2179 HOH X O    1 
HETATM 1487 O  O    . HOH E 4 .   ? -14.592 10.635  -17.820 1.00 31.38 ? 2180 HOH X O    1 
HETATM 1488 O  O    . HOH E 4 .   ? 17.248  6.606   5.992   1.00 40.31 ? 2181 HOH X O    1 
HETATM 1489 O  O    . HOH E 4 .   ? -15.905 3.528   -20.514 1.00 34.10 ? 2182 HOH X O    1 
HETATM 1490 O  O    . HOH E 4 .   ? 13.444  1.093   26.315  1.00 30.51 ? 2183 HOH X O    1 
HETATM 1491 O  O    . HOH E 4 .   ? -2.345  12.824  -3.995  1.00 40.01 ? 2184 HOH X O    1 
HETATM 1492 O  O    . HOH E 4 .   ? 9.888   13.903  9.212   1.00 41.44 ? 2185 HOH X O    1 
HETATM 1493 O  O    . HOH E 4 .   ? -6.499  9.441   4.525   1.00 41.68 ? 2186 HOH X O    1 
HETATM 1494 O  O    . HOH E 4 .   ? 15.693  -9.660  20.251  1.00 37.55 ? 2187 HOH X O    1 
HETATM 1495 O  O    . HOH E 4 .   ? 3.067   11.496  -12.259 1.00 34.55 ? 2188 HOH X O    1 
HETATM 1496 O  O    . HOH E 4 .   ? 0.479   13.655  15.679  1.00 39.89 ? 2189 HOH X O    1 
HETATM 1497 O  O    . HOH E 4 .   ? -11.054 7.395   -24.280 1.00 28.25 ? 2190 HOH X O    1 
HETATM 1498 O  O    . HOH E 4 .   ? 11.086  -11.836 1.893   1.00 35.06 ? 2191 HOH X O    1 
HETATM 1499 O  O    . HOH E 4 .   ? -3.726  3.199   -3.126  1.00 31.31 ? 2192 HOH X O    1 
HETATM 1500 O  O    . HOH E 4 .   ? -3.472  10.810  -17.937 1.00 28.67 ? 2193 HOH X O    1 
HETATM 1501 O  O    . HOH E 4 .   ? -1.000  9.779   -18.419 1.00 27.46 ? 2194 HOH X O    1 
# 
loop_
_pdbx_poly_seq_scheme.asym_id 
_pdbx_poly_seq_scheme.entity_id 
_pdbx_poly_seq_scheme.seq_id 
_pdbx_poly_seq_scheme.mon_id 
_pdbx_poly_seq_scheme.ndb_seq_num 
_pdbx_poly_seq_scheme.pdb_seq_num 
_pdbx_poly_seq_scheme.auth_seq_num 
_pdbx_poly_seq_scheme.pdb_mon_id 
_pdbx_poly_seq_scheme.auth_mon_id 
_pdbx_poly_seq_scheme.pdb_strand_id 
_pdbx_poly_seq_scheme.pdb_ins_code 
_pdbx_poly_seq_scheme.hetero 
A 1 1   MET 1   1   1   MET MET X . n 
A 1 2   ASN 2   2   2   ASN ASN X . n 
A 1 3   ILE 3   3   3   ILE ILE X . n 
A 1 4   PHE 4   4   4   PHE PHE X . n 
A 1 5   GLU 5   5   5   GLU GLU X . n 
A 1 6   MET 6   6   6   MET MET X . n 
A 1 7   LEU 7   7   7   LEU LEU X . n 
A 1 8   ARG 8   8   8   ARG ARG X . n 
A 1 9   ILE 9   9   9   ILE ILE X . n 
A 1 10  ASP 10  10  10  ASP ASP X . n 
A 1 11  GLU 11  11  11  GLU GLU X . n 
A 1 12  GLY 12  12  12  GLY GLY X . n 
A 1 13  LEU 13  13  13  LEU LEU X . n 
A 1 14  ARG 14  14  14  ARG ARG X . n 
A 1 15  LEU 15  15  15  LEU LEU X . n 
A 1 16  LYS 16  16  16  LYS LYS X . n 
A 1 17  ILE 17  17  17  ILE ILE X . n 
A 1 18  TYR 18  18  18  TYR TYR X . n 
A 1 19  LYS 19  19  19  LYS LYS X . n 
A 1 20  ASP 20  20  20  ASP ASP X . n 
A 1 21  THR 21  21  21  THR THR X . n 
A 1 22  GLU 22  22  22  GLU GLU X . n 
A 1 23  GLY 23  23  23  GLY GLY X . n 
A 1 24  TYR 24  24  24  TYR TYR X . n 
A 1 25  TYR 25  25  25  TYR TYR X . n 
A 1 26  THR 26  26  26  THR THR X . n 
A 1 27  ILE 27  27  27  ILE ILE X . n 
A 1 28  GLY 28  28  28  GLY GLY X . n 
A 1 29  ILE 29  29  29  ILE ILE X . n 
A 1 30  GLY 30  30  30  GLY GLY X . n 
A 1 31  HIS 31  31  31  HIS HIS X . n 
A 1 32  LEU 32  32  32  LEU LEU X . n 
A 1 33  LEU 33  33  33  LEU LEU X . n 
A 1 34  THR 34  34  34  THR THR X . n 
A 1 35  LYS 35  35  35  LYS LYS X . n 
A 1 36  SER 36  36  36  SER SER X . n 
A 1 37  PRO 37  37  37  PRO PRO X . n 
A 1 38  SER 38  38  38  SER SER X . n 
A 1 39  LEU 39  39  39  LEU LEU X . n 
A 1 40  ASN 40  40  40  ASN ASN X . n 
A 1 41  ALA 41  41  41  ALA ALA X . n 
A 1 42  ALA 42  42  42  ALA ALA X . n 
A 1 43  LYS 43  43  43  LYS LYS X . n 
A 1 44  SER 44  44  44  SER SER X . n 
A 1 45  GLU 45  45  45  GLU GLU X . n 
A 1 46  LEU 46  46  46  LEU LEU X . n 
A 1 47  ASP 47  47  47  ASP ASP X . n 
A 1 48  LYS 48  48  48  LYS LYS X . n 
A 1 49  ALA 49  49  49  ALA ALA X . n 
A 1 50  ILE 50  50  50  ILE ILE X . n 
A 1 51  GLY 51  51  51  GLY GLY X . n 
A 1 52  ARG 52  52  52  ARG ARG X . n 
A 1 53  ASN 53  53  53  ASN ASN X . n 
A 1 54  THR 54  54  54  THR THR X . n 
A 1 55  ASN 55  55  55  ASN ASN X . n 
A 1 56  GLY 56  56  56  GLY GLY X . n 
A 1 57  VAL 57  57  57  VAL VAL X . n 
A 1 58  ILE 58  58  58  ILE ILE X . n 
A 1 59  THR 59  59  59  THR THR X . n 
A 1 60  LYS 60  60  60  LYS LYS X . n 
A 1 61  ASP 61  61  61  ASP ASP X . n 
A 1 62  GLU 62  62  62  GLU GLU X . n 
A 1 63  ALA 63  63  63  ALA ALA X . n 
A 1 64  GLU 64  64  64  GLU GLU X . n 
A 1 65  LYS 65  65  65  LYS LYS X . n 
A 1 66  LEU 66  66  66  LEU LEU X . n 
A 1 67  PHE 67  67  67  PHE PHE X . n 
A 1 68  ASN 68  68  68  ASN ASN X . n 
A 1 69  GLN 69  69  69  GLN GLN X . n 
A 1 70  ASP 70  70  70  ASP ASP X . n 
A 1 71  VAL 71  71  71  VAL VAL X . n 
A 1 72  ASP 72  72  72  ASP ASP X . n 
A 1 73  ALA 73  73  73  ALA ALA X . n 
A 1 74  ALA 74  74  74  ALA ALA X . n 
A 1 75  VAL 75  75  75  VAL VAL X . n 
A 1 76  ARG 76  76  76  ARG ARG X . n 
A 1 77  GLY 77  77  77  GLY GLY X . n 
A 1 78  ILE 78  78  78  ILE ILE X . n 
A 1 79  LEU 79  79  79  LEU LEU X . n 
A 1 80  ARG 80  80  80  ARG ARG X . n 
A 1 81  ASN 81  81  81  ASN ASN X . n 
A 1 82  ALA 82  82  82  ALA ALA X . n 
A 1 83  LYS 83  83  83  LYS LYS X . n 
A 1 84  LEU 84  84  84  LEU LEU X . n 
A 1 85  LYS 85  85  85  LYS LYS X . n 
A 1 86  PRO 86  86  86  PRO PRO X . n 
A 1 87  VAL 87  87  87  VAL VAL X . n 
A 1 88  TYR 88  88  88  TYR TYR X . n 
A 1 89  ASP 89  89  89  ASP ASP X . n 
A 1 90  SER 90  90  90  SER SER X . n 
A 1 91  LEU 91  91  91  LEU LEU X . n 
A 1 92  ASP 92  92  92  ASP ASP X . n 
A 1 93  ALA 93  93  93  ALA ALA X . n 
A 1 94  VAL 94  94  94  VAL VAL X . n 
A 1 95  ARG 95  95  95  ARG ARG X . n 
A 1 96  ARG 96  96  96  ARG ARG X . n 
A 1 97  ALA 97  97  97  ALA ALA X . n 
A 1 98  ALA 98  98  98  ALA ALA X . n 
A 1 99  ALA 99  99  99  ALA ALA X . n 
A 1 100 ILE 100 100 100 ILE ILE X . n 
A 1 101 ASN 101 101 101 ASN ASN X . n 
A 1 102 MET 102 102 102 MET MET X . n 
A 1 103 VAL 103 103 103 VAL VAL X . n 
A 1 104 PHE 104 104 104 PHE PHE X . n 
A 1 105 GLN 105 105 105 GLN GLN X . n 
A 1 106 MET 106 106 106 MET MET X . n 
A 1 107 GLY 107 107 107 GLY GLY X . n 
A 1 108 GLU 108 108 108 GLU GLU X . n 
A 1 109 THR 109 109 109 THR THR X . n 
A 1 110 GLY 110 110 110 GLY GLY X . n 
A 1 111 VAL 111 111 111 VAL VAL X . n 
A 1 112 ALA 112 112 112 ALA ALA X . n 
A 1 113 GLY 113 113 113 GLY GLY X . n 
A 1 114 PHE 114 114 114 PHE PHE X . n 
A 1 115 THR 115 115 115 THR THR X . n 
A 1 116 ASN 116 116 116 ASN ASN X . n 
A 1 117 SER 117 117 117 SER SER X . n 
A 1 118 LEU 118 118 118 LEU LEU X . n 
A 1 119 ARG 119 119 119 ARG ARG X . n 
A 1 120 MET 120 120 120 MET MET X . n 
A 1 121 LEU 121 121 121 LEU LEU X . n 
A 1 122 GLN 122 122 122 GLN GLN X . n 
A 1 123 GLN 123 123 123 GLN GLN X . n 
A 1 124 LYS 124 124 124 LYS LYS X . n 
A 1 125 ARG 125 125 125 ARG ARG X . n 
A 1 126 TRP 126 126 126 TRP TRP X . n 
A 1 127 ASP 127 127 127 ASP ASP X . n 
A 1 128 GLU 128 128 128 GLU GLU X . n 
A 1 129 ALA 129 129 129 ALA ALA X . n 
A 1 130 ALA 130 130 130 ALA ALA X . n 
A 1 131 VAL 131 131 131 VAL VAL X . n 
A 1 132 ASN 132 132 132 ASN ASN X . n 
A 1 133 LEU 133 133 133 LEU LEU X . n 
A 1 134 ALA 134 134 134 ALA ALA X . n 
A 1 135 LYS 135 135 135 LYS LYS X . n 
A 1 136 SER 136 136 136 SER SER X . n 
A 1 137 ARG 137 137 137 ARG ARG X . n 
A 1 138 TRP 138 138 138 TRP TRP X . n 
A 1 139 TYR 139 139 139 TYR TYR X . n 
A 1 140 ASN 140 140 140 ASN ASN X . n 
A 1 141 GLN 141 141 141 GLN GLN X . n 
A 1 142 THR 142 142 142 THR THR X . n 
A 1 143 PRO 143 143 143 PRO PRO X . n 
A 1 144 ASN 144 144 144 ASN ASN X . n 
A 1 145 ARG 145 145 145 ARG ARG X . n 
A 1 146 ALA 146 146 146 ALA ALA X . n 
A 1 147 LYS 147 147 147 LYS LYS X . n 
A 1 148 ARG 148 148 148 ARG ARG X . n 
A 1 149 VAL 149 149 149 VAL VAL X . n 
A 1 150 ILE 150 150 150 ILE ILE X . n 
A 1 151 THR 151 151 151 THR THR X . n 
A 1 152 THR 152 152 152 THR THR X . n 
A 1 153 PHE 153 153 153 PHE PHE X . n 
A 1 154 ARG 154 154 154 ARG ARG X . n 
A 1 155 THR 155 155 155 THR THR X . n 
A 1 156 GLY 156 156 156 GLY GLY X . n 
A 1 157 THR 157 157 157 THR THR X . n 
A 1 158 TRP 158 158 158 TRP TRP X . n 
A 1 159 ASP 159 159 159 ASP ASP X . n 
A 1 160 ALA 160 160 160 ALA ALA X . n 
A 1 161 TYR 161 161 161 TYR TYR X . n 
A 1 162 LYS 162 162 162 LYS LYS X . n 
# 
loop_
_pdbx_nonpoly_scheme.asym_id 
_pdbx_nonpoly_scheme.entity_id 
_pdbx_nonpoly_scheme.mon_id 
_pdbx_nonpoly_scheme.ndb_seq_num 
_pdbx_nonpoly_scheme.pdb_seq_num 
_pdbx_nonpoly_scheme.auth_seq_num 
_pdbx_nonpoly_scheme.pdb_mon_id 
_pdbx_nonpoly_scheme.auth_mon_id 
_pdbx_nonpoly_scheme.pdb_strand_id 
_pdbx_nonpoly_scheme.pdb_ins_code 
B 2 PO4 1   2001 2001 PO4 PO4 X . 
C 2 PO4 1   2002 2002 PO4 PO4 X . 
D 3 260 1   1001 1001 260 260 X . 
E 4 HOH 1   2003 2003 HOH HOH X . 
E 4 HOH 2   2004 2004 HOH HOH X . 
E 4 HOH 3   2005 2005 HOH HOH X . 
E 4 HOH 4   2006 2006 HOH HOH X . 
E 4 HOH 5   2007 2007 HOH HOH X . 
E 4 HOH 6   2008 2008 HOH HOH X . 
E 4 HOH 7   2009 2009 HOH HOH X . 
E 4 HOH 8   2010 2010 HOH HOH X . 
E 4 HOH 9   2011 2011 HOH HOH X . 
E 4 HOH 10  2012 2012 HOH HOH X . 
E 4 HOH 11  2013 2013 HOH HOH X . 
E 4 HOH 12  2014 2014 HOH HOH X . 
E 4 HOH 13  2015 2015 HOH HOH X . 
E 4 HOH 14  2016 2016 HOH HOH X . 
E 4 HOH 15  2017 2017 HOH HOH X . 
E 4 HOH 16  2018 2018 HOH HOH X . 
E 4 HOH 17  2019 2019 HOH HOH X . 
E 4 HOH 18  2020 2020 HOH HOH X . 
E 4 HOH 19  2021 2021 HOH HOH X . 
E 4 HOH 20  2022 2022 HOH HOH X . 
E 4 HOH 21  2023 2023 HOH HOH X . 
E 4 HOH 22  2024 2024 HOH HOH X . 
E 4 HOH 23  2025 2025 HOH HOH X . 
E 4 HOH 24  2026 2026 HOH HOH X . 
E 4 HOH 25  2027 2027 HOH HOH X . 
E 4 HOH 26  2028 2028 HOH HOH X . 
E 4 HOH 27  2029 2029 HOH HOH X . 
E 4 HOH 28  2030 2030 HOH HOH X . 
E 4 HOH 29  2031 2031 HOH HOH X . 
E 4 HOH 30  2032 2032 HOH HOH X . 
E 4 HOH 31  2033 2033 HOH HOH X . 
E 4 HOH 32  2034 2034 HOH HOH X . 
E 4 HOH 33  2035 2035 HOH HOH X . 
E 4 HOH 34  2036 2036 HOH HOH X . 
E 4 HOH 35  2037 2037 HOH HOH X . 
E 4 HOH 36  2038 2038 HOH HOH X . 
E 4 HOH 37  2039 2039 HOH HOH X . 
E 4 HOH 38  2040 2040 HOH HOH X . 
E 4 HOH 39  2041 2041 HOH HOH X . 
E 4 HOH 40  2042 2042 HOH HOH X . 
E 4 HOH 41  2043 2043 HOH HOH X . 
E 4 HOH 42  2044 2044 HOH HOH X . 
E 4 HOH 43  2045 2045 HOH HOH X . 
E 4 HOH 44  2046 2046 HOH HOH X . 
E 4 HOH 45  2047 2047 HOH HOH X . 
E 4 HOH 46  2048 2048 HOH HOH X . 
E 4 HOH 47  2049 2049 HOH HOH X . 
E 4 HOH 48  2050 2050 HOH HOH X . 
E 4 HOH 49  2051 2051 HOH HOH X . 
E 4 HOH 50  2052 2052 HOH HOH X . 
E 4 HOH 51  2053 2053 HOH HOH X . 
E 4 HOH 52  2054 2054 HOH HOH X . 
E 4 HOH 53  2055 2055 HOH HOH X . 
E 4 HOH 54  2056 2056 HOH HOH X . 
E 4 HOH 55  2057 2057 HOH HOH X . 
E 4 HOH 56  2058 2058 HOH HOH X . 
E 4 HOH 57  2059 2059 HOH HOH X . 
E 4 HOH 58  2060 2060 HOH HOH X . 
E 4 HOH 59  2061 2061 HOH HOH X . 
E 4 HOH 60  2062 2062 HOH HOH X . 
E 4 HOH 61  2063 2063 HOH HOH X . 
E 4 HOH 62  2064 2064 HOH HOH X . 
E 4 HOH 63  2065 2065 HOH HOH X . 
E 4 HOH 64  2066 2066 HOH HOH X . 
E 4 HOH 65  2067 2067 HOH HOH X . 
E 4 HOH 66  2068 2068 HOH HOH X . 
E 4 HOH 67  2069 2069 HOH HOH X . 
E 4 HOH 68  2070 2070 HOH HOH X . 
E 4 HOH 69  2071 2071 HOH HOH X . 
E 4 HOH 70  2072 2072 HOH HOH X . 
E 4 HOH 71  2073 2073 HOH HOH X . 
E 4 HOH 72  2074 2074 HOH HOH X . 
E 4 HOH 73  2075 2075 HOH HOH X . 
E 4 HOH 74  2076 2076 HOH HOH X . 
E 4 HOH 75  2077 2077 HOH HOH X . 
E 4 HOH 76  2078 2078 HOH HOH X . 
E 4 HOH 77  2079 2079 HOH HOH X . 
E 4 HOH 78  2080 2080 HOH HOH X . 
E 4 HOH 79  2081 2081 HOH HOH X . 
E 4 HOH 80  2082 2082 HOH HOH X . 
E 4 HOH 81  2083 2083 HOH HOH X . 
E 4 HOH 82  2084 2084 HOH HOH X . 
E 4 HOH 83  2085 2085 HOH HOH X . 
E 4 HOH 84  2086 2086 HOH HOH X . 
E 4 HOH 85  2087 2087 HOH HOH X . 
E 4 HOH 86  2088 2088 HOH HOH X . 
E 4 HOH 87  2089 2089 HOH HOH X . 
E 4 HOH 88  2090 2090 HOH HOH X . 
E 4 HOH 89  2091 2091 HOH HOH X . 
E 4 HOH 90  2092 2092 HOH HOH X . 
E 4 HOH 91  2093 2093 HOH HOH X . 
E 4 HOH 92  2094 2094 HOH HOH X . 
E 4 HOH 93  2095 2095 HOH HOH X . 
E 4 HOH 94  2096 2096 HOH HOH X . 
E 4 HOH 95  2097 2097 HOH HOH X . 
E 4 HOH 96  2098 2098 HOH HOH X . 
E 4 HOH 97  2099 2099 HOH HOH X . 
E 4 HOH 98  2100 2100 HOH HOH X . 
E 4 HOH 99  2101 2101 HOH HOH X . 
E 4 HOH 100 2102 2102 HOH HOH X . 
E 4 HOH 101 2103 2103 HOH HOH X . 
E 4 HOH 102 2104 2104 HOH HOH X . 
E 4 HOH 103 2105 2105 HOH HOH X . 
E 4 HOH 104 2106 2106 HOH HOH X . 
E 4 HOH 105 2107 2107 HOH HOH X . 
E 4 HOH 106 2108 2108 HOH HOH X . 
E 4 HOH 107 2109 2109 HOH HOH X . 
E 4 HOH 108 2110 2110 HOH HOH X . 
E 4 HOH 109 2111 2111 HOH HOH X . 
E 4 HOH 110 2112 2112 HOH HOH X . 
E 4 HOH 111 2113 2113 HOH HOH X . 
E 4 HOH 112 2114 2114 HOH HOH X . 
E 4 HOH 113 2115 2115 HOH HOH X . 
E 4 HOH 114 2116 2116 HOH HOH X . 
E 4 HOH 115 2117 2117 HOH HOH X . 
E 4 HOH 116 2118 2118 HOH HOH X . 
E 4 HOH 117 2119 2119 HOH HOH X . 
E 4 HOH 118 2120 2120 HOH HOH X . 
E 4 HOH 119 2121 2121 HOH HOH X . 
E 4 HOH 120 2122 2122 HOH HOH X . 
E 4 HOH 121 2123 2123 HOH HOH X . 
E 4 HOH 122 2124 2124 HOH HOH X . 
E 4 HOH 123 2125 2125 HOH HOH X . 
E 4 HOH 124 2126 2126 HOH HOH X . 
E 4 HOH 125 2128 2128 HOH HOH X . 
E 4 HOH 126 2129 2129 HOH HOH X . 
E 4 HOH 127 2130 2130 HOH HOH X . 
E 4 HOH 128 2131 2131 HOH HOH X . 
E 4 HOH 129 2132 2132 HOH HOH X . 
E 4 HOH 130 2133 2133 HOH HOH X . 
E 4 HOH 131 2134 2134 HOH HOH X . 
E 4 HOH 132 2135 2135 HOH HOH X . 
E 4 HOH 133 2136 2136 HOH HOH X . 
E 4 HOH 134 2137 2137 HOH HOH X . 
E 4 HOH 135 2138 2138 HOH HOH X . 
E 4 HOH 136 2139 2139 HOH HOH X . 
E 4 HOH 137 2140 2140 HOH HOH X . 
E 4 HOH 138 2141 2141 HOH HOH X . 
E 4 HOH 139 2142 2142 HOH HOH X . 
E 4 HOH 140 2143 2143 HOH HOH X . 
E 4 HOH 141 2144 2144 HOH HOH X . 
E 4 HOH 142 2145 2145 HOH HOH X . 
E 4 HOH 143 2146 2146 HOH HOH X . 
E 4 HOH 144 2147 2147 HOH HOH X . 
E 4 HOH 145 2148 2148 HOH HOH X . 
E 4 HOH 146 2149 2149 HOH HOH X . 
E 4 HOH 147 2150 2150 HOH HOH X . 
E 4 HOH 148 2151 2151 HOH HOH X . 
E 4 HOH 149 2152 2152 HOH HOH X . 
E 4 HOH 150 2153 2153 HOH HOH X . 
E 4 HOH 151 2154 2154 HOH HOH X . 
E 4 HOH 152 2155 2155 HOH HOH X . 
E 4 HOH 153 2156 2156 HOH HOH X . 
E 4 HOH 154 2157 2157 HOH HOH X . 
E 4 HOH 155 2158 2158 HOH HOH X . 
E 4 HOH 156 2159 2159 HOH HOH X . 
E 4 HOH 157 2160 2160 HOH HOH X . 
E 4 HOH 158 2161 2161 HOH HOH X . 
E 4 HOH 159 2162 2162 HOH HOH X . 
E 4 HOH 160 2163 2163 HOH HOH X . 
E 4 HOH 161 2164 2164 HOH HOH X . 
E 4 HOH 162 2165 2165 HOH HOH X . 
E 4 HOH 163 2166 2166 HOH HOH X . 
E 4 HOH 164 2167 2167 HOH HOH X . 
E 4 HOH 165 2168 2168 HOH HOH X . 
E 4 HOH 166 2169 2169 HOH HOH X . 
E 4 HOH 167 2170 2170 HOH HOH X . 
E 4 HOH 168 2171 2171 HOH HOH X . 
E 4 HOH 169 2172 2172 HOH HOH X . 
E 4 HOH 170 2173 2173 HOH HOH X . 
E 4 HOH 171 2174 2174 HOH HOH X . 
E 4 HOH 172 2175 2175 HOH HOH X . 
E 4 HOH 173 2176 2176 HOH HOH X . 
E 4 HOH 174 2177 2177 HOH HOH X . 
E 4 HOH 175 2178 2178 HOH HOH X . 
E 4 HOH 176 2179 2179 HOH HOH X . 
E 4 HOH 177 2180 2180 HOH HOH X . 
E 4 HOH 178 2181 2181 HOH HOH X . 
E 4 HOH 179 2182 2182 HOH HOH X . 
E 4 HOH 180 2183 2183 HOH HOH X . 
E 4 HOH 181 2184 2184 HOH HOH X . 
E 4 HOH 182 2185 2185 HOH HOH X . 
E 4 HOH 183 2186 2186 HOH HOH X . 
E 4 HOH 184 2187 2187 HOH HOH X . 
E 4 HOH 185 2188 2188 HOH HOH X . 
E 4 HOH 186 2189 2189 HOH HOH X . 
E 4 HOH 187 2190 2190 HOH HOH X . 
E 4 HOH 188 2191 2191 HOH HOH X . 
E 4 HOH 189 2192 2192 HOH HOH X . 
E 4 HOH 190 2193 2193 HOH HOH X . 
E 4 HOH 191 2194 2194 HOH HOH X . 
# 
_pdbx_struct_assembly.id                   1 
_pdbx_struct_assembly.details              author_and_software_defined_assembly 
_pdbx_struct_assembly.method_details       PISA 
_pdbx_struct_assembly.oligomeric_details   monomeric 
_pdbx_struct_assembly.oligomeric_count     1 
# 
_pdbx_struct_assembly_gen.assembly_id       1 
_pdbx_struct_assembly_gen.oper_expression   1 
_pdbx_struct_assembly_gen.asym_id_list      A,B,C,D,E 
# 
_pdbx_struct_oper_list.id                   1 
_pdbx_struct_oper_list.type                 'identity operation' 
_pdbx_struct_oper_list.name                 1_555 
_pdbx_struct_oper_list.symmetry_operation   x,y,z 
_pdbx_struct_oper_list.matrix[1][1]         1.0000000000 
_pdbx_struct_oper_list.matrix[1][2]         0.0000000000 
_pdbx_struct_oper_list.matrix[1][3]         0.0000000000 
_pdbx_struct_oper_list.vector[1]            0.0000000000 
_pdbx_struct_oper_list.matrix[2][1]         0.0000000000 
_pdbx_struct_oper_list.matrix[2][2]         1.0000000000 
_pdbx_struct_oper_list.matrix[2][3]         0.0000000000 
_pdbx_struct_oper_list.vector[2]            0.0000000000 
_pdbx_struct_oper_list.matrix[3][1]         0.0000000000 
_pdbx_struct_oper_list.matrix[3][2]         0.0000000000 
_pdbx_struct_oper_list.matrix[3][3]         1.0000000000 
_pdbx_struct_oper_list.vector[3]            0.0000000000 
# 
loop_
_pdbx_audit_revision_history.ordinal 
_pdbx_audit_revision_history.data_content_type 
_pdbx_audit_revision_history.major_revision 
_pdbx_audit_revision_history.minor_revision 
_pdbx_audit_revision_history.revision_date 
1 'Structure model' 1 0 2008-03-18 
2 'Structure model' 1 1 2011-07-13 
3 'Structure model' 1 2 2017-10-25 
4 'Structure model' 1 3 2021-10-20 
5 'Structure model' 1 4 2023-08-30 
# 
_pdbx_audit_revision_details.ordinal             1 
_pdbx_audit_revision_details.revision_ordinal    1 
_pdbx_audit_revision_details.data_content_type   'Structure model' 
_pdbx_audit_revision_details.provider            repository 
_pdbx_audit_revision_details.type                'Initial release' 
_pdbx_audit_revision_details.description         ? 
_pdbx_audit_revision_details.details             ? 
# 
loop_
_pdbx_audit_revision_group.ordinal 
_pdbx_audit_revision_group.revision_ordinal 
_pdbx_audit_revision_group.data_content_type 
_pdbx_audit_revision_group.group 
1 2 'Structure model' 'Version format compliance' 
2 3 'Structure model' 'Refinement description'    
3 4 'Structure model' 'Database references'       
4 4 'Structure model' 'Derived calculations'      
5 5 'Structure model' 'Data collection'           
6 5 'Structure model' 'Refinement description'    
# 
loop_
_pdbx_audit_revision_category.ordinal 
_pdbx_audit_revision_category.revision_ordinal 
_pdbx_audit_revision_category.data_content_type 
_pdbx_audit_revision_category.category 
1 3 'Structure model' software                      
2 4 'Structure model' database_2                    
3 4 'Structure model' struct_ref_seq_dif            
4 4 'Structure model' struct_site                   
5 5 'Structure model' chem_comp_atom                
6 5 'Structure model' chem_comp_bond                
7 5 'Structure model' pdbx_initial_refinement_model 
# 
loop_
_pdbx_audit_revision_item.ordinal 
_pdbx_audit_revision_item.revision_ordinal 
_pdbx_audit_revision_item.data_content_type 
_pdbx_audit_revision_item.item 
1 4 'Structure model' '_database_2.pdbx_DOI'                
2 4 'Structure model' '_database_2.pdbx_database_accession' 
3 4 'Structure model' '_struct_ref_seq_dif.details'         
4 4 'Structure model' '_struct_site.pdbx_auth_asym_id'      
5 4 'Structure model' '_struct_site.pdbx_auth_comp_id'      
6 4 'Structure model' '_struct_site.pdbx_auth_seq_id'       
# 
loop_
_software.name 
_software.version 
_software.date 
_software.type 
_software.contact_author 
_software.contact_author_email 
_software.classification 
_software.location 
_software.language 
_software.citation_id 
_software.pdbx_ordinal 
DENZO       .     ?              package 'Zbyszek Otwinowski' zbyszek@mix.swmed.edu    'data reduction'  
http://www.lnls.br/infra/linhasluz/denzo-hkl.htm ?          ? 1 
SCALEPACK   .     ?              package 'Zbyszek Otwinowski' zbyszek@mix.swmed.edu    'data scaling'    
http://www.lnls.br/infra/linhasluz/denzo-hkl.htm ?          ? 2 
REFMAC      .     ?              program 'Murshudov, G.N.'    ccp4@dl.ac.uk            refinement        
http://www.ccp4.ac.uk/main.html                  Fortran_77 ? 3 
PDB_EXTRACT 3.000 'July 2, 2007' package PDB                  sw-help@rcsb.rutgers.edu 'data extraction' 
http://pdb.rutgers.edu/software/                 C++        ? 4 
HKL-2000    .     ?              ?       ?                    ?                        'data collection' ? ?          ? 5 
REFMAC      .     ?              ?       ?                    ?                        phasing           ? ?          ? 6 
# 
_pdbx_validate_torsion.id              1 
_pdbx_validate_torsion.PDB_model_num   1 
_pdbx_validate_torsion.auth_comp_id    ILE 
_pdbx_validate_torsion.auth_asym_id    X 
_pdbx_validate_torsion.auth_seq_id     29 
_pdbx_validate_torsion.PDB_ins_code    ? 
_pdbx_validate_torsion.label_alt_id    ? 
_pdbx_validate_torsion.phi             -101.45 
_pdbx_validate_torsion.psi             73.51 
# 
loop_
_pdbx_unobs_or_zero_occ_atoms.id 
_pdbx_unobs_or_zero_occ_atoms.PDB_model_num 
_pdbx_unobs_or_zero_occ_atoms.polymer_flag 
_pdbx_unobs_or_zero_occ_atoms.occupancy_flag 
_pdbx_unobs_or_zero_occ_atoms.auth_asym_id 
_pdbx_unobs_or_zero_occ_atoms.auth_comp_id 
_pdbx_unobs_or_zero_occ_atoms.auth_seq_id 
_pdbx_unobs_or_zero_occ_atoms.PDB_ins_code 
_pdbx_unobs_or_zero_occ_atoms.auth_atom_id 
_pdbx_unobs_or_zero_occ_atoms.label_alt_id 
_pdbx_unobs_or_zero_occ_atoms.label_asym_id 
_pdbx_unobs_or_zero_occ_atoms.label_comp_id 
_pdbx_unobs_or_zero_occ_atoms.label_seq_id 
_pdbx_unobs_or_zero_occ_atoms.label_atom_id 
1 1 Y 1 X LYS 16 ? CD ? A LYS 16 CD 
2 1 Y 1 X LYS 16 ? CE ? A LYS 16 CE 
3 1 Y 1 X LYS 16 ? NZ ? A LYS 16 NZ 
4 1 Y 1 X LYS 83 ? CE ? A LYS 83 CE 
5 1 Y 1 X LYS 83 ? NZ ? A LYS 83 NZ 
# 
loop_
_chem_comp_atom.comp_id 
_chem_comp_atom.atom_id 
_chem_comp_atom.type_symbol 
_chem_comp_atom.pdbx_aromatic_flag 
_chem_comp_atom.pdbx_stereo_config 
_chem_comp_atom.pdbx_ordinal 
260 BRAC BR N N 1   
260 CAG  C  N N 2   
260 CAJ  C  Y N 3   
260 CAH  C  Y N 4   
260 FAA  F  N N 5   
260 CAE  C  Y N 6   
260 CAD  C  Y N 7   
260 CAF  C  Y N 8   
260 CAI  C  Y N 9   
260 FAB  F  N N 10  
260 HAG1 H  N N 11  
260 HAG2 H  N N 12  
260 HAE  H  N N 13  
260 HAD  H  N N 14  
260 HAF  H  N N 15  
ALA N    N  N N 16  
ALA CA   C  N S 17  
ALA C    C  N N 18  
ALA O    O  N N 19  
ALA CB   C  N N 20  
ALA OXT  O  N N 21  
ALA H    H  N N 22  
ALA H2   H  N N 23  
ALA HA   H  N N 24  
ALA HB1  H  N N 25  
ALA HB2  H  N N 26  
ALA HB3  H  N N 27  
ALA HXT  H  N N 28  
ARG N    N  N N 29  
ARG CA   C  N S 30  
ARG C    C  N N 31  
ARG O    O  N N 32  
ARG CB   C  N N 33  
ARG CG   C  N N 34  
ARG CD   C  N N 35  
ARG NE   N  N N 36  
ARG CZ   C  N N 37  
ARG NH1  N  N N 38  
ARG NH2  N  N N 39  
ARG OXT  O  N N 40  
ARG H    H  N N 41  
ARG H2   H  N N 42  
ARG HA   H  N N 43  
ARG HB2  H  N N 44  
ARG HB3  H  N N 45  
ARG HG2  H  N N 46  
ARG HG3  H  N N 47  
ARG HD2  H  N N 48  
ARG HD3  H  N N 49  
ARG HE   H  N N 50  
ARG HH11 H  N N 51  
ARG HH12 H  N N 52  
ARG HH21 H  N N 53  
ARG HH22 H  N N 54  
ARG HXT  H  N N 55  
ASN N    N  N N 56  
ASN CA   C  N S 57  
ASN C    C  N N 58  
ASN O    O  N N 59  
ASN CB   C  N N 60  
ASN CG   C  N N 61  
ASN OD1  O  N N 62  
ASN ND2  N  N N 63  
ASN OXT  O  N N 64  
ASN H    H  N N 65  
ASN H2   H  N N 66  
ASN HA   H  N N 67  
ASN HB2  H  N N 68  
ASN HB3  H  N N 69  
ASN HD21 H  N N 70  
ASN HD22 H  N N 71  
ASN HXT  H  N N 72  
ASP N    N  N N 73  
ASP CA   C  N S 74  
ASP C    C  N N 75  
ASP O    O  N N 76  
ASP CB   C  N N 77  
ASP CG   C  N N 78  
ASP OD1  O  N N 79  
ASP OD2  O  N N 80  
ASP OXT  O  N N 81  
ASP H    H  N N 82  
ASP H2   H  N N 83  
ASP HA   H  N N 84  
ASP HB2  H  N N 85  
ASP HB3  H  N N 86  
ASP HD2  H  N N 87  
ASP HXT  H  N N 88  
CYS N    N  N N 89  
CYS CA   C  N R 90  
CYS C    C  N N 91  
CYS O    O  N N 92  
CYS CB   C  N N 93  
CYS SG   S  N N 94  
CYS OXT  O  N N 95  
CYS H    H  N N 96  
CYS H2   H  N N 97  
CYS HA   H  N N 98  
CYS HB2  H  N N 99  
CYS HB3  H  N N 100 
CYS HG   H  N N 101 
CYS HXT  H  N N 102 
GLN N    N  N N 103 
GLN CA   C  N S 104 
GLN C    C  N N 105 
GLN O    O  N N 106 
GLN CB   C  N N 107 
GLN CG   C  N N 108 
GLN CD   C  N N 109 
GLN OE1  O  N N 110 
GLN NE2  N  N N 111 
GLN OXT  O  N N 112 
GLN H    H  N N 113 
GLN H2   H  N N 114 
GLN HA   H  N N 115 
GLN HB2  H  N N 116 
GLN HB3  H  N N 117 
GLN HG2  H  N N 118 
GLN HG3  H  N N 119 
GLN HE21 H  N N 120 
GLN HE22 H  N N 121 
GLN HXT  H  N N 122 
GLU N    N  N N 123 
GLU CA   C  N S 124 
GLU C    C  N N 125 
GLU O    O  N N 126 
GLU CB   C  N N 127 
GLU CG   C  N N 128 
GLU CD   C  N N 129 
GLU OE1  O  N N 130 
GLU OE2  O  N N 131 
GLU OXT  O  N N 132 
GLU H    H  N N 133 
GLU H2   H  N N 134 
GLU HA   H  N N 135 
GLU HB2  H  N N 136 
GLU HB3  H  N N 137 
GLU HG2  H  N N 138 
GLU HG3  H  N N 139 
GLU HE2  H  N N 140 
GLU HXT  H  N N 141 
GLY N    N  N N 142 
GLY CA   C  N N 143 
GLY C    C  N N 144 
GLY O    O  N N 145 
GLY OXT  O  N N 146 
GLY H    H  N N 147 
GLY H2   H  N N 148 
GLY HA2  H  N N 149 
GLY HA3  H  N N 150 
GLY HXT  H  N N 151 
HIS N    N  N N 152 
HIS CA   C  N S 153 
HIS C    C  N N 154 
HIS O    O  N N 155 
HIS CB   C  N N 156 
HIS CG   C  Y N 157 
HIS ND1  N  Y N 158 
HIS CD2  C  Y N 159 
HIS CE1  C  Y N 160 
HIS NE2  N  Y N 161 
HIS OXT  O  N N 162 
HIS H    H  N N 163 
HIS H2   H  N N 164 
HIS HA   H  N N 165 
HIS HB2  H  N N 166 
HIS HB3  H  N N 167 
HIS HD1  H  N N 168 
HIS HD2  H  N N 169 
HIS HE1  H  N N 170 
HIS HE2  H  N N 171 
HIS HXT  H  N N 172 
HOH O    O  N N 173 
HOH H1   H  N N 174 
HOH H2   H  N N 175 
ILE N    N  N N 176 
ILE CA   C  N S 177 
ILE C    C  N N 178 
ILE O    O  N N 179 
ILE CB   C  N S 180 
ILE CG1  C  N N 181 
ILE CG2  C  N N 182 
ILE CD1  C  N N 183 
ILE OXT  O  N N 184 
ILE H    H  N N 185 
ILE H2   H  N N 186 
ILE HA   H  N N 187 
ILE HB   H  N N 188 
ILE HG12 H  N N 189 
ILE HG13 H  N N 190 
ILE HG21 H  N N 191 
ILE HG22 H  N N 192 
ILE HG23 H  N N 193 
ILE HD11 H  N N 194 
ILE HD12 H  N N 195 
ILE HD13 H  N N 196 
ILE HXT  H  N N 197 
LEU N    N  N N 198 
LEU CA   C  N S 199 
LEU C    C  N N 200 
LEU O    O  N N 201 
LEU CB   C  N N 202 
LEU CG   C  N N 203 
LEU CD1  C  N N 204 
LEU CD2  C  N N 205 
LEU OXT  O  N N 206 
LEU H    H  N N 207 
LEU H2   H  N N 208 
LEU HA   H  N N 209 
LEU HB2  H  N N 210 
LEU HB3  H  N N 211 
LEU HG   H  N N 212 
LEU HD11 H  N N 213 
LEU HD12 H  N N 214 
LEU HD13 H  N N 215 
LEU HD21 H  N N 216 
LEU HD22 H  N N 217 
LEU HD23 H  N N 218 
LEU HXT  H  N N 219 
LYS N    N  N N 220 
LYS CA   C  N S 221 
LYS C    C  N N 222 
LYS O    O  N N 223 
LYS CB   C  N N 224 
LYS CG   C  N N 225 
LYS CD   C  N N 226 
LYS CE   C  N N 227 
LYS NZ   N  N N 228 
LYS OXT  O  N N 229 
LYS H    H  N N 230 
LYS H2   H  N N 231 
LYS HA   H  N N 232 
LYS HB2  H  N N 233 
LYS HB3  H  N N 234 
LYS HG2  H  N N 235 
LYS HG3  H  N N 236 
LYS HD2  H  N N 237 
LYS HD3  H  N N 238 
LYS HE2  H  N N 239 
LYS HE3  H  N N 240 
LYS HZ1  H  N N 241 
LYS HZ2  H  N N 242 
LYS HZ3  H  N N 243 
LYS HXT  H  N N 244 
MET N    N  N N 245 
MET CA   C  N S 246 
MET C    C  N N 247 
MET O    O  N N 248 
MET CB   C  N N 249 
MET CG   C  N N 250 
MET SD   S  N N 251 
MET CE   C  N N 252 
MET OXT  O  N N 253 
MET H    H  N N 254 
MET H2   H  N N 255 
MET HA   H  N N 256 
MET HB2  H  N N 257 
MET HB3  H  N N 258 
MET HG2  H  N N 259 
MET HG3  H  N N 260 
MET HE1  H  N N 261 
MET HE2  H  N N 262 
MET HE3  H  N N 263 
MET HXT  H  N N 264 
PHE N    N  N N 265 
PHE CA   C  N S 266 
PHE C    C  N N 267 
PHE O    O  N N 268 
PHE CB   C  N N 269 
PHE CG   C  Y N 270 
PHE CD1  C  Y N 271 
PHE CD2  C  Y N 272 
PHE CE1  C  Y N 273 
PHE CE2  C  Y N 274 
PHE CZ   C  Y N 275 
PHE OXT  O  N N 276 
PHE H    H  N N 277 
PHE H2   H  N N 278 
PHE HA   H  N N 279 
PHE HB2  H  N N 280 
PHE HB3  H  N N 281 
PHE HD1  H  N N 282 
PHE HD2  H  N N 283 
PHE HE1  H  N N 284 
PHE HE2  H  N N 285 
PHE HZ   H  N N 286 
PHE HXT  H  N N 287 
PO4 P    P  N N 288 
PO4 O1   O  N N 289 
PO4 O2   O  N N 290 
PO4 O3   O  N N 291 
PO4 O4   O  N N 292 
PRO N    N  N N 293 
PRO CA   C  N S 294 
PRO C    C  N N 295 
PRO O    O  N N 296 
PRO CB   C  N N 297 
PRO CG   C  N N 298 
PRO CD   C  N N 299 
PRO OXT  O  N N 300 
PRO H    H  N N 301 
PRO HA   H  N N 302 
PRO HB2  H  N N 303 
PRO HB3  H  N N 304 
PRO HG2  H  N N 305 
PRO HG3  H  N N 306 
PRO HD2  H  N N 307 
PRO HD3  H  N N 308 
PRO HXT  H  N N 309 
SER N    N  N N 310 
SER CA   C  N S 311 
SER C    C  N N 312 
SER O    O  N N 313 
SER CB   C  N N 314 
SER OG   O  N N 315 
SER OXT  O  N N 316 
SER H    H  N N 317 
SER H2   H  N N 318 
SER HA   H  N N 319 
SER HB2  H  N N 320 
SER HB3  H  N N 321 
SER HG   H  N N 322 
SER HXT  H  N N 323 
THR N    N  N N 324 
THR CA   C  N S 325 
THR C    C  N N 326 
THR O    O  N N 327 
THR CB   C  N R 328 
THR OG1  O  N N 329 
THR CG2  C  N N 330 
THR OXT  O  N N 331 
THR H    H  N N 332 
THR H2   H  N N 333 
THR HA   H  N N 334 
THR HB   H  N N 335 
THR HG1  H  N N 336 
THR HG21 H  N N 337 
THR HG22 H  N N 338 
THR HG23 H  N N 339 
THR HXT  H  N N 340 
TRP N    N  N N 341 
TRP CA   C  N S 342 
TRP C    C  N N 343 
TRP O    O  N N 344 
TRP CB   C  N N 345 
TRP CG   C  Y N 346 
TRP CD1  C  Y N 347 
TRP CD2  C  Y N 348 
TRP NE1  N  Y N 349 
TRP CE2  C  Y N 350 
TRP CE3  C  Y N 351 
TRP CZ2  C  Y N 352 
TRP CZ3  C  Y N 353 
TRP CH2  C  Y N 354 
TRP OXT  O  N N 355 
TRP H    H  N N 356 
TRP H2   H  N N 357 
TRP HA   H  N N 358 
TRP HB2  H  N N 359 
TRP HB3  H  N N 360 
TRP HD1  H  N N 361 
TRP HE1  H  N N 362 
TRP HE3  H  N N 363 
TRP HZ2  H  N N 364 
TRP HZ3  H  N N 365 
TRP HH2  H  N N 366 
TRP HXT  H  N N 367 
TYR N    N  N N 368 
TYR CA   C  N S 369 
TYR C    C  N N 370 
TYR O    O  N N 371 
TYR CB   C  N N 372 
TYR CG   C  Y N 373 
TYR CD1  C  Y N 374 
TYR CD2  C  Y N 375 
TYR CE1  C  Y N 376 
TYR CE2  C  Y N 377 
TYR CZ   C  Y N 378 
TYR OH   O  N N 379 
TYR OXT  O  N N 380 
TYR H    H  N N 381 
TYR H2   H  N N 382 
TYR HA   H  N N 383 
TYR HB2  H  N N 384 
TYR HB3  H  N N 385 
TYR HD1  H  N N 386 
TYR HD2  H  N N 387 
TYR HE1  H  N N 388 
TYR HE2  H  N N 389 
TYR HH   H  N N 390 
TYR HXT  H  N N 391 
VAL N    N  N N 392 
VAL CA   C  N S 393 
VAL C    C  N N 394 
VAL O    O  N N 395 
VAL CB   C  N N 396 
VAL CG1  C  N N 397 
VAL CG2  C  N N 398 
VAL OXT  O  N N 399 
VAL H    H  N N 400 
VAL H2   H  N N 401 
VAL HA   H  N N 402 
VAL HB   H  N N 403 
VAL HG11 H  N N 404 
VAL HG12 H  N N 405 
VAL HG13 H  N N 406 
VAL HG21 H  N N 407 
VAL HG22 H  N N 408 
VAL HG23 H  N N 409 
VAL HXT  H  N N 410 
# 
loop_
_chem_comp_bond.comp_id 
_chem_comp_bond.atom_id_1 
_chem_comp_bond.atom_id_2 
_chem_comp_bond.value_order 
_chem_comp_bond.pdbx_aromatic_flag 
_chem_comp_bond.pdbx_stereo_config 
_chem_comp_bond.pdbx_ordinal 
260 BRAC CAG  sing N N 1   
260 CAG  CAJ  sing N N 2   
260 CAJ  CAH  doub Y N 3   
260 CAJ  CAI  sing Y N 4   
260 CAH  FAA  sing N N 5   
260 CAH  CAE  sing Y N 6   
260 CAE  CAD  doub Y N 7   
260 CAD  CAF  sing Y N 8   
260 CAF  CAI  doub Y N 9   
260 CAI  FAB  sing N N 10  
260 CAG  HAG1 sing N N 11  
260 CAG  HAG2 sing N N 12  
260 CAE  HAE  sing N N 13  
260 CAD  HAD  sing N N 14  
260 CAF  HAF  sing N N 15  
ALA N    CA   sing N N 16  
ALA N    H    sing N N 17  
ALA N    H2   sing N N 18  
ALA CA   C    sing N N 19  
ALA CA   CB   sing N N 20  
ALA CA   HA   sing N N 21  
ALA C    O    doub N N 22  
ALA C    OXT  sing N N 23  
ALA CB   HB1  sing N N 24  
ALA CB   HB2  sing N N 25  
ALA CB   HB3  sing N N 26  
ALA OXT  HXT  sing N N 27  
ARG N    CA   sing N N 28  
ARG N    H    sing N N 29  
ARG N    H2   sing N N 30  
ARG CA   C    sing N N 31  
ARG CA   CB   sing N N 32  
ARG CA   HA   sing N N 33  
ARG C    O    doub N N 34  
ARG C    OXT  sing N N 35  
ARG CB   CG   sing N N 36  
ARG CB   HB2  sing N N 37  
ARG CB   HB3  sing N N 38  
ARG CG   CD   sing N N 39  
ARG CG   HG2  sing N N 40  
ARG CG   HG3  sing N N 41  
ARG CD   NE   sing N N 42  
ARG CD   HD2  sing N N 43  
ARG CD   HD3  sing N N 44  
ARG NE   CZ   sing N N 45  
ARG NE   HE   sing N N 46  
ARG CZ   NH1  sing N N 47  
ARG CZ   NH2  doub N N 48  
ARG NH1  HH11 sing N N 49  
ARG NH1  HH12 sing N N 50  
ARG NH2  HH21 sing N N 51  
ARG NH2  HH22 sing N N 52  
ARG OXT  HXT  sing N N 53  
ASN N    CA   sing N N 54  
ASN N    H    sing N N 55  
ASN N    H2   sing N N 56  
ASN CA   C    sing N N 57  
ASN CA   CB   sing N N 58  
ASN CA   HA   sing N N 59  
ASN C    O    doub N N 60  
ASN C    OXT  sing N N 61  
ASN CB   CG   sing N N 62  
ASN CB   HB2  sing N N 63  
ASN CB   HB3  sing N N 64  
ASN CG   OD1  doub N N 65  
ASN CG   ND2  sing N N 66  
ASN ND2  HD21 sing N N 67  
ASN ND2  HD22 sing N N 68  
ASN OXT  HXT  sing N N 69  
ASP N    CA   sing N N 70  
ASP N    H    sing N N 71  
ASP N    H2   sing N N 72  
ASP CA   C    sing N N 73  
ASP CA   CB   sing N N 74  
ASP CA   HA   sing N N 75  
ASP C    O    doub N N 76  
ASP C    OXT  sing N N 77  
ASP CB   CG   sing N N 78  
ASP CB   HB2  sing N N 79  
ASP CB   HB3  sing N N 80  
ASP CG   OD1  doub N N 81  
ASP CG   OD2  sing N N 82  
ASP OD2  HD2  sing N N 83  
ASP OXT  HXT  sing N N 84  
CYS N    CA   sing N N 85  
CYS N    H    sing N N 86  
CYS N    H2   sing N N 87  
CYS CA   C    sing N N 88  
CYS CA   CB   sing N N 89  
CYS CA   HA   sing N N 90  
CYS C    O    doub N N 91  
CYS C    OXT  sing N N 92  
CYS CB   SG   sing N N 93  
CYS CB   HB2  sing N N 94  
CYS CB   HB3  sing N N 95  
CYS SG   HG   sing N N 96  
CYS OXT  HXT  sing N N 97  
GLN N    CA   sing N N 98  
GLN N    H    sing N N 99  
GLN N    H2   sing N N 100 
GLN CA   C    sing N N 101 
GLN CA   CB   sing N N 102 
GLN CA   HA   sing N N 103 
GLN C    O    doub N N 104 
GLN C    OXT  sing N N 105 
GLN CB   CG   sing N N 106 
GLN CB   HB2  sing N N 107 
GLN CB   HB3  sing N N 108 
GLN CG   CD   sing N N 109 
GLN CG   HG2  sing N N 110 
GLN CG   HG3  sing N N 111 
GLN CD   OE1  doub N N 112 
GLN CD   NE2  sing N N 113 
GLN NE2  HE21 sing N N 114 
GLN NE2  HE22 sing N N 115 
GLN OXT  HXT  sing N N 116 
GLU N    CA   sing N N 117 
GLU N    H    sing N N 118 
GLU N    H2   sing N N 119 
GLU CA   C    sing N N 120 
GLU CA   CB   sing N N 121 
GLU CA   HA   sing N N 122 
GLU C    O    doub N N 123 
GLU C    OXT  sing N N 124 
GLU CB   CG   sing N N 125 
GLU CB   HB2  sing N N 126 
GLU CB   HB3  sing N N 127 
GLU CG   CD   sing N N 128 
GLU CG   HG2  sing N N 129 
GLU CG   HG3  sing N N 130 
GLU CD   OE1  doub N N 131 
GLU CD   OE2  sing N N 132 
GLU OE2  HE2  sing N N 133 
GLU OXT  HXT  sing N N 134 
GLY N    CA   sing N N 135 
GLY N    H    sing N N 136 
GLY N    H2   sing N N 137 
GLY CA   C    sing N N 138 
GLY CA   HA2  sing N N 139 
GLY CA   HA3  sing N N 140 
GLY C    O    doub N N 141 
GLY C    OXT  sing N N 142 
GLY OXT  HXT  sing N N 143 
HIS N    CA   sing N N 144 
HIS N    H    sing N N 145 
HIS N    H2   sing N N 146 
HIS CA   C    sing N N 147 
HIS CA   CB   sing N N 148 
HIS CA   HA   sing N N 149 
HIS C    O    doub N N 150 
HIS C    OXT  sing N N 151 
HIS CB   CG   sing N N 152 
HIS CB   HB2  sing N N 153 
HIS CB   HB3  sing N N 154 
HIS CG   ND1  sing Y N 155 
HIS CG   CD2  doub Y N 156 
HIS ND1  CE1  doub Y N 157 
HIS ND1  HD1  sing N N 158 
HIS CD2  NE2  sing Y N 159 
HIS CD2  HD2  sing N N 160 
HIS CE1  NE2  sing Y N 161 
HIS CE1  HE1  sing N N 162 
HIS NE2  HE2  sing N N 163 
HIS OXT  HXT  sing N N 164 
HOH O    H1   sing N N 165 
HOH O    H2   sing N N 166 
ILE N    CA   sing N N 167 
ILE N    H    sing N N 168 
ILE N    H2   sing N N 169 
ILE CA   C    sing N N 170 
ILE CA   CB   sing N N 171 
ILE CA   HA   sing N N 172 
ILE C    O    doub N N 173 
ILE C    OXT  sing N N 174 
ILE CB   CG1  sing N N 175 
ILE CB   CG2  sing N N 176 
ILE CB   HB   sing N N 177 
ILE CG1  CD1  sing N N 178 
ILE CG1  HG12 sing N N 179 
ILE CG1  HG13 sing N N 180 
ILE CG2  HG21 sing N N 181 
ILE CG2  HG22 sing N N 182 
ILE CG2  HG23 sing N N 183 
ILE CD1  HD11 sing N N 184 
ILE CD1  HD12 sing N N 185 
ILE CD1  HD13 sing N N 186 
ILE OXT  HXT  sing N N 187 
LEU N    CA   sing N N 188 
LEU N    H    sing N N 189 
LEU N    H2   sing N N 190 
LEU CA   C    sing N N 191 
LEU CA   CB   sing N N 192 
LEU CA   HA   sing N N 193 
LEU C    O    doub N N 194 
LEU C    OXT  sing N N 195 
LEU CB   CG   sing N N 196 
LEU CB   HB2  sing N N 197 
LEU CB   HB3  sing N N 198 
LEU CG   CD1  sing N N 199 
LEU CG   CD2  sing N N 200 
LEU CG   HG   sing N N 201 
LEU CD1  HD11 sing N N 202 
LEU CD1  HD12 sing N N 203 
LEU CD1  HD13 sing N N 204 
LEU CD2  HD21 sing N N 205 
LEU CD2  HD22 sing N N 206 
LEU CD2  HD23 sing N N 207 
LEU OXT  HXT  sing N N 208 
LYS N    CA   sing N N 209 
LYS N    H    sing N N 210 
LYS N    H2   sing N N 211 
LYS CA   C    sing N N 212 
LYS CA   CB   sing N N 213 
LYS CA   HA   sing N N 214 
LYS C    O    doub N N 215 
LYS C    OXT  sing N N 216 
LYS CB   CG   sing N N 217 
LYS CB   HB2  sing N N 218 
LYS CB   HB3  sing N N 219 
LYS CG   CD   sing N N 220 
LYS CG   HG2  sing N N 221 
LYS CG   HG3  sing N N 222 
LYS CD   CE   sing N N 223 
LYS CD   HD2  sing N N 224 
LYS CD   HD3  sing N N 225 
LYS CE   NZ   sing N N 226 
LYS CE   HE2  sing N N 227 
LYS CE   HE3  sing N N 228 
LYS NZ   HZ1  sing N N 229 
LYS NZ   HZ2  sing N N 230 
LYS NZ   HZ3  sing N N 231 
LYS OXT  HXT  sing N N 232 
MET N    CA   sing N N 233 
MET N    H    sing N N 234 
MET N    H2   sing N N 235 
MET CA   C    sing N N 236 
MET CA   CB   sing N N 237 
MET CA   HA   sing N N 238 
MET C    O    doub N N 239 
MET C    OXT  sing N N 240 
MET CB   CG   sing N N 241 
MET CB   HB2  sing N N 242 
MET CB   HB3  sing N N 243 
MET CG   SD   sing N N 244 
MET CG   HG2  sing N N 245 
MET CG   HG3  sing N N 246 
MET SD   CE   sing N N 247 
MET CE   HE1  sing N N 248 
MET CE   HE2  sing N N 249 
MET CE   HE3  sing N N 250 
MET OXT  HXT  sing N N 251 
PHE N    CA   sing N N 252 
PHE N    H    sing N N 253 
PHE N    H2   sing N N 254 
PHE CA   C    sing N N 255 
PHE CA   CB   sing N N 256 
PHE CA   HA   sing N N 257 
PHE C    O    doub N N 258 
PHE C    OXT  sing N N 259 
PHE CB   CG   sing N N 260 
PHE CB   HB2  sing N N 261 
PHE CB   HB3  sing N N 262 
PHE CG   CD1  doub Y N 263 
PHE CG   CD2  sing Y N 264 
PHE CD1  CE1  sing Y N 265 
PHE CD1  HD1  sing N N 266 
PHE CD2  CE2  doub Y N 267 
PHE CD2  HD2  sing N N 268 
PHE CE1  CZ   doub Y N 269 
PHE CE1  HE1  sing N N 270 
PHE CE2  CZ   sing Y N 271 
PHE CE2  HE2  sing N N 272 
PHE CZ   HZ   sing N N 273 
PHE OXT  HXT  sing N N 274 
PO4 P    O1   doub N N 275 
PO4 P    O2   sing N N 276 
PO4 P    O3   sing N N 277 
PO4 P    O4   sing N N 278 
PRO N    CA   sing N N 279 
PRO N    CD   sing N N 280 
PRO N    H    sing N N 281 
PRO CA   C    sing N N 282 
PRO CA   CB   sing N N 283 
PRO CA   HA   sing N N 284 
PRO C    O    doub N N 285 
PRO C    OXT  sing N N 286 
PRO CB   CG   sing N N 287 
PRO CB   HB2  sing N N 288 
PRO CB   HB3  sing N N 289 
PRO CG   CD   sing N N 290 
PRO CG   HG2  sing N N 291 
PRO CG   HG3  sing N N 292 
PRO CD   HD2  sing N N 293 
PRO CD   HD3  sing N N 294 
PRO OXT  HXT  sing N N 295 
SER N    CA   sing N N 296 
SER N    H    sing N N 297 
SER N    H2   sing N N 298 
SER CA   C    sing N N 299 
SER CA   CB   sing N N 300 
SER CA   HA   sing N N 301 
SER C    O    doub N N 302 
SER C    OXT  sing N N 303 
SER CB   OG   sing N N 304 
SER CB   HB2  sing N N 305 
SER CB   HB3  sing N N 306 
SER OG   HG   sing N N 307 
SER OXT  HXT  sing N N 308 
THR N    CA   sing N N 309 
THR N    H    sing N N 310 
THR N    H2   sing N N 311 
THR CA   C    sing N N 312 
THR CA   CB   sing N N 313 
THR CA   HA   sing N N 314 
THR C    O    doub N N 315 
THR C    OXT  sing N N 316 
THR CB   OG1  sing N N 317 
THR CB   CG2  sing N N 318 
THR CB   HB   sing N N 319 
THR OG1  HG1  sing N N 320 
THR CG2  HG21 sing N N 321 
THR CG2  HG22 sing N N 322 
THR CG2  HG23 sing N N 323 
THR OXT  HXT  sing N N 324 
TRP N    CA   sing N N 325 
TRP N    H    sing N N 326 
TRP N    H2   sing N N 327 
TRP CA   C    sing N N 328 
TRP CA   CB   sing N N 329 
TRP CA   HA   sing N N 330 
TRP C    O    doub N N 331 
TRP C    OXT  sing N N 332 
TRP CB   CG   sing N N 333 
TRP CB   HB2  sing N N 334 
TRP CB   HB3  sing N N 335 
TRP CG   CD1  doub Y N 336 
TRP CG   CD2  sing Y N 337 
TRP CD1  NE1  sing Y N 338 
TRP CD1  HD1  sing N N 339 
TRP CD2  CE2  doub Y N 340 
TRP CD2  CE3  sing Y N 341 
TRP NE1  CE2  sing Y N 342 
TRP NE1  HE1  sing N N 343 
TRP CE2  CZ2  sing Y N 344 
TRP CE3  CZ3  doub Y N 345 
TRP CE3  HE3  sing N N 346 
TRP CZ2  CH2  doub Y N 347 
TRP CZ2  HZ2  sing N N 348 
TRP CZ3  CH2  sing Y N 349 
TRP CZ3  HZ3  sing N N 350 
TRP CH2  HH2  sing N N 351 
TRP OXT  HXT  sing N N 352 
TYR N    CA   sing N N 353 
TYR N    H    sing N N 354 
TYR N    H2   sing N N 355 
TYR CA   C    sing N N 356 
TYR CA   CB   sing N N 357 
TYR CA   HA   sing N N 358 
TYR C    O    doub N N 359 
TYR C    OXT  sing N N 360 
TYR CB   CG   sing N N 361 
TYR CB   HB2  sing N N 362 
TYR CB   HB3  sing N N 363 
TYR CG   CD1  doub Y N 364 
TYR CG   CD2  sing Y N 365 
TYR CD1  CE1  sing Y N 366 
TYR CD1  HD1  sing N N 367 
TYR CD2  CE2  doub Y N 368 
TYR CD2  HD2  sing N N 369 
TYR CE1  CZ   doub Y N 370 
TYR CE1  HE1  sing N N 371 
TYR CE2  CZ   sing Y N 372 
TYR CE2  HE2  sing N N 373 
TYR CZ   OH   sing N N 374 
TYR OH   HH   sing N N 375 
TYR OXT  HXT  sing N N 376 
VAL N    CA   sing N N 377 
VAL N    H    sing N N 378 
VAL N    H2   sing N N 379 
VAL CA   C    sing N N 380 
VAL CA   CB   sing N N 381 
VAL CA   HA   sing N N 382 
VAL C    O    doub N N 383 
VAL C    OXT  sing N N 384 
VAL CB   CG1  sing N N 385 
VAL CB   CG2  sing N N 386 
VAL CB   HB   sing N N 387 
VAL CG1  HG11 sing N N 388 
VAL CG1  HG12 sing N N 389 
VAL CG1  HG13 sing N N 390 
VAL CG2  HG21 sing N N 391 
VAL CG2  HG22 sing N N 392 
VAL CG2  HG23 sing N N 393 
VAL OXT  HXT  sing N N 394 
# 
loop_
_pdbx_entity_nonpoly.entity_id 
_pdbx_entity_nonpoly.name 
_pdbx_entity_nonpoly.comp_id 
2 'PHOSPHATE ION'                       PO4 
3 '2-(bromomethyl)-1,3-difluorobenzene' 260 
4 water                                 HOH 
# 
_pdbx_initial_refinement_model.id               1 
_pdbx_initial_refinement_model.entity_id_list   ? 
_pdbx_initial_refinement_model.type             'experimental model' 
_pdbx_initial_refinement_model.source_name      PDB 
_pdbx_initial_refinement_model.accession_code   184L 
_pdbx_initial_refinement_model.details          ? 
# 
